data_6PY1
# 
_entry.id   6PY1 
# 
_audit_conform.dict_name       mmcif_pdbx.dic 
_audit_conform.dict_version    5.398 
_audit_conform.dict_location   http://mmcif.pdb.org/dictionaries/ascii/mmcif_pdbx.dic 
# 
loop_
_database_2.database_id 
_database_2.database_code 
_database_2.pdbx_database_accession 
_database_2.pdbx_DOI 
PDB   6PY1         pdb_00006py1 10.2210/pdb6py1/pdb 
WWPDB D_1000243249 ?            ?                   
# 
loop_
_pdbx_audit_revision_history.ordinal 
_pdbx_audit_revision_history.data_content_type 
_pdbx_audit_revision_history.major_revision 
_pdbx_audit_revision_history.minor_revision 
_pdbx_audit_revision_history.revision_date 
1 'Structure model' 1 0 2020-07-29 
2 'Structure model' 1 1 2021-03-31 
3 'Structure model' 1 2 2021-05-19 
4 'Structure model' 1 3 2023-10-11 
5 'Structure model' 1 4 2024-10-30 
# 
_pdbx_audit_revision_details.ordinal             1 
_pdbx_audit_revision_details.revision_ordinal    1 
_pdbx_audit_revision_details.data_content_type   'Structure model' 
_pdbx_audit_revision_details.provider            repository 
_pdbx_audit_revision_details.type                'Initial release' 
_pdbx_audit_revision_details.description         ? 
_pdbx_audit_revision_details.details             ? 
# 
loop_
_pdbx_audit_revision_group.ordinal 
_pdbx_audit_revision_group.revision_ordinal 
_pdbx_audit_revision_group.data_content_type 
_pdbx_audit_revision_group.group 
1 2 'Structure model' 'Database references'        
2 2 'Structure model' 'Structure summary'          
3 3 'Structure model' 'Database references'        
4 4 'Structure model' 'Data collection'            
5 4 'Structure model' 'Database references'        
6 4 'Structure model' 'Refinement description'     
7 5 'Structure model' 'Author supporting evidence' 
8 5 'Structure model' 'Structure summary'          
# 
loop_
_pdbx_audit_revision_category.ordinal 
_pdbx_audit_revision_category.revision_ordinal 
_pdbx_audit_revision_category.data_content_type 
_pdbx_audit_revision_category.category 
1  2 'Structure model' chem_comp                     
2  2 'Structure model' citation                      
3  2 'Structure model' citation_author               
4  2 'Structure model' struct                        
5  3 'Structure model' citation                      
6  3 'Structure model' citation_author               
7  4 'Structure model' chem_comp_atom                
8  4 'Structure model' chem_comp_bond                
9  4 'Structure model' database_2                    
10 4 'Structure model' pdbx_initial_refinement_model 
11 5 'Structure model' pdbx_audit_support            
12 5 'Structure model' pdbx_entry_details            
13 5 'Structure model' pdbx_modification_feature     
# 
loop_
_pdbx_audit_revision_item.ordinal 
_pdbx_audit_revision_item.revision_ordinal 
_pdbx_audit_revision_item.data_content_type 
_pdbx_audit_revision_item.item 
1  2 'Structure model' '_chem_comp.pdbx_synonyms'                     
2  2 'Structure model' '_citation.country'                            
3  2 'Structure model' '_citation.journal_abbrev'                     
4  2 'Structure model' '_citation.journal_id_ASTM'                    
5  2 'Structure model' '_citation.journal_id_CSD'                     
6  2 'Structure model' '_citation.journal_id_ISSN'                    
7  2 'Structure model' '_citation.pdbx_database_id_DOI'               
8  2 'Structure model' '_citation.pdbx_database_id_PubMed'            
9  2 'Structure model' '_citation.title'                              
10 2 'Structure model' '_citation.year'                               
11 2 'Structure model' '_struct.title'                                
12 3 'Structure model' '_citation.journal_volume'                     
13 3 'Structure model' '_citation.page_first'                         
14 3 'Structure model' '_citation.page_last'                          
15 3 'Structure model' '_citation_author.identifier_ORCID'            
16 4 'Structure model' '_database_2.pdbx_DOI'                         
17 4 'Structure model' '_database_2.pdbx_database_accession'          
18 5 'Structure model' '_pdbx_audit_support.country'                  
19 5 'Structure model' '_pdbx_entry_details.has_protein_modification' 
# 
_pdbx_database_status.status_code                     REL 
_pdbx_database_status.status_code_sf                  REL 
_pdbx_database_status.status_code_mr                  ? 
_pdbx_database_status.entry_id                        6PY1 
_pdbx_database_status.recvd_initial_deposition_date   2019-07-28 
_pdbx_database_status.SG_entry                        N 
_pdbx_database_status.deposit_site                    RCSB 
_pdbx_database_status.process_site                    RCSB 
_pdbx_database_status.status_code_cs                  ? 
_pdbx_database_status.methods_development_category    ? 
_pdbx_database_status.pdb_format_compatible           Y 
_pdbx_database_status.status_code_nmr_data            ? 
# 
loop_
_audit_author.name 
_audit_author.pdbx_ordinal 
_audit_author.identifier_ORCID 
'Birrane, G.'  1 0000-0002-1759-5499 
'Murphy, P.V.' 2 0000-0002-1529-6540 
'Gabba, A.'    3 0000-0001-8240-6482 
'Luz, J.G.'    4 0000-0001-7651-2094 
# 
_citation.abstract                  ? 
_citation.abstract_id_CAS           ? 
_citation.book_id_ISBN              ? 
_citation.book_publisher            ? 
_citation.book_publisher_city       ? 
_citation.book_title                ? 
_citation.coordinate_linkage        ? 
_citation.country                   US 
_citation.database_id_Medline       ? 
_citation.details                   ? 
_citation.id                        primary 
_citation.journal_abbrev            Biochemistry 
_citation.journal_id_ASTM           BICHAW 
_citation.journal_id_CSD            0033 
_citation.journal_id_ISSN           0006-2960 
_citation.journal_full              ? 
_citation.journal_issue             ? 
_citation.journal_volume            60 
_citation.language                  ? 
_citation.page_first                1327 
_citation.page_last                 1336 
_citation.title                     
;Crystal Structure of the Carbohydrate Recognition Domain of the Human Macrophage Galactose C-Type Lectin Bound to GalNAc and the Tumor-Associated Tn Antigen.
;
_citation.year                      2021 
_citation.database_id_CSD           ? 
_citation.pdbx_database_id_DOI      10.1021/acs.biochem.1c00009 
_citation.pdbx_database_id_PubMed   33724805 
_citation.unpublished_flag          ? 
# 
loop_
_citation_author.citation_id 
_citation_author.name 
_citation_author.ordinal 
_citation_author.identifier_ORCID 
primary 'Gabba, A.'    1  ? 
primary 'Bogucka, A.'  2  ? 
primary 'Luz, J.G.'    3  ? 
primary 'Diniz, A.'    4  ? 
primary 'Coelho, H.'   5  ? 
primary 'Corzana, F.'  6  ? 
primary 'Canada, F.J.' 7  ? 
primary 'Marcelo, F.'  8  ? 
primary 'Murphy, P.V.' 9  ? 
primary 'Birrane, G.'  10 ? 
# 
loop_
_entity.id 
_entity.type 
_entity.src_method 
_entity.pdbx_description 
_entity.formula_weight 
_entity.pdbx_number_of_molecules 
_entity.pdbx_ec 
_entity.pdbx_mutation 
_entity.pdbx_fragment 
_entity.details 
1 polymer     man 'C-type lectin domain family 10 member A'   15057.370 1   ? ? ? ? 
2 non-polymer man 2-acetamido-2-deoxy-alpha-D-galactopyranose 221.208   1   ? ? ? ? 
3 non-polymer man 'ACETATE ION'                               59.044    1   ? ? ? ? 
4 non-polymer syn 'CALCIUM ION'                               40.078    4   ? ? ? ? 
5 non-polymer syn 'CHLORIDE ION'                              35.453    5   ? ? ? ? 
6 water       nat water                                       18.015    145 ? ? ? ? 
# 
_entity_name_com.entity_id   1 
_entity_name_com.name        'C-type lectin superfamily member 14,Macrophage lectin 2' 
# 
_entity_poly.entity_id                      1 
_entity_poly.type                           'polypeptide(L)' 
_entity_poly.nstd_linkage                   no 
_entity_poly.nstd_monomer                   no 
_entity_poly.pdbx_seq_one_letter_code       
;GTSCPVNWVEHQDSCYWFSHSGMSWAEAEKYCQLKNAHLVVINSREEQNFVQKYLGSAYTWMGLSDPEGAWKWVDGTDYA
TGFQNWKPGQPDDWQGHGLGGGEDCAHFHPDGRWNDDVCQRPYHWVCEAGLG
;
_entity_poly.pdbx_seq_one_letter_code_can   
;GTSCPVNWVEHQDSCYWFSHSGMSWAEAEKYCQLKNAHLVVINSREEQNFVQKYLGSAYTWMGLSDPEGAWKWVDGTDYA
TGFQNWKPGQPDDWQGHGLGGGEDCAHFHPDGRWNDDVCQRPYHWVCEAGLG
;
_entity_poly.pdbx_strand_id                 A 
_entity_poly.pdbx_target_identifier         ? 
# 
loop_
_pdbx_entity_nonpoly.entity_id 
_pdbx_entity_nonpoly.name 
_pdbx_entity_nonpoly.comp_id 
2 2-acetamido-2-deoxy-alpha-D-galactopyranose A2G 
3 'ACETATE ION'                               ACT 
4 'CALCIUM ION'                               CA  
5 'CHLORIDE ION'                              CL  
6 water                                       HOH 
# 
loop_
_entity_poly_seq.entity_id 
_entity_poly_seq.num 
_entity_poly_seq.mon_id 
_entity_poly_seq.hetero 
1 1   GLY n 
1 2   THR n 
1 3   SER n 
1 4   CYS n 
1 5   PRO n 
1 6   VAL n 
1 7   ASN n 
1 8   TRP n 
1 9   VAL n 
1 10  GLU n 
1 11  HIS n 
1 12  GLN n 
1 13  ASP n 
1 14  SER n 
1 15  CYS n 
1 16  TYR n 
1 17  TRP n 
1 18  PHE n 
1 19  SER n 
1 20  HIS n 
1 21  SER n 
1 22  GLY n 
1 23  MET n 
1 24  SER n 
1 25  TRP n 
1 26  ALA n 
1 27  GLU n 
1 28  ALA n 
1 29  GLU n 
1 30  LYS n 
1 31  TYR n 
1 32  CYS n 
1 33  GLN n 
1 34  LEU n 
1 35  LYS n 
1 36  ASN n 
1 37  ALA n 
1 38  HIS n 
1 39  LEU n 
1 40  VAL n 
1 41  VAL n 
1 42  ILE n 
1 43  ASN n 
1 44  SER n 
1 45  ARG n 
1 46  GLU n 
1 47  GLU n 
1 48  GLN n 
1 49  ASN n 
1 50  PHE n 
1 51  VAL n 
1 52  GLN n 
1 53  LYS n 
1 54  TYR n 
1 55  LEU n 
1 56  GLY n 
1 57  SER n 
1 58  ALA n 
1 59  TYR n 
1 60  THR n 
1 61  TRP n 
1 62  MET n 
1 63  GLY n 
1 64  LEU n 
1 65  SER n 
1 66  ASP n 
1 67  PRO n 
1 68  GLU n 
1 69  GLY n 
1 70  ALA n 
1 71  TRP n 
1 72  LYS n 
1 73  TRP n 
1 74  VAL n 
1 75  ASP n 
1 76  GLY n 
1 77  THR n 
1 78  ASP n 
1 79  TYR n 
1 80  ALA n 
1 81  THR n 
1 82  GLY n 
1 83  PHE n 
1 84  GLN n 
1 85  ASN n 
1 86  TRP n 
1 87  LYS n 
1 88  PRO n 
1 89  GLY n 
1 90  GLN n 
1 91  PRO n 
1 92  ASP n 
1 93  ASP n 
1 94  TRP n 
1 95  GLN n 
1 96  GLY n 
1 97  HIS n 
1 98  GLY n 
1 99  LEU n 
1 100 GLY n 
1 101 GLY n 
1 102 GLY n 
1 103 GLU n 
1 104 ASP n 
1 105 CYS n 
1 106 ALA n 
1 107 HIS n 
1 108 PHE n 
1 109 HIS n 
1 110 PRO n 
1 111 ASP n 
1 112 GLY n 
1 113 ARG n 
1 114 TRP n 
1 115 ASN n 
1 116 ASP n 
1 117 ASP n 
1 118 VAL n 
1 119 CYS n 
1 120 GLN n 
1 121 ARG n 
1 122 PRO n 
1 123 TYR n 
1 124 HIS n 
1 125 TRP n 
1 126 VAL n 
1 127 CYS n 
1 128 GLU n 
1 129 ALA n 
1 130 GLY n 
1 131 LEU n 
1 132 GLY n 
# 
_entity_src_gen.entity_id                          1 
_entity_src_gen.pdbx_src_id                        1 
_entity_src_gen.pdbx_alt_source_flag               sample 
_entity_src_gen.pdbx_seq_type                      'Biological sequence' 
_entity_src_gen.pdbx_beg_seq_num                   1 
_entity_src_gen.pdbx_end_seq_num                   132 
_entity_src_gen.gene_src_common_name               Human 
_entity_src_gen.gene_src_genus                     ? 
_entity_src_gen.pdbx_gene_src_gene                 'CLEC10A, CLECSF13, CLECSF14, HML' 
_entity_src_gen.gene_src_species                   ? 
_entity_src_gen.gene_src_strain                    ? 
_entity_src_gen.gene_src_tissue                    ? 
_entity_src_gen.gene_src_tissue_fraction           ? 
_entity_src_gen.gene_src_details                   ? 
_entity_src_gen.pdbx_gene_src_fragment             ? 
_entity_src_gen.pdbx_gene_src_scientific_name      'Homo sapiens' 
_entity_src_gen.pdbx_gene_src_ncbi_taxonomy_id     9606 
_entity_src_gen.pdbx_gene_src_variant              ? 
_entity_src_gen.pdbx_gene_src_cell_line            ? 
_entity_src_gen.pdbx_gene_src_atcc                 ? 
_entity_src_gen.pdbx_gene_src_organ                ? 
_entity_src_gen.pdbx_gene_src_organelle            ? 
_entity_src_gen.pdbx_gene_src_cell                 ? 
_entity_src_gen.pdbx_gene_src_cellular_location    ? 
_entity_src_gen.host_org_common_name               ? 
_entity_src_gen.pdbx_host_org_scientific_name      'Escherichia coli' 
_entity_src_gen.pdbx_host_org_ncbi_taxonomy_id     562 
_entity_src_gen.host_org_genus                     ? 
_entity_src_gen.pdbx_host_org_gene                 ? 
_entity_src_gen.pdbx_host_org_organ                ? 
_entity_src_gen.host_org_species                   ? 
_entity_src_gen.pdbx_host_org_tissue               ? 
_entity_src_gen.pdbx_host_org_tissue_fraction      ? 
_entity_src_gen.pdbx_host_org_strain               ? 
_entity_src_gen.pdbx_host_org_variant              ? 
_entity_src_gen.pdbx_host_org_cell_line            ? 
_entity_src_gen.pdbx_host_org_atcc                 ? 
_entity_src_gen.pdbx_host_org_culture_collection   ? 
_entity_src_gen.pdbx_host_org_cell                 ? 
_entity_src_gen.pdbx_host_org_organelle            ? 
_entity_src_gen.pdbx_host_org_cellular_location    ? 
_entity_src_gen.pdbx_host_org_vector_type          ? 
_entity_src_gen.pdbx_host_org_vector               ? 
_entity_src_gen.host_org_details                   ? 
_entity_src_gen.expression_system_id               ? 
_entity_src_gen.plasmid_name                       ? 
_entity_src_gen.plasmid_details                    ? 
_entity_src_gen.pdbx_description                   ? 
# 
loop_
_chem_comp.id 
_chem_comp.type 
_chem_comp.mon_nstd_flag 
_chem_comp.name 
_chem_comp.pdbx_synonyms 
_chem_comp.formula 
_chem_comp.formula_weight 
A2G 'D-saccharide, alpha linking' . 2-acetamido-2-deoxy-alpha-D-galactopyranose 
;N-acetyl-alpha-D-galactosamine; 2-acetamido-2-deoxy-alpha-D-galactose; 2-acetamido-2-deoxy-D-galactose; 2-acetamido-2-deoxy-galactose; N-ACETYL-2-DEOXY-2-AMINO-GALACTOSE
;
'C8 H15 N O6'    221.208 
ACT non-polymer                   . 'ACETATE ION'                               ? 'C2 H3 O2 -1'    59.044  
ALA 'L-peptide linking'           y ALANINE                                     ? 'C3 H7 N O2'     89.093  
ARG 'L-peptide linking'           y ARGININE                                    ? 'C6 H15 N4 O2 1' 175.209 
ASN 'L-peptide linking'           y ASPARAGINE                                  ? 'C4 H8 N2 O3'    132.118 
ASP 'L-peptide linking'           y 'ASPARTIC ACID'                             ? 'C4 H7 N O4'     133.103 
CA  non-polymer                   . 'CALCIUM ION'                               ? 'Ca 2'           40.078  
CL  non-polymer                   . 'CHLORIDE ION'                              ? 'Cl -1'          35.453  
CYS 'L-peptide linking'           y CYSTEINE                                    ? 'C3 H7 N O2 S'   121.158 
GLN 'L-peptide linking'           y GLUTAMINE                                   ? 'C5 H10 N2 O3'   146.144 
GLU 'L-peptide linking'           y 'GLUTAMIC ACID'                             ? 'C5 H9 N O4'     147.129 
GLY 'peptide linking'             y GLYCINE                                     ? 'C2 H5 N O2'     75.067  
HIS 'L-peptide linking'           y HISTIDINE                                   ? 'C6 H10 N3 O2 1' 156.162 
HOH non-polymer                   . WATER                                       ? 'H2 O'           18.015  
ILE 'L-peptide linking'           y ISOLEUCINE                                  ? 'C6 H13 N O2'    131.173 
LEU 'L-peptide linking'           y LEUCINE                                     ? 'C6 H13 N O2'    131.173 
LYS 'L-peptide linking'           y LYSINE                                      ? 'C6 H15 N2 O2 1' 147.195 
MET 'L-peptide linking'           y METHIONINE                                  ? 'C5 H11 N O2 S'  149.211 
PHE 'L-peptide linking'           y PHENYLALANINE                               ? 'C9 H11 N O2'    165.189 
PRO 'L-peptide linking'           y PROLINE                                     ? 'C5 H9 N O2'     115.130 
SER 'L-peptide linking'           y SERINE                                      ? 'C3 H7 N O3'     105.093 
THR 'L-peptide linking'           y THREONINE                                   ? 'C4 H9 N O3'     119.119 
TRP 'L-peptide linking'           y TRYPTOPHAN                                  ? 'C11 H12 N2 O2'  204.225 
TYR 'L-peptide linking'           y TYROSINE                                    ? 'C9 H11 N O3'    181.189 
VAL 'L-peptide linking'           y VALINE                                      ? 'C5 H11 N O2'    117.146 
# 
loop_
_pdbx_chem_comp_identifier.comp_id 
_pdbx_chem_comp_identifier.type 
_pdbx_chem_comp_identifier.program 
_pdbx_chem_comp_identifier.program_version 
_pdbx_chem_comp_identifier.identifier 
A2G 'CONDENSED IUPAC CARBOHYDRATE SYMBOL' GMML     1.0 DGalpNAca                        
A2G 'COMMON NAME'                         GMML     1.0 N-acetyl-a-D-galactopyranosamine 
A2G 'IUPAC CARBOHYDRATE SYMBOL'           PDB-CARE 1.0 a-D-GalpNAc                      
A2G 'SNFG CARBOHYDRATE SYMBOL'            GMML     1.0 GalNAc                           
# 
loop_
_pdbx_poly_seq_scheme.asym_id 
_pdbx_poly_seq_scheme.entity_id 
_pdbx_poly_seq_scheme.seq_id 
_pdbx_poly_seq_scheme.mon_id 
_pdbx_poly_seq_scheme.ndb_seq_num 
_pdbx_poly_seq_scheme.pdb_seq_num 
_pdbx_poly_seq_scheme.auth_seq_num 
_pdbx_poly_seq_scheme.pdb_mon_id 
_pdbx_poly_seq_scheme.auth_mon_id 
_pdbx_poly_seq_scheme.pdb_strand_id 
_pdbx_poly_seq_scheme.pdb_ins_code 
_pdbx_poly_seq_scheme.hetero 
A 1 1   GLY 1   178 ?   ?   ?   A . n 
A 1 2   THR 2   179 179 THR THR A . n 
A 1 3   SER 3   180 180 SER SER A . n 
A 1 4   CYS 4   181 181 CYS CYS A . n 
A 1 5   PRO 5   182 182 PRO PRO A . n 
A 1 6   VAL 6   183 183 VAL VAL A . n 
A 1 7   ASN 7   184 184 ASN ASN A . n 
A 1 8   TRP 8   185 185 TRP TRP A . n 
A 1 9   VAL 9   186 186 VAL VAL A . n 
A 1 10  GLU 10  187 187 GLU GLU A . n 
A 1 11  HIS 11  188 188 HIS HIS A . n 
A 1 12  GLN 12  189 189 GLN GLN A . n 
A 1 13  ASP 13  190 190 ASP ASP A . n 
A 1 14  SER 14  191 191 SER SER A . n 
A 1 15  CYS 15  192 192 CYS CYS A . n 
A 1 16  TYR 16  193 193 TYR TYR A . n 
A 1 17  TRP 17  194 194 TRP TRP A . n 
A 1 18  PHE 18  195 195 PHE PHE A . n 
A 1 19  SER 19  196 196 SER SER A . n 
A 1 20  HIS 20  197 197 HIS HIS A . n 
A 1 21  SER 21  198 198 SER SER A . n 
A 1 22  GLY 22  199 199 GLY GLY A . n 
A 1 23  MET 23  200 200 MET MET A . n 
A 1 24  SER 24  201 201 SER SER A . n 
A 1 25  TRP 25  202 202 TRP TRP A . n 
A 1 26  ALA 26  203 203 ALA ALA A . n 
A 1 27  GLU 27  204 204 GLU GLU A . n 
A 1 28  ALA 28  205 205 ALA ALA A . n 
A 1 29  GLU 29  206 206 GLU GLU A . n 
A 1 30  LYS 30  207 207 LYS LYS A . n 
A 1 31  TYR 31  208 208 TYR TYR A . n 
A 1 32  CYS 32  209 209 CYS CYS A . n 
A 1 33  GLN 33  210 210 GLN GLN A . n 
A 1 34  LEU 34  211 211 LEU LEU A . n 
A 1 35  LYS 35  212 212 LYS LYS A . n 
A 1 36  ASN 36  213 213 ASN ASN A . n 
A 1 37  ALA 37  214 214 ALA ALA A . n 
A 1 38  HIS 38  215 215 HIS HIS A . n 
A 1 39  LEU 39  216 216 LEU LEU A . n 
A 1 40  VAL 40  217 217 VAL VAL A . n 
A 1 41  VAL 41  218 218 VAL VAL A . n 
A 1 42  ILE 42  219 219 ILE ILE A . n 
A 1 43  ASN 43  220 220 ASN ASN A . n 
A 1 44  SER 44  221 221 SER SER A . n 
A 1 45  ARG 45  222 222 ARG ARG A . n 
A 1 46  GLU 46  223 223 GLU GLU A . n 
A 1 47  GLU 47  224 224 GLU GLU A . n 
A 1 48  GLN 48  225 225 GLN GLN A . n 
A 1 49  ASN 49  226 226 ASN ASN A . n 
A 1 50  PHE 50  227 227 PHE PHE A . n 
A 1 51  VAL 51  228 228 VAL VAL A . n 
A 1 52  GLN 52  229 229 GLN GLN A . n 
A 1 53  LYS 53  230 230 LYS LYS A . n 
A 1 54  TYR 54  231 231 TYR TYR A . n 
A 1 55  LEU 55  232 232 LEU LEU A . n 
A 1 56  GLY 56  233 233 GLY GLY A . n 
A 1 57  SER 57  234 234 SER SER A . n 
A 1 58  ALA 58  235 235 ALA ALA A . n 
A 1 59  TYR 59  236 236 TYR TYR A . n 
A 1 60  THR 60  237 237 THR THR A . n 
A 1 61  TRP 61  238 238 TRP TRP A . n 
A 1 62  MET 62  239 239 MET MET A . n 
A 1 63  GLY 63  240 240 GLY GLY A . n 
A 1 64  LEU 64  241 241 LEU LEU A . n 
A 1 65  SER 65  242 242 SER SER A . n 
A 1 66  ASP 66  243 243 ASP ASP A . n 
A 1 67  PRO 67  244 244 PRO PRO A . n 
A 1 68  GLU 68  245 245 GLU GLU A . n 
A 1 69  GLY 69  246 246 GLY GLY A . n 
A 1 70  ALA 70  247 247 ALA ALA A . n 
A 1 71  TRP 71  248 248 TRP TRP A . n 
A 1 72  LYS 72  249 249 LYS LYS A . n 
A 1 73  TRP 73  250 250 TRP TRP A . n 
A 1 74  VAL 74  251 251 VAL VAL A . n 
A 1 75  ASP 75  252 252 ASP ASP A . n 
A 1 76  GLY 76  253 253 GLY GLY A . n 
A 1 77  THR 77  254 254 THR THR A . n 
A 1 78  ASP 78  255 255 ASP ASP A . n 
A 1 79  TYR 79  256 256 TYR TYR A . n 
A 1 80  ALA 80  257 257 ALA ALA A . n 
A 1 81  THR 81  258 258 THR THR A . n 
A 1 82  GLY 82  259 259 GLY GLY A . n 
A 1 83  PHE 83  260 260 PHE PHE A . n 
A 1 84  GLN 84  261 261 GLN GLN A . n 
A 1 85  ASN 85  262 262 ASN ASN A . n 
A 1 86  TRP 86  263 263 TRP TRP A . n 
A 1 87  LYS 87  264 264 LYS LYS A . n 
A 1 88  PRO 88  265 265 PRO PRO A . n 
A 1 89  GLY 89  266 266 GLY GLY A . n 
A 1 90  GLN 90  267 267 GLN GLN A . n 
A 1 91  PRO 91  268 268 PRO PRO A . n 
A 1 92  ASP 92  269 269 ASP ASP A . n 
A 1 93  ASP 93  270 270 ASP ASP A . n 
A 1 94  TRP 94  271 271 TRP TRP A . n 
A 1 95  GLN 95  272 272 GLN GLN A . n 
A 1 96  GLY 96  273 273 GLY GLY A . n 
A 1 97  HIS 97  274 274 HIS HIS A . n 
A 1 98  GLY 98  275 275 GLY GLY A . n 
A 1 99  LEU 99  276 276 LEU LEU A . n 
A 1 100 GLY 100 277 277 GLY GLY A . n 
A 1 101 GLY 101 278 278 GLY GLY A . n 
A 1 102 GLY 102 279 279 GLY GLY A . n 
A 1 103 GLU 103 280 280 GLU GLU A . n 
A 1 104 ASP 104 281 281 ASP ASP A . n 
A 1 105 CYS 105 282 282 CYS CYS A . n 
A 1 106 ALA 106 283 283 ALA ALA A . n 
A 1 107 HIS 107 284 284 HIS HIS A . n 
A 1 108 PHE 108 285 285 PHE PHE A . n 
A 1 109 HIS 109 286 286 HIS HIS A . n 
A 1 110 PRO 110 287 287 PRO PRO A . n 
A 1 111 ASP 111 288 288 ASP ASP A . n 
A 1 112 GLY 112 289 289 GLY GLY A . n 
A 1 113 ARG 113 290 290 ARG ARG A . n 
A 1 114 TRP 114 291 291 TRP TRP A . n 
A 1 115 ASN 115 292 292 ASN ASN A . n 
A 1 116 ASP 116 293 293 ASP ASP A . n 
A 1 117 ASP 117 294 294 ASP ASP A . n 
A 1 118 VAL 118 295 295 VAL VAL A . n 
A 1 119 CYS 119 296 296 CYS CYS A . n 
A 1 120 GLN 120 297 297 GLN GLN A . n 
A 1 121 ARG 121 298 298 ARG ARG A . n 
A 1 122 PRO 122 299 299 PRO PRO A . n 
A 1 123 TYR 123 300 300 TYR TYR A . n 
A 1 124 HIS 124 301 301 HIS HIS A . n 
A 1 125 TRP 125 302 302 TRP TRP A . n 
A 1 126 VAL 126 303 303 VAL VAL A . n 
A 1 127 CYS 127 304 304 CYS CYS A . n 
A 1 128 GLU 128 305 305 GLU GLU A . n 
A 1 129 ALA 129 306 306 ALA ALA A . n 
A 1 130 GLY 130 307 307 GLY GLY A . n 
A 1 131 LEU 131 308 308 LEU LEU A . n 
A 1 132 GLY 132 309 ?   ?   ?   A . n 
# 
_pdbx_entity_instance_feature.ordinal        1 
_pdbx_entity_instance_feature.comp_id        A2G 
_pdbx_entity_instance_feature.asym_id        ? 
_pdbx_entity_instance_feature.seq_num        ? 
_pdbx_entity_instance_feature.auth_comp_id   A2G 
_pdbx_entity_instance_feature.auth_asym_id   ? 
_pdbx_entity_instance_feature.auth_seq_num   ? 
_pdbx_entity_instance_feature.feature_type   'SUBJECT OF INVESTIGATION' 
_pdbx_entity_instance_feature.details        ? 
# 
loop_
_pdbx_nonpoly_scheme.asym_id 
_pdbx_nonpoly_scheme.entity_id 
_pdbx_nonpoly_scheme.mon_id 
_pdbx_nonpoly_scheme.ndb_seq_num 
_pdbx_nonpoly_scheme.pdb_seq_num 
_pdbx_nonpoly_scheme.auth_seq_num 
_pdbx_nonpoly_scheme.pdb_mon_id 
_pdbx_nonpoly_scheme.auth_mon_id 
_pdbx_nonpoly_scheme.pdb_strand_id 
_pdbx_nonpoly_scheme.pdb_ins_code 
B 2 A2G 1   401 402 A2G A2G A . 
C 3 ACT 1   402 403 ACT ACT A . 
D 4 CA  1   403 404 CA  CA  A . 
E 4 CA  1   404 405 CA  CA  A . 
F 4 CA  1   405 406 CA  CA  A . 
G 4 CA  1   406 407 CA  CA  A . 
H 5 CL  1   407 408 CL  CL  A . 
I 5 CL  1   408 409 CL  CL  A . 
J 5 CL  1   409 410 CL  CL  A . 
K 5 CL  1   410 411 CL  CL  A . 
L 5 CL  1   411 412 CL  CL  A . 
M 6 HOH 1   501 501 HOH HOH A . 
M 6 HOH 2   502 502 HOH HOH A . 
M 6 HOH 3   503 503 HOH HOH A . 
M 6 HOH 4   504 504 HOH HOH A . 
M 6 HOH 5   505 505 HOH HOH A . 
M 6 HOH 6   506 506 HOH HOH A . 
M 6 HOH 7   507 507 HOH HOH A . 
M 6 HOH 8   508 508 HOH HOH A . 
M 6 HOH 9   509 510 HOH HOH A . 
M 6 HOH 10  510 509 HOH HOH A . 
M 6 HOH 11  511 513 HOH HOH A . 
M 6 HOH 12  512 520 HOH HOH A . 
M 6 HOH 13  513 512 HOH HOH A . 
M 6 HOH 14  514 511 HOH HOH A . 
M 6 HOH 15  515 514 HOH HOH A . 
M 6 HOH 16  516 518 HOH HOH A . 
M 6 HOH 17  517 516 HOH HOH A . 
M 6 HOH 18  518 517 HOH HOH A . 
M 6 HOH 19  519 515 HOH HOH A . 
M 6 HOH 20  520 523 HOH HOH A . 
M 6 HOH 21  521 532 HOH HOH A . 
M 6 HOH 22  522 519 HOH HOH A . 
M 6 HOH 23  523 522 HOH HOH A . 
M 6 HOH 24  524 525 HOH HOH A . 
M 6 HOH 25  525 526 HOH HOH A . 
M 6 HOH 26  526 524 HOH HOH A . 
M 6 HOH 27  527 529 HOH HOH A . 
M 6 HOH 28  528 521 HOH HOH A . 
M 6 HOH 29  529 528 HOH HOH A . 
M 6 HOH 30  530 527 HOH HOH A . 
M 6 HOH 31  531 530 HOH HOH A . 
M 6 HOH 32  532 533 HOH HOH A . 
M 6 HOH 33  533 531 HOH HOH A . 
M 6 HOH 34  534 534 HOH HOH A . 
M 6 HOH 35  535 539 HOH HOH A . 
M 6 HOH 36  536 535 HOH HOH A . 
M 6 HOH 37  537 536 HOH HOH A . 
M 6 HOH 38  538 537 HOH HOH A . 
M 6 HOH 39  539 538 HOH HOH A . 
M 6 HOH 40  540 540 HOH HOH A . 
M 6 HOH 41  541 541 HOH HOH A . 
M 6 HOH 42  542 542 HOH HOH A . 
M 6 HOH 43  543 543 HOH HOH A . 
M 6 HOH 44  544 544 HOH HOH A . 
M 6 HOH 45  545 547 HOH HOH A . 
M 6 HOH 46  546 545 HOH HOH A . 
M 6 HOH 47  547 546 HOH HOH A . 
M 6 HOH 48  548 552 HOH HOH A . 
M 6 HOH 49  549 551 HOH HOH A . 
M 6 HOH 50  550 549 HOH HOH A . 
M 6 HOH 51  551 550 HOH HOH A . 
M 6 HOH 52  552 548 HOH HOH A . 
M 6 HOH 53  553 555 HOH HOH A . 
M 6 HOH 54  554 553 HOH HOH A . 
M 6 HOH 55  555 554 HOH HOH A . 
M 6 HOH 56  556 556 HOH HOH A . 
M 6 HOH 57  557 557 HOH HOH A . 
M 6 HOH 58  558 558 HOH HOH A . 
M 6 HOH 59  559 559 HOH HOH A . 
M 6 HOH 60  560 560 HOH HOH A . 
M 6 HOH 61  561 561 HOH HOH A . 
M 6 HOH 62  562 562 HOH HOH A . 
M 6 HOH 63  563 564 HOH HOH A . 
M 6 HOH 64  564 563 HOH HOH A . 
M 6 HOH 65  565 565 HOH HOH A . 
M 6 HOH 66  566 566 HOH HOH A . 
M 6 HOH 67  567 570 HOH HOH A . 
M 6 HOH 68  568 567 HOH HOH A . 
M 6 HOH 69  569 568 HOH HOH A . 
M 6 HOH 70  570 569 HOH HOH A . 
M 6 HOH 71  571 571 HOH HOH A . 
M 6 HOH 72  572 572 HOH HOH A . 
M 6 HOH 73  573 574 HOH HOH A . 
M 6 HOH 74  574 573 HOH HOH A . 
M 6 HOH 75  575 578 HOH HOH A . 
M 6 HOH 76  576 577 HOH HOH A . 
M 6 HOH 77  577 579 HOH HOH A . 
M 6 HOH 78  578 575 HOH HOH A . 
M 6 HOH 79  579 576 HOH HOH A . 
M 6 HOH 80  580 580 HOH HOH A . 
M 6 HOH 81  581 582 HOH HOH A . 
M 6 HOH 82  582 584 HOH HOH A . 
M 6 HOH 83  583 581 HOH HOH A . 
M 6 HOH 84  584 583 HOH HOH A . 
M 6 HOH 85  585 586 HOH HOH A . 
M 6 HOH 86  586 585 HOH HOH A . 
M 6 HOH 87  587 587 HOH HOH A . 
M 6 HOH 88  588 589 HOH HOH A . 
M 6 HOH 89  589 588 HOH HOH A . 
M 6 HOH 90  590 590 HOH HOH A . 
M 6 HOH 91  591 591 HOH HOH A . 
M 6 HOH 92  592 592 HOH HOH A . 
M 6 HOH 93  593 593 HOH HOH A . 
M 6 HOH 94  594 595 HOH HOH A . 
M 6 HOH 95  595 600 HOH HOH A . 
M 6 HOH 96  596 594 HOH HOH A . 
M 6 HOH 97  597 597 HOH HOH A . 
M 6 HOH 98  598 596 HOH HOH A . 
M 6 HOH 99  599 598 HOH HOH A . 
M 6 HOH 100 600 599 HOH HOH A . 
M 6 HOH 101 601 603 HOH HOH A . 
M 6 HOH 102 602 602 HOH HOH A . 
M 6 HOH 103 603 601 HOH HOH A . 
M 6 HOH 104 604 605 HOH HOH A . 
M 6 HOH 105 605 604 HOH HOH A . 
M 6 HOH 106 606 607 HOH HOH A . 
M 6 HOH 107 607 606 HOH HOH A . 
M 6 HOH 108 608 610 HOH HOH A . 
M 6 HOH 109 609 608 HOH HOH A . 
M 6 HOH 110 610 609 HOH HOH A . 
M 6 HOH 111 611 612 HOH HOH A . 
M 6 HOH 112 612 611 HOH HOH A . 
M 6 HOH 113 613 613 HOH HOH A . 
M 6 HOH 114 614 615 HOH HOH A . 
M 6 HOH 115 615 614 HOH HOH A . 
M 6 HOH 116 616 616 HOH HOH A . 
M 6 HOH 117 617 617 HOH HOH A . 
M 6 HOH 118 618 618 HOH HOH A . 
M 6 HOH 119 619 619 HOH HOH A . 
M 6 HOH 120 620 620 HOH HOH A . 
M 6 HOH 121 621 621 HOH HOH A . 
M 6 HOH 122 622 622 HOH HOH A . 
M 6 HOH 123 623 623 HOH HOH A . 
M 6 HOH 124 624 624 HOH HOH A . 
M 6 HOH 125 625 626 HOH HOH A . 
M 6 HOH 126 626 625 HOH HOH A . 
M 6 HOH 127 627 627 HOH HOH A . 
M 6 HOH 128 628 628 HOH HOH A . 
M 6 HOH 129 629 629 HOH HOH A . 
M 6 HOH 130 630 631 HOH HOH A . 
M 6 HOH 131 631 630 HOH HOH A . 
M 6 HOH 132 632 632 HOH HOH A . 
M 6 HOH 133 633 633 HOH HOH A . 
M 6 HOH 134 634 634 HOH HOH A . 
M 6 HOH 135 635 635 HOH HOH A . 
M 6 HOH 136 636 636 HOH HOH A . 
M 6 HOH 137 637 637 HOH HOH A . 
M 6 HOH 138 638 638 HOH HOH A . 
M 6 HOH 139 639 639 HOH HOH A . 
M 6 HOH 140 640 640 HOH HOH A . 
M 6 HOH 141 641 641 HOH HOH A . 
M 6 HOH 142 642 642 HOH HOH A . 
M 6 HOH 143 643 643 HOH HOH A . 
M 6 HOH 144 644 644 HOH HOH A . 
M 6 HOH 145 645 645 HOH HOH A . 
# 
loop_
_software.citation_id 
_software.classification 
_software.compiler_name 
_software.compiler_version 
_software.contact_author 
_software.contact_author_email 
_software.date 
_software.description 
_software.dependencies 
_software.hardware 
_software.language 
_software.location 
_software.mods 
_software.name 
_software.os 
_software.os_version 
_software.type 
_software.version 
_software.pdbx_ordinal 
? refinement       ? ? ? ? ? ? ? ? ? ? ? REFMAC   ? ? ? 5.8.0253 1 
? 'data reduction' ? ? ? ? ? ? ? ? ? ? ? HKL-2000 ? ? ? .        2 
? 'data scaling'   ? ? ? ? ? ? ? ? ? ? ? HKL-2000 ? ? ? .        3 
? phasing          ? ? ? ? ? ? ? ? ? ? ? PHASER   ? ? ? .        4 
# 
_cell.angle_alpha                  90.000 
_cell.angle_alpha_esd              ? 
_cell.angle_beta                   90.000 
_cell.angle_beta_esd               ? 
_cell.angle_gamma                  120.000 
_cell.angle_gamma_esd              ? 
_cell.entry_id                     6PY1 
_cell.details                      ? 
_cell.formula_units_Z              ? 
_cell.length_a                     51.825 
_cell.length_a_esd                 ? 
_cell.length_b                     51.825 
_cell.length_b_esd                 ? 
_cell.length_c                     112.855 
_cell.length_c_esd                 ? 
_cell.volume                       ? 
_cell.volume_esd                   ? 
_cell.Z_PDB                        6 
_cell.reciprocal_angle_alpha       ? 
_cell.reciprocal_angle_beta        ? 
_cell.reciprocal_angle_gamma       ? 
_cell.reciprocal_angle_alpha_esd   ? 
_cell.reciprocal_angle_beta_esd    ? 
_cell.reciprocal_angle_gamma_esd   ? 
_cell.reciprocal_length_a          ? 
_cell.reciprocal_length_b          ? 
_cell.reciprocal_length_c          ? 
_cell.reciprocal_length_a_esd      ? 
_cell.reciprocal_length_b_esd      ? 
_cell.reciprocal_length_c_esd      ? 
_cell.pdbx_unique_axis             ? 
# 
_symmetry.entry_id                         6PY1 
_symmetry.cell_setting                     ? 
_symmetry.Int_Tables_number                152 
_symmetry.space_group_name_Hall            ? 
_symmetry.space_group_name_H-M             'P 31 2 1' 
_symmetry.pdbx_full_space_group_name_H-M   ? 
# 
_exptl.absorpt_coefficient_mu     ? 
_exptl.absorpt_correction_T_max   ? 
_exptl.absorpt_correction_T_min   ? 
_exptl.absorpt_correction_type    ? 
_exptl.absorpt_process_details    ? 
_exptl.entry_id                   6PY1 
_exptl.crystals_number            1 
_exptl.details                    ? 
_exptl.method                     'X-RAY DIFFRACTION' 
_exptl.method_details             ? 
# 
_exptl_crystal.colour                      ? 
_exptl_crystal.density_diffrn              ? 
_exptl_crystal.density_Matthews            2.92 
_exptl_crystal.density_method              ? 
_exptl_crystal.density_percent_sol         57.91 
_exptl_crystal.description                 ? 
_exptl_crystal.F_000                       ? 
_exptl_crystal.id                          1 
_exptl_crystal.preparation                 ? 
_exptl_crystal.size_max                    ? 
_exptl_crystal.size_mid                    ? 
_exptl_crystal.size_min                    ? 
_exptl_crystal.size_rad                    ? 
_exptl_crystal.colour_lustre               ? 
_exptl_crystal.colour_modifier             ? 
_exptl_crystal.colour_primary              ? 
_exptl_crystal.density_meas                ? 
_exptl_crystal.density_meas_esd            ? 
_exptl_crystal.density_meas_gt             ? 
_exptl_crystal.density_meas_lt             ? 
_exptl_crystal.density_meas_temp           ? 
_exptl_crystal.density_meas_temp_esd       ? 
_exptl_crystal.density_meas_temp_gt        ? 
_exptl_crystal.density_meas_temp_lt        ? 
_exptl_crystal.pdbx_crystal_image_url      ? 
_exptl_crystal.pdbx_crystal_image_format   ? 
_exptl_crystal.pdbx_mosaicity              ? 
_exptl_crystal.pdbx_mosaicity_esd          ? 
# 
_exptl_crystal_grow.apparatus       ? 
_exptl_crystal_grow.atmosphere      ? 
_exptl_crystal_grow.crystal_id      1 
_exptl_crystal_grow.details         ? 
_exptl_crystal_grow.method          'VAPOR DIFFUSION, SITTING DROP' 
_exptl_crystal_grow.method_ref      ? 
_exptl_crystal_grow.pH              7.0 
_exptl_crystal_grow.pressure        ? 
_exptl_crystal_grow.pressure_esd    ? 
_exptl_crystal_grow.seeding         ? 
_exptl_crystal_grow.seeding_ref     ? 
_exptl_crystal_grow.temp            291 
_exptl_crystal_grow.temp_details    ? 
_exptl_crystal_grow.temp_esd        ? 
_exptl_crystal_grow.time            ? 
_exptl_crystal_grow.pdbx_details    '100mM Tris pH 6.0 - 7.0, 200mM Magnesium chloride, 2.0 - 2.8M sodium chloride' 
_exptl_crystal_grow.pdbx_pH_range   '6.0 - 7.0' 
# 
_diffrn.ambient_environment              ? 
_diffrn.ambient_temp                     125 
_diffrn.ambient_temp_details             ? 
_diffrn.ambient_temp_esd                 ? 
_diffrn.crystal_id                       1 
_diffrn.crystal_support                  ? 
_diffrn.crystal_treatment                ? 
_diffrn.details                          ? 
_diffrn.id                               1 
_diffrn.ambient_pressure                 ? 
_diffrn.ambient_pressure_esd             ? 
_diffrn.ambient_pressure_gt              ? 
_diffrn.ambient_pressure_lt              ? 
_diffrn.ambient_temp_gt                  ? 
_diffrn.ambient_temp_lt                  ? 
_diffrn.pdbx_serial_crystal_experiment   N 
# 
_diffrn_detector.details                      'BE CRL/SI ELLIPTICAL MIRROR' 
_diffrn_detector.detector                     PIXEL 
_diffrn_detector.diffrn_id                    1 
_diffrn_detector.type                         'DECTRIS PILATUS3 6M' 
_diffrn_detector.area_resol_mean              ? 
_diffrn_detector.dtime                        ? 
_diffrn_detector.pdbx_frames_total            ? 
_diffrn_detector.pdbx_collection_time_total   ? 
_diffrn_detector.pdbx_collection_date         2018-07-19 
_diffrn_detector.pdbx_frequency               ? 
# 
_diffrn_radiation.collimation                      ? 
_diffrn_radiation.diffrn_id                        1 
_diffrn_radiation.filter_edge                      ? 
_diffrn_radiation.inhomogeneity                    ? 
_diffrn_radiation.monochromator                    'SI(III)' 
_diffrn_radiation.polarisn_norm                    ? 
_diffrn_radiation.polarisn_ratio                   ? 
_diffrn_radiation.probe                            ? 
_diffrn_radiation.type                             ? 
_diffrn_radiation.xray_symbol                      ? 
_diffrn_radiation.wavelength_id                    1 
_diffrn_radiation.pdbx_monochromatic_or_laue_m_l   M 
_diffrn_radiation.pdbx_wavelength_list             ? 
_diffrn_radiation.pdbx_wavelength                  ? 
_diffrn_radiation.pdbx_diffrn_protocol             'SINGLE WAVELENGTH' 
_diffrn_radiation.pdbx_analyzer                    ? 
_diffrn_radiation.pdbx_scattering_type             x-ray 
# 
_diffrn_radiation_wavelength.id           1 
_diffrn_radiation_wavelength.wavelength   0.9763 
_diffrn_radiation_wavelength.wt           1.0 
# 
_diffrn_source.current                     ? 
_diffrn_source.details                     ? 
_diffrn_source.diffrn_id                   1 
_diffrn_source.power                       ? 
_diffrn_source.size                        ? 
_diffrn_source.source                      SYNCHROTRON 
_diffrn_source.target                      ? 
_diffrn_source.type                        'ESRF BEAMLINE ID30B' 
_diffrn_source.voltage                     ? 
_diffrn_source.take-off_angle              ? 
_diffrn_source.pdbx_wavelength_list        0.9763 
_diffrn_source.pdbx_wavelength             ? 
_diffrn_source.pdbx_synchrotron_beamline   ID30B 
_diffrn_source.pdbx_synchrotron_site       ESRF 
# 
_reflns.B_iso_Wilson_estimate            ? 
_reflns.entry_id                         6PY1 
_reflns.data_reduction_details           ? 
_reflns.data_reduction_method            ? 
_reflns.d_resolution_high                1.7 
_reflns.d_resolution_low                 50 
_reflns.details                          ? 
_reflns.limit_h_max                      ? 
_reflns.limit_h_min                      ? 
_reflns.limit_k_max                      ? 
_reflns.limit_k_min                      ? 
_reflns.limit_l_max                      ? 
_reflns.limit_l_min                      ? 
_reflns.number_all                       ? 
_reflns.number_obs                       20014 
_reflns.observed_criterion               ? 
_reflns.observed_criterion_F_max         ? 
_reflns.observed_criterion_F_min         ? 
_reflns.observed_criterion_I_max         ? 
_reflns.observed_criterion_I_min         ? 
_reflns.observed_criterion_sigma_F       ? 
_reflns.observed_criterion_sigma_I       ? 
_reflns.percent_possible_obs             100 
_reflns.R_free_details                   ? 
_reflns.Rmerge_F_all                     ? 
_reflns.Rmerge_F_obs                     ? 
_reflns.Friedel_coverage                 ? 
_reflns.number_gt                        ? 
_reflns.threshold_expression             ? 
_reflns.pdbx_redundancy                  8.6 
_reflns.pdbx_Rmerge_I_obs                ? 
_reflns.pdbx_Rmerge_I_all                ? 
_reflns.pdbx_Rsym_value                  ? 
_reflns.pdbx_netI_over_av_sigmaI         ? 
_reflns.pdbx_netI_over_sigmaI            12.4 
_reflns.pdbx_res_netI_over_av_sigmaI_2   ? 
_reflns.pdbx_res_netI_over_sigmaI_2      ? 
_reflns.pdbx_chi_squared                 ? 
_reflns.pdbx_scaling_rejects             ? 
_reflns.pdbx_d_res_high_opt              ? 
_reflns.pdbx_d_res_low_opt               ? 
_reflns.pdbx_d_res_opt_method            ? 
_reflns.phase_calculation_details        ? 
_reflns.pdbx_Rrim_I_all                  ? 
_reflns.pdbx_Rpim_I_all                  0.102 
_reflns.pdbx_d_opt                       ? 
_reflns.pdbx_number_measured_all         ? 
_reflns.pdbx_diffrn_id                   1 
_reflns.pdbx_ordinal                     1 
_reflns.pdbx_CC_half                     0.977 
_reflns.pdbx_R_split                     ? 
# 
_reflns_shell.d_res_high                  1.70 
_reflns_shell.d_res_low                   1.73 
_reflns_shell.meanI_over_sigI_all         ? 
_reflns_shell.meanI_over_sigI_obs         1.6 
_reflns_shell.number_measured_all         ? 
_reflns_shell.number_measured_obs         ? 
_reflns_shell.number_possible             ? 
_reflns_shell.number_unique_all           ? 
_reflns_shell.number_unique_obs           1004 
_reflns_shell.percent_possible_all        ? 
_reflns_shell.percent_possible_obs        ? 
_reflns_shell.Rmerge_F_all                ? 
_reflns_shell.Rmerge_F_obs                ? 
_reflns_shell.Rmerge_I_all                ? 
_reflns_shell.Rmerge_I_obs                ? 
_reflns_shell.meanI_over_sigI_gt          ? 
_reflns_shell.meanI_over_uI_all           ? 
_reflns_shell.meanI_over_uI_gt            ? 
_reflns_shell.number_measured_gt          ? 
_reflns_shell.number_unique_gt            ? 
_reflns_shell.percent_possible_gt         ? 
_reflns_shell.Rmerge_F_gt                 ? 
_reflns_shell.Rmerge_I_gt                 ? 
_reflns_shell.pdbx_redundancy             6.5 
_reflns_shell.pdbx_Rsym_value             ? 
_reflns_shell.pdbx_chi_squared            ? 
_reflns_shell.pdbx_netI_over_sigmaI_all   ? 
_reflns_shell.pdbx_netI_over_sigmaI_obs   ? 
_reflns_shell.pdbx_Rrim_I_all             ? 
_reflns_shell.pdbx_Rpim_I_all             0.867 
_reflns_shell.pdbx_rejects                ? 
_reflns_shell.pdbx_ordinal                1 
_reflns_shell.pdbx_diffrn_id              1 
_reflns_shell.pdbx_CC_half                0.266 
_reflns_shell.pdbx_R_split                ? 
# 
_refine.aniso_B[1][1]                            0.094 
_refine.aniso_B[1][2]                            0.047 
_refine.aniso_B[1][3]                            0.000 
_refine.aniso_B[2][2]                            0.094 
_refine.aniso_B[2][3]                            -0.000 
_refine.aniso_B[3][3]                            -0.304 
_refine.B_iso_max                                ? 
_refine.B_iso_mean                               18.426 
_refine.B_iso_min                                ? 
_refine.correlation_coeff_Fo_to_Fc               0.964 
_refine.correlation_coeff_Fo_to_Fc_free          0.952 
_refine.details                                  'Hydrogens have been added in their riding positions' 
_refine.diff_density_max                         ? 
_refine.diff_density_max_esd                     ? 
_refine.diff_density_min                         ? 
_refine.diff_density_min_esd                     ? 
_refine.diff_density_rms                         ? 
_refine.diff_density_rms_esd                     ? 
_refine.entry_id                                 6PY1 
_refine.pdbx_refine_id                           'X-RAY DIFFRACTION' 
_refine.ls_abs_structure_details                 ? 
_refine.ls_abs_structure_Flack                   ? 
_refine.ls_abs_structure_Flack_esd               ? 
_refine.ls_abs_structure_Rogers                  ? 
_refine.ls_abs_structure_Rogers_esd              ? 
_refine.ls_d_res_high                            1.701 
_refine.ls_d_res_low                             41.740 
_refine.ls_extinction_coef                       ? 
_refine.ls_extinction_coef_esd                   ? 
_refine.ls_extinction_expression                 ? 
_refine.ls_extinction_method                     ? 
_refine.ls_goodness_of_fit_all                   ? 
_refine.ls_goodness_of_fit_all_esd               ? 
_refine.ls_goodness_of_fit_obs                   ? 
_refine.ls_goodness_of_fit_obs_esd               ? 
_refine.ls_hydrogen_treatment                    ? 
_refine.ls_matrix_type                           ? 
_refine.ls_number_constraints                    ? 
_refine.ls_number_parameters                     ? 
_refine.ls_number_reflns_all                     ? 
_refine.ls_number_reflns_obs                     19973 
_refine.ls_number_reflns_R_free                  933 
_refine.ls_number_reflns_R_work                  19040 
_refine.ls_number_restraints                     ? 
_refine.ls_percent_reflns_obs                    99.905 
_refine.ls_percent_reflns_R_free                 4.671 
_refine.ls_R_factor_all                          0.166 
_refine.ls_R_factor_obs                          ? 
_refine.ls_R_factor_R_free                       0.1883 
_refine.ls_R_factor_R_free_error                 ? 
_refine.ls_R_factor_R_free_error_details         ? 
_refine.ls_R_factor_R_work                       0.1654 
_refine.ls_R_Fsqd_factor_obs                     ? 
_refine.ls_R_I_factor_obs                        ? 
_refine.ls_redundancy_reflns_all                 ? 
_refine.ls_redundancy_reflns_obs                 ? 
_refine.ls_restrained_S_all                      ? 
_refine.ls_restrained_S_obs                      ? 
_refine.ls_shift_over_esd_max                    ? 
_refine.ls_shift_over_esd_mean                   ? 
_refine.ls_structure_factor_coef                 ? 
_refine.ls_weighting_details                     ? 
_refine.ls_weighting_scheme                      ? 
_refine.ls_wR_factor_all                         ? 
_refine.ls_wR_factor_obs                         ? 
_refine.ls_wR_factor_R_free                      0.185 
_refine.ls_wR_factor_R_work                      0.162 
_refine.occupancy_max                            ? 
_refine.occupancy_min                            ? 
_refine.solvent_model_details                    'BABINET MODEL PLUS MASK' 
_refine.solvent_model_param_bsol                 ? 
_refine.solvent_model_param_ksol                 ? 
_refine.ls_R_factor_gt                           ? 
_refine.ls_goodness_of_fit_gt                    ? 
_refine.ls_goodness_of_fit_ref                   ? 
_refine.ls_shift_over_su_max                     ? 
_refine.ls_shift_over_su_max_lt                  ? 
_refine.ls_shift_over_su_mean                    ? 
_refine.ls_shift_over_su_mean_lt                 ? 
_refine.pdbx_ls_sigma_I                          ? 
_refine.pdbx_ls_sigma_F                          ? 
_refine.pdbx_ls_sigma_Fsqd                       ? 
_refine.pdbx_data_cutoff_high_absF               ? 
_refine.pdbx_data_cutoff_high_rms_absF           ? 
_refine.pdbx_data_cutoff_low_absF                ? 
_refine.pdbx_isotropic_thermal_model             ? 
_refine.pdbx_ls_cross_valid_method               'FREE R-VALUE' 
_refine.pdbx_method_to_determine_struct          'MOLECULAR REPLACEMENT' 
_refine.pdbx_starting_model                      1DV8 
_refine.pdbx_stereochemistry_target_values       ? 
_refine.pdbx_R_Free_selection_details            'RANDOM SELECTION' 
_refine.pdbx_stereochem_target_val_spec_case     ? 
_refine.pdbx_overall_ESU_R                       0.087 
_refine.pdbx_overall_ESU_R_Free                  0.085 
_refine.pdbx_solvent_vdw_probe_radii             1.200 
_refine.pdbx_solvent_ion_probe_radii             0.800 
_refine.pdbx_solvent_shrinkage_radii             0.800 
_refine.pdbx_real_space_R                        ? 
_refine.pdbx_density_correlation                 ? 
_refine.pdbx_pd_number_of_powder_patterns        ? 
_refine.pdbx_pd_number_of_points                 ? 
_refine.pdbx_pd_meas_number_of_points            ? 
_refine.pdbx_pd_proc_ls_prof_R_factor            ? 
_refine.pdbx_pd_proc_ls_prof_wR_factor           ? 
_refine.pdbx_pd_Marquardt_correlation_coeff      ? 
_refine.pdbx_pd_Fsqrd_R_factor                   ? 
_refine.pdbx_pd_ls_matrix_band_width             ? 
_refine.pdbx_overall_phase_error                 ? 
_refine.pdbx_overall_SU_R_free_Cruickshank_DPI   ? 
_refine.pdbx_overall_SU_R_free_Blow_DPI          ? 
_refine.pdbx_overall_SU_R_Blow_DPI               ? 
_refine.pdbx_TLS_residual_ADP_flag               ? 
_refine.pdbx_diffrn_id                           1 
_refine.overall_SU_B                             1.898 
_refine.overall_SU_ML                            0.061 
_refine.overall_SU_R_Cruickshank_DPI             ? 
_refine.overall_SU_R_free                        ? 
_refine.overall_FOM_free_R_set                   ? 
_refine.overall_FOM_work_R_set                   ? 
_refine.pdbx_average_fsc_overall                 ? 
_refine.pdbx_average_fsc_work                    0.9450 
_refine.pdbx_average_fsc_free                    0.9368 
# 
_refine_hist.pdbx_refine_id                   'X-RAY DIFFRACTION' 
_refine_hist.cycle_id                         LAST 
_refine_hist.details                          ? 
_refine_hist.d_res_high                       1.701 
_refine_hist.d_res_low                        41.740 
_refine_hist.number_atoms_solvent             145 
_refine_hist.number_atoms_total               1227 
_refine_hist.number_reflns_all                ? 
_refine_hist.number_reflns_obs                ? 
_refine_hist.number_reflns_R_free             ? 
_refine_hist.number_reflns_R_work             ? 
_refine_hist.R_factor_all                     ? 
_refine_hist.R_factor_obs                     ? 
_refine_hist.R_factor_R_free                  ? 
_refine_hist.R_factor_R_work                  ? 
_refine_hist.pdbx_number_residues_total       ? 
_refine_hist.pdbx_B_iso_mean_ligand           ? 
_refine_hist.pdbx_B_iso_mean_solvent          ? 
_refine_hist.pdbx_number_atoms_protein        1054 
_refine_hist.pdbx_number_atoms_nucleic_acid   0 
_refine_hist.pdbx_number_atoms_ligand         28 
_refine_hist.pdbx_number_atoms_lipid          ? 
_refine_hist.pdbx_number_atoms_carb           ? 
_refine_hist.pdbx_pseudo_atom_details         ? 
# 
loop_
_refine_ls_restr.pdbx_refine_id 
_refine_ls_restr.criterion 
_refine_ls_restr.dev_ideal 
_refine_ls_restr.dev_ideal_target 
_refine_ls_restr.number 
_refine_ls_restr.rejects 
_refine_ls_restr.type 
_refine_ls_restr.weight 
_refine_ls_restr.pdbx_restraint_function 
'X-RAY DIFFRACTION' ? 0.013  0.013  1194 ? r_bond_refined_d               ? ? 
'X-RAY DIFFRACTION' ? 0.001  0.018  946  ? r_bond_other_d                 ? ? 
'X-RAY DIFFRACTION' ? 1.639  1.646  1643 ? r_angle_refined_deg            ? ? 
'X-RAY DIFFRACTION' ? 1.507  1.601  2222 ? r_angle_other_deg              ? ? 
'X-RAY DIFFRACTION' ? 12.857 5.133  150  ? r_dihedral_angle_1_deg         ? ? 
'X-RAY DIFFRACTION' ? 33.542 24.286 70   ? r_dihedral_angle_2_deg         ? ? 
'X-RAY DIFFRACTION' ? 13.004 15.000 167  ? r_dihedral_angle_3_deg         ? ? 
'X-RAY DIFFRACTION' ? 12.684 15.000 4    ? r_dihedral_angle_other_3_deg   ? ? 
'X-RAY DIFFRACTION' ? 7.684  15.000 3    ? r_dihedral_angle_4_deg         ? ? 
'X-RAY DIFFRACTION' ? 0.089  0.200  137  ? r_chiral_restr                 ? ? 
'X-RAY DIFFRACTION' ? 0.010  0.020  1519 ? r_gen_planes_refined           ? ? 
'X-RAY DIFFRACTION' ? 0.002  0.020  275  ? r_gen_planes_other             ? ? 
'X-RAY DIFFRACTION' ? 0.226  0.200  258  ? r_nbd_refined                  ? ? 
'X-RAY DIFFRACTION' ? 0.196  0.200  884  ? r_symmetry_nbd_other           ? ? 
'X-RAY DIFFRACTION' ? 0.180  0.200  552  ? r_nbtor_refined                ? ? 
'X-RAY DIFFRACTION' ? 0.084  0.200  429  ? r_symmetry_nbtor_other         ? ? 
'X-RAY DIFFRACTION' ? 0.238  0.200  106  ? r_xyhbond_nbd_refined          ? ? 
'X-RAY DIFFRACTION' ? 0.098  0.200  7    ? r_metal_ion_refined            ? ? 
'X-RAY DIFFRACTION' ? 0.273  0.200  8    ? r_symmetry_nbd_refined         ? ? 
'X-RAY DIFFRACTION' ? 0.189  0.200  31   ? r_nbd_other                    ? ? 
'X-RAY DIFFRACTION' ? 0.257  0.200  12   ? r_symmetry_xyhbond_nbd_refined ? ? 
'X-RAY DIFFRACTION' ? 1.918  1.774  549  ? r_mcbond_it                    ? ? 
'X-RAY DIFFRACTION' ? 1.804  1.767  547  ? r_mcbond_other                 ? ? 
'X-RAY DIFFRACTION' ? 2.877  2.650  692  ? r_mcangle_it                   ? ? 
'X-RAY DIFFRACTION' ? 2.875  2.655  693  ? r_mcangle_other                ? ? 
'X-RAY DIFFRACTION' ? 2.801  1.968  645  ? r_scbond_it                    ? ? 
'X-RAY DIFFRACTION' ? 2.805  1.971  646  ? r_scbond_other                 ? ? 
'X-RAY DIFFRACTION' ? 4.096  2.858  944  ? r_scangle_it                   ? ? 
'X-RAY DIFFRACTION' ? 4.094  2.860  945  ? r_scangle_other                ? ? 
'X-RAY DIFFRACTION' ? 5.534  20.665 1497 ? r_lrange_it                    ? ? 
'X-RAY DIFFRACTION' ? 5.379  20.230 1462 ? r_lrange_other                 ? ? 
# 
_struct.entry_id                     6PY1 
_struct.title                        
'Crystal Structure of the Carbohydrate Recognition Domain of the Human Macrophage Galactose C-Type Lectin Bound to GalNAc' 
_struct.pdbx_model_details           ? 
_struct.pdbx_formula_weight          ? 
_struct.pdbx_formula_weight_method   ? 
_struct.pdbx_model_type_details      ? 
_struct.pdbx_CASP_flag               N 
# 
_struct_keywords.entry_id        6PY1 
_struct_keywords.text            'CRD, SIGNALING PROTEIN' 
_struct_keywords.pdbx_keywords   'SIGNALING PROTEIN' 
# 
loop_
_struct_asym.id 
_struct_asym.pdbx_blank_PDB_chainid_flag 
_struct_asym.pdbx_modified 
_struct_asym.entity_id 
_struct_asym.details 
A N N 1 ? 
B N N 2 ? 
C N N 3 ? 
D N N 4 ? 
E N N 4 ? 
F N N 4 ? 
G N N 4 ? 
H N N 5 ? 
I N N 5 ? 
J N N 5 ? 
K N N 5 ? 
L N N 5 ? 
M N N 6 ? 
# 
_struct_ref.id                         1 
_struct_ref.db_name                    UNP 
_struct_ref.db_code                    CLC10_HUMAN 
_struct_ref.pdbx_db_accession          Q8IUN9 
_struct_ref.pdbx_db_isoform            ? 
_struct_ref.entity_id                  1 
_struct_ref.pdbx_seq_one_letter_code   
;CPVNWVEHQDSCYWFSHSGMSWAEAEKYCQLKNAHLVVINSREEQNFVQKYLGSAYTWMGLSDPEGAWKWVDGTDYATGF
QNWKPGQPDDWQGHGLGGGEDCAHFHPDGRWNDDVCQRPYHWVCEAGLG
;
_struct_ref.pdbx_align_begin           181 
# 
_struct_ref_seq.align_id                      1 
_struct_ref_seq.ref_id                        1 
_struct_ref_seq.pdbx_PDB_id_code              6PY1 
_struct_ref_seq.pdbx_strand_id                A 
_struct_ref_seq.seq_align_beg                 4 
_struct_ref_seq.pdbx_seq_align_beg_ins_code   ? 
_struct_ref_seq.seq_align_end                 132 
_struct_ref_seq.pdbx_seq_align_end_ins_code   ? 
_struct_ref_seq.pdbx_db_accession             Q8IUN9 
_struct_ref_seq.db_align_beg                  181 
_struct_ref_seq.pdbx_db_align_beg_ins_code    ? 
_struct_ref_seq.db_align_end                  309 
_struct_ref_seq.pdbx_db_align_end_ins_code    ? 
_struct_ref_seq.pdbx_auth_seq_align_beg       181 
_struct_ref_seq.pdbx_auth_seq_align_end       309 
# 
loop_
_struct_ref_seq_dif.align_id 
_struct_ref_seq_dif.pdbx_pdb_id_code 
_struct_ref_seq_dif.mon_id 
_struct_ref_seq_dif.pdbx_pdb_strand_id 
_struct_ref_seq_dif.seq_num 
_struct_ref_seq_dif.pdbx_pdb_ins_code 
_struct_ref_seq_dif.pdbx_seq_db_name 
_struct_ref_seq_dif.pdbx_seq_db_accession_code 
_struct_ref_seq_dif.db_mon_id 
_struct_ref_seq_dif.pdbx_seq_db_seq_num 
_struct_ref_seq_dif.details 
_struct_ref_seq_dif.pdbx_auth_seq_num 
_struct_ref_seq_dif.pdbx_ordinal 
1 6PY1 GLY A 1 ? UNP Q8IUN9 ? ? 'expression tag' 178 1 
1 6PY1 THR A 2 ? UNP Q8IUN9 ? ? 'expression tag' 179 2 
1 6PY1 SER A 3 ? UNP Q8IUN9 ? ? 'expression tag' 180 3 
# 
loop_
_pdbx_struct_assembly.id 
_pdbx_struct_assembly.details 
_pdbx_struct_assembly.method_details 
_pdbx_struct_assembly.oligomeric_details 
_pdbx_struct_assembly.oligomeric_count 
1 author_defined_assembly   ?    monomeric 1 
2 software_defined_assembly PISA dimeric   2 
# 
loop_
_pdbx_struct_assembly_prop.biol_id 
_pdbx_struct_assembly_prop.type 
_pdbx_struct_assembly_prop.value 
_pdbx_struct_assembly_prop.details 
2 'ABSA (A^2)' 3840  ? 
2 MORE         -185  ? 
2 'SSA (A^2)'  12930 ? 
# 
loop_
_pdbx_struct_assembly_gen.assembly_id 
_pdbx_struct_assembly_gen.oper_expression 
_pdbx_struct_assembly_gen.asym_id_list 
1 1   A,B,C,D,E,F,G,H,I,J,K,L,M 
2 1,2 A,B,C,D,E,F,G,H,I,J,K,L,M 
# 
_pdbx_struct_assembly_auth_evidence.id                     1 
_pdbx_struct_assembly_auth_evidence.assembly_id            1 
_pdbx_struct_assembly_auth_evidence.experimental_support   'gel filtration' 
_pdbx_struct_assembly_auth_evidence.details                ? 
# 
loop_
_pdbx_struct_oper_list.id 
_pdbx_struct_oper_list.type 
_pdbx_struct_oper_list.name 
_pdbx_struct_oper_list.symmetry_operation 
_pdbx_struct_oper_list.matrix[1][1] 
_pdbx_struct_oper_list.matrix[1][2] 
_pdbx_struct_oper_list.matrix[1][3] 
_pdbx_struct_oper_list.vector[1] 
_pdbx_struct_oper_list.matrix[2][1] 
_pdbx_struct_oper_list.matrix[2][2] 
_pdbx_struct_oper_list.matrix[2][3] 
_pdbx_struct_oper_list.vector[2] 
_pdbx_struct_oper_list.matrix[3][1] 
_pdbx_struct_oper_list.matrix[3][2] 
_pdbx_struct_oper_list.matrix[3][3] 
_pdbx_struct_oper_list.vector[3] 
1 'identity operation'         1_555 x,y,z  1.0000000000  0.0000000000  0.0000000000  0.0000000000  0.0000000000  1.0000000000  0.0000000000 0.0000000000   0.0000000000  0.0000000000 1.0000000000  0.0000000000  
2 'crystal symmetry operation' 4_555 y,x,-z -0.2832151526 -0.5739377897 -0.7683648814 -1.2384075889 -0.5739377897 -0.5404414762 0.6152385102 -25.6875091034 -0.7683648814 0.6152385102 -0.1763433713 18.0322666194 
# 
loop_
_struct_conf.conf_type_id 
_struct_conf.id 
_struct_conf.pdbx_PDB_helix_id 
_struct_conf.beg_label_comp_id 
_struct_conf.beg_label_asym_id 
_struct_conf.beg_label_seq_id 
_struct_conf.pdbx_beg_PDB_ins_code 
_struct_conf.end_label_comp_id 
_struct_conf.end_label_asym_id 
_struct_conf.end_label_seq_id 
_struct_conf.pdbx_end_PDB_ins_code 
_struct_conf.beg_auth_comp_id 
_struct_conf.beg_auth_asym_id 
_struct_conf.beg_auth_seq_id 
_struct_conf.end_auth_comp_id 
_struct_conf.end_auth_asym_id 
_struct_conf.end_auth_seq_id 
_struct_conf.pdbx_PDB_helix_class 
_struct_conf.details 
_struct_conf.pdbx_PDB_helix_length 
HELX_P HELX_P1 AA1 SER A 24 ? LYS A 35 ? SER A 201 LYS A 212 1 ? 12 
HELX_P HELX_P2 AA2 SER A 44 ? TYR A 54 ? SER A 221 TYR A 231 1 ? 11 
# 
_struct_conf_type.id          HELX_P 
_struct_conf_type.criteria    ? 
_struct_conf_type.reference   ? 
# 
loop_
_struct_conn.id 
_struct_conn.conn_type_id 
_struct_conn.pdbx_leaving_atom_flag 
_struct_conn.pdbx_PDB_id 
_struct_conn.ptnr1_label_asym_id 
_struct_conn.ptnr1_label_comp_id 
_struct_conn.ptnr1_label_seq_id 
_struct_conn.ptnr1_label_atom_id 
_struct_conn.pdbx_ptnr1_label_alt_id 
_struct_conn.pdbx_ptnr1_PDB_ins_code 
_struct_conn.pdbx_ptnr1_standard_comp_id 
_struct_conn.ptnr1_symmetry 
_struct_conn.ptnr2_label_asym_id 
_struct_conn.ptnr2_label_comp_id 
_struct_conn.ptnr2_label_seq_id 
_struct_conn.ptnr2_label_atom_id 
_struct_conn.pdbx_ptnr2_label_alt_id 
_struct_conn.pdbx_ptnr2_PDB_ins_code 
_struct_conn.ptnr1_auth_asym_id 
_struct_conn.ptnr1_auth_comp_id 
_struct_conn.ptnr1_auth_seq_id 
_struct_conn.ptnr2_auth_asym_id 
_struct_conn.ptnr2_auth_comp_id 
_struct_conn.ptnr2_auth_seq_id 
_struct_conn.ptnr2_symmetry 
_struct_conn.pdbx_ptnr3_label_atom_id 
_struct_conn.pdbx_ptnr3_label_seq_id 
_struct_conn.pdbx_ptnr3_label_comp_id 
_struct_conn.pdbx_ptnr3_label_asym_id 
_struct_conn.pdbx_ptnr3_label_alt_id 
_struct_conn.pdbx_ptnr3_PDB_ins_code 
_struct_conn.details 
_struct_conn.pdbx_dist_value 
_struct_conn.pdbx_value_order 
_struct_conn.pdbx_role 
disulf1  disulf ? ? A CYS 4   SG  A ? ? 1_555 A CYS 15  SG A ? A CYS 181 A CYS 192 1_555 ? ? ? ? ? ? ? 2.087 ? ? 
disulf2  disulf ? ? A CYS 32  SG  ? ? ? 1_555 A CYS 127 SG ? ? A CYS 209 A CYS 304 1_555 ? ? ? ? ? ? ? 2.196 ? ? 
disulf3  disulf ? ? A CYS 105 SG  A ? ? 1_555 A CYS 119 SG A ? A CYS 282 A CYS 296 1_555 ? ? ? ? ? ? ? 1.981 ? ? 
metalc1  metalc ? ? A VAL 41  O   ? ? ? 1_555 D CA  .   CA ? ? A VAL 218 A CA  403 1_555 ? ? ? ? ? ? ? 2.292 ? ? 
metalc2  metalc ? ? A GLU 47  OE1 ? ? ? 1_555 D CA  .   CA ? ? A GLU 224 A CA  403 1_555 ? ? ? ? ? ? ? 2.436 ? ? 
metalc3  metalc ? ? A GLU 47  OE2 ? ? ? 1_555 D CA  .   CA ? ? A GLU 224 A CA  403 1_555 ? ? ? ? ? ? ? 2.673 ? ? 
metalc4  metalc ? ? A ASP 66  OD1 ? ? ? 1_555 E CA  .   CA ? ? A ASP 243 A CA  404 1_555 ? ? ? ? ? ? ? 2.585 ? ? 
metalc5  metalc ? ? A ASP 66  OD2 ? ? ? 1_555 E CA  .   CA ? ? A ASP 243 A CA  404 1_555 ? ? ? ? ? ? ? 2.648 ? ? 
metalc6  metalc ? ? A GLN 90  OE1 ? ? ? 1_555 F CA  .   CA ? ? A GLN 267 A CA  405 1_555 ? ? ? ? ? ? ? 2.434 ? ? 
metalc7  metalc ? ? A ASP 92  OD1 ? ? ? 1_555 F CA  .   CA ? ? A ASP 269 A CA  405 1_555 ? ? ? ? ? ? ? 2.505 ? ? 
metalc8  metalc ? ? A ASP 93  OD1 ? ? ? 1_555 E CA  .   CA ? ? A ASP 270 A CA  404 1_555 ? ? ? ? ? ? ? 2.446 ? ? 
metalc9  metalc ? ? A GLU 103 O   ? ? ? 1_555 E CA  .   CA ? ? A GLU 280 A CA  404 1_555 ? ? ? ? ? ? ? 2.362 ? ? 
metalc10 metalc ? ? A GLU 103 OE2 ? ? ? 1_555 F CA  .   CA ? ? A GLU 280 A CA  405 1_555 ? ? ? ? ? ? ? 2.428 ? ? 
metalc11 metalc ? ? A ASP 104 OD1 ? ? ? 1_555 E CA  .   CA ? ? A ASP 281 A CA  404 1_555 ? ? ? ? ? ? ? 2.390 ? ? 
metalc12 metalc ? ? A ASN 115 OD1 ? ? ? 1_555 F CA  .   CA ? ? A ASN 292 A CA  405 1_555 ? ? ? ? ? ? ? 2.453 ? ? 
metalc13 metalc ? ? A ASP 116 O   ? ? ? 1_555 F CA  .   CA ? ? A ASP 293 A CA  405 1_555 ? ? ? ? ? ? ? 2.490 ? ? 
metalc14 metalc ? ? A ASP 116 OD1 ? ? ? 1_555 F CA  .   CA ? ? A ASP 293 A CA  405 1_555 ? ? ? ? ? ? ? 2.367 ? ? 
metalc15 metalc ? ? A GLU 128 OE1 ? ? ? 1_555 D CA  .   CA ? ? A GLU 305 A CA  403 1_555 ? ? ? ? ? ? ? 2.680 ? ? 
metalc16 metalc ? ? A GLU 128 OE2 ? ? ? 1_555 D CA  .   CA ? ? A GLU 305 A CA  403 1_555 ? ? ? ? ? ? ? 2.500 ? ? 
metalc17 metalc ? ? B A2G .   O3  ? ? ? 1_555 F CA  .   CA ? ? A A2G 401 A CA  405 1_555 ? ? ? ? ? ? ? 2.420 ? ? 
metalc18 metalc ? ? B A2G .   O4  ? ? ? 1_555 F CA  .   CA ? ? A A2G 401 A CA  405 1_555 ? ? ? ? ? ? ? 2.412 ? ? 
metalc19 metalc ? ? D CA  .   CA  ? ? ? 1_555 M HOH .   O  ? ? A CA  403 A HOH 569 1_555 ? ? ? ? ? ? ? 2.302 ? ? 
metalc20 metalc ? ? D CA  .   CA  ? ? ? 1_555 M HOH .   O  ? ? A CA  403 A HOH 594 1_555 ? ? ? ? ? ? ? 2.447 ? ? 
metalc21 metalc ? ? E CA  .   CA  ? ? ? 1_555 M HOH .   O  ? ? A CA  404 A HOH 555 1_555 ? ? ? ? ? ? ? 2.357 ? ? 
metalc22 metalc ? ? E CA  .   CA  ? ? ? 1_555 M HOH .   O  ? ? A CA  404 A HOH 577 1_555 ? ? ? ? ? ? ? 2.605 ? ? 
metalc23 metalc ? ? E CA  .   CA  ? ? ? 1_555 M HOH .   O  ? ? A CA  404 A HOH 590 1_555 ? ? ? ? ? ? ? 2.527 ? ? 
metalc24 metalc ? ? G CA  .   CA  ? ? ? 1_555 M HOH .   O  ? ? A CA  406 A HOH 501 1_555 ? ? ? ? ? ? ? 2.824 ? ? 
# 
loop_
_struct_conn_type.id 
_struct_conn_type.criteria 
_struct_conn_type.reference 
disulf ? ? 
metalc ? ? 
# 
loop_
_pdbx_struct_conn_angle.id 
_pdbx_struct_conn_angle.ptnr1_label_atom_id 
_pdbx_struct_conn_angle.ptnr1_label_alt_id 
_pdbx_struct_conn_angle.ptnr1_label_asym_id 
_pdbx_struct_conn_angle.ptnr1_label_comp_id 
_pdbx_struct_conn_angle.ptnr1_label_seq_id 
_pdbx_struct_conn_angle.ptnr1_auth_atom_id 
_pdbx_struct_conn_angle.ptnr1_auth_asym_id 
_pdbx_struct_conn_angle.ptnr1_auth_comp_id 
_pdbx_struct_conn_angle.ptnr1_auth_seq_id 
_pdbx_struct_conn_angle.ptnr1_PDB_ins_code 
_pdbx_struct_conn_angle.ptnr1_symmetry 
_pdbx_struct_conn_angle.ptnr2_label_atom_id 
_pdbx_struct_conn_angle.ptnr2_label_alt_id 
_pdbx_struct_conn_angle.ptnr2_label_asym_id 
_pdbx_struct_conn_angle.ptnr2_label_comp_id 
_pdbx_struct_conn_angle.ptnr2_label_seq_id 
_pdbx_struct_conn_angle.ptnr2_auth_atom_id 
_pdbx_struct_conn_angle.ptnr2_auth_asym_id 
_pdbx_struct_conn_angle.ptnr2_auth_comp_id 
_pdbx_struct_conn_angle.ptnr2_auth_seq_id 
_pdbx_struct_conn_angle.ptnr2_PDB_ins_code 
_pdbx_struct_conn_angle.ptnr2_symmetry 
_pdbx_struct_conn_angle.ptnr3_label_atom_id 
_pdbx_struct_conn_angle.ptnr3_label_alt_id 
_pdbx_struct_conn_angle.ptnr3_label_asym_id 
_pdbx_struct_conn_angle.ptnr3_label_comp_id 
_pdbx_struct_conn_angle.ptnr3_label_seq_id 
_pdbx_struct_conn_angle.ptnr3_auth_atom_id 
_pdbx_struct_conn_angle.ptnr3_auth_asym_id 
_pdbx_struct_conn_angle.ptnr3_auth_comp_id 
_pdbx_struct_conn_angle.ptnr3_auth_seq_id 
_pdbx_struct_conn_angle.ptnr3_PDB_ins_code 
_pdbx_struct_conn_angle.ptnr3_symmetry 
_pdbx_struct_conn_angle.value 
_pdbx_struct_conn_angle.value_esd 
1  O   ? A VAL 41  ? A VAL 218 ? 1_555 CA ? D CA . ? A CA 403 ? 1_555 OE1 ? A GLU 47  ? A GLU 224 ? 1_555 84.9  ? 
2  O   ? A VAL 41  ? A VAL 218 ? 1_555 CA ? D CA . ? A CA 403 ? 1_555 OE2 ? A GLU 47  ? A GLU 224 ? 1_555 77.0  ? 
3  OE1 ? A GLU 47  ? A GLU 224 ? 1_555 CA ? D CA . ? A CA 403 ? 1_555 OE2 ? A GLU 47  ? A GLU 224 ? 1_555 51.3  ? 
4  O   ? A VAL 41  ? A VAL 218 ? 1_555 CA ? D CA . ? A CA 403 ? 1_555 OE1 ? A GLU 128 ? A GLU 305 ? 1_555 78.1  ? 
5  OE1 ? A GLU 47  ? A GLU 224 ? 1_555 CA ? D CA . ? A CA 403 ? 1_555 OE1 ? A GLU 128 ? A GLU 305 ? 1_555 86.5  ? 
6  OE2 ? A GLU 47  ? A GLU 224 ? 1_555 CA ? D CA . ? A CA 403 ? 1_555 OE1 ? A GLU 128 ? A GLU 305 ? 1_555 132.2 ? 
7  O   ? A VAL 41  ? A VAL 218 ? 1_555 CA ? D CA . ? A CA 403 ? 1_555 OE2 ? A GLU 128 ? A GLU 305 ? 1_555 126.4 ? 
8  OE1 ? A GLU 47  ? A GLU 224 ? 1_555 CA ? D CA . ? A CA 403 ? 1_555 OE2 ? A GLU 128 ? A GLU 305 ? 1_555 77.7  ? 
9  OE2 ? A GLU 47  ? A GLU 224 ? 1_555 CA ? D CA . ? A CA 403 ? 1_555 OE2 ? A GLU 128 ? A GLU 305 ? 1_555 123.3 ? 
10 OE1 ? A GLU 128 ? A GLU 305 ? 1_555 CA ? D CA . ? A CA 403 ? 1_555 OE2 ? A GLU 128 ? A GLU 305 ? 1_555 50.9  ? 
11 O   ? A VAL 41  ? A VAL 218 ? 1_555 CA ? D CA . ? A CA 403 ? 1_555 O   ? M HOH .   ? A HOH 569 ? 1_555 107.2 ? 
12 OE1 ? A GLU 47  ? A GLU 224 ? 1_555 CA ? D CA . ? A CA 403 ? 1_555 O   ? M HOH .   ? A HOH 569 ? 1_555 155.9 ? 
13 OE2 ? A GLU 47  ? A GLU 224 ? 1_555 CA ? D CA . ? A CA 403 ? 1_555 O   ? M HOH .   ? A HOH 569 ? 1_555 150.7 ? 
14 OE1 ? A GLU 128 ? A GLU 305 ? 1_555 CA ? D CA . ? A CA 403 ? 1_555 O   ? M HOH .   ? A HOH 569 ? 1_555 76.1  ? 
15 OE2 ? A GLU 128 ? A GLU 305 ? 1_555 CA ? D CA . ? A CA 403 ? 1_555 O   ? M HOH .   ? A HOH 569 ? 1_555 78.4  ? 
16 O   ? A VAL 41  ? A VAL 218 ? 1_555 CA ? D CA . ? A CA 403 ? 1_555 O   ? M HOH .   ? A HOH 594 ? 1_555 150.4 ? 
17 OE1 ? A GLU 47  ? A GLU 224 ? 1_555 CA ? D CA . ? A CA 403 ? 1_555 O   ? M HOH .   ? A HOH 594 ? 1_555 90.0  ? 
18 OE2 ? A GLU 47  ? A GLU 224 ? 1_555 CA ? D CA . ? A CA 403 ? 1_555 O   ? M HOH .   ? A HOH 594 ? 1_555 77.1  ? 
19 OE1 ? A GLU 128 ? A GLU 305 ? 1_555 CA ? D CA . ? A CA 403 ? 1_555 O   ? M HOH .   ? A HOH 594 ? 1_555 130.8 ? 
20 OE2 ? A GLU 128 ? A GLU 305 ? 1_555 CA ? D CA . ? A CA 403 ? 1_555 O   ? M HOH .   ? A HOH 594 ? 1_555 80.4  ? 
21 O   ? M HOH .   ? A HOH 569 ? 1_555 CA ? D CA . ? A CA 403 ? 1_555 O   ? M HOH .   ? A HOH 594 ? 1_555 88.9  ? 
22 OD1 ? A ASP 66  ? A ASP 243 ? 1_555 CA ? E CA . ? A CA 404 ? 1_555 OD2 ? A ASP 66  ? A ASP 243 ? 1_555 49.7  ? 
23 OD1 ? A ASP 66  ? A ASP 243 ? 1_555 CA ? E CA . ? A CA 404 ? 1_555 OD1 ? A ASP 93  ? A ASP 270 ? 1_555 163.9 ? 
24 OD2 ? A ASP 66  ? A ASP 243 ? 1_555 CA ? E CA . ? A CA 404 ? 1_555 OD1 ? A ASP 93  ? A ASP 270 ? 1_555 145.2 ? 
25 OD1 ? A ASP 66  ? A ASP 243 ? 1_555 CA ? E CA . ? A CA 404 ? 1_555 O   ? A GLU 103 ? A GLU 280 ? 1_555 89.7  ? 
26 OD2 ? A ASP 66  ? A ASP 243 ? 1_555 CA ? E CA . ? A CA 404 ? 1_555 O   ? A GLU 103 ? A GLU 280 ? 1_555 124.4 ? 
27 OD1 ? A ASP 93  ? A ASP 270 ? 1_555 CA ? E CA . ? A CA 404 ? 1_555 O   ? A GLU 103 ? A GLU 280 ? 1_555 82.5  ? 
28 OD1 ? A ASP 66  ? A ASP 243 ? 1_555 CA ? E CA . ? A CA 404 ? 1_555 OD1 ? A ASP 104 ? A ASP 281 ? 1_555 78.2  ? 
29 OD2 ? A ASP 66  ? A ASP 243 ? 1_555 CA ? E CA . ? A CA 404 ? 1_555 OD1 ? A ASP 104 ? A ASP 281 ? 1_555 119.7 ? 
30 OD1 ? A ASP 93  ? A ASP 270 ? 1_555 CA ? E CA . ? A CA 404 ? 1_555 OD1 ? A ASP 104 ? A ASP 281 ? 1_555 86.2  ? 
31 O   ? A GLU 103 ? A GLU 280 ? 1_555 CA ? E CA . ? A CA 404 ? 1_555 OD1 ? A ASP 104 ? A ASP 281 ? 1_555 74.9  ? 
32 OD1 ? A ASP 66  ? A ASP 243 ? 1_555 CA ? E CA . ? A CA 404 ? 1_555 O   ? M HOH .   ? A HOH 555 ? 1_555 100.7 ? 
33 OD2 ? A ASP 66  ? A ASP 243 ? 1_555 CA ? E CA . ? A CA 404 ? 1_555 O   ? M HOH .   ? A HOH 555 ? 1_555 77.9  ? 
34 OD1 ? A ASP 93  ? A ASP 270 ? 1_555 CA ? E CA . ? A CA 404 ? 1_555 O   ? M HOH .   ? A HOH 555 ? 1_555 90.8  ? 
35 O   ? A GLU 103 ? A GLU 280 ? 1_555 CA ? E CA . ? A CA 404 ? 1_555 O   ? M HOH .   ? A HOH 555 ? 1_555 74.6  ? 
36 OD1 ? A ASP 104 ? A ASP 281 ? 1_555 CA ? E CA . ? A CA 404 ? 1_555 O   ? M HOH .   ? A HOH 555 ? 1_555 149.4 ? 
37 OD1 ? A ASP 66  ? A ASP 243 ? 1_555 CA ? E CA . ? A CA 404 ? 1_555 O   ? M HOH .   ? A HOH 577 ? 1_555 83.0  ? 
38 OD2 ? A ASP 66  ? A ASP 243 ? 1_555 CA ? E CA . ? A CA 404 ? 1_555 O   ? M HOH .   ? A HOH 577 ? 1_555 74.5  ? 
39 OD1 ? A ASP 93  ? A ASP 270 ? 1_555 CA ? E CA . ? A CA 404 ? 1_555 O   ? M HOH .   ? A HOH 577 ? 1_555 95.5  ? 
40 O   ? A GLU 103 ? A GLU 280 ? 1_555 CA ? E CA . ? A CA 404 ? 1_555 O   ? M HOH .   ? A HOH 577 ? 1_555 145.5 ? 
41 OD1 ? A ASP 104 ? A ASP 281 ? 1_555 CA ? E CA . ? A CA 404 ? 1_555 O   ? M HOH .   ? A HOH 577 ? 1_555 70.6  ? 
42 O   ? M HOH .   ? A HOH 555 ? 1_555 CA ? E CA . ? A CA 404 ? 1_555 O   ? M HOH .   ? A HOH 577 ? 1_555 139.9 ? 
43 OD1 ? A ASP 66  ? A ASP 243 ? 1_555 CA ? E CA . ? A CA 404 ? 1_555 O   ? M HOH .   ? A HOH 590 ? 1_555 118.5 ? 
44 OD2 ? A ASP 66  ? A ASP 243 ? 1_555 CA ? E CA . ? A CA 404 ? 1_555 O   ? M HOH .   ? A HOH 590 ? 1_555 70.7  ? 
45 OD1 ? A ASP 93  ? A ASP 270 ? 1_555 CA ? E CA . ? A CA 404 ? 1_555 O   ? M HOH .   ? A HOH 590 ? 1_555 74.7  ? 
46 O   ? A GLU 103 ? A GLU 280 ? 1_555 CA ? E CA . ? A CA 404 ? 1_555 O   ? M HOH .   ? A HOH 590 ? 1_555 143.5 ? 
47 OD1 ? A ASP 104 ? A ASP 281 ? 1_555 CA ? E CA . ? A CA 404 ? 1_555 O   ? M HOH .   ? A HOH 590 ? 1_555 130.2 ? 
48 O   ? M HOH .   ? A HOH 555 ? 1_555 CA ? E CA . ? A CA 404 ? 1_555 O   ? M HOH .   ? A HOH 590 ? 1_555 77.6  ? 
49 O   ? M HOH .   ? A HOH 577 ? 1_555 CA ? E CA . ? A CA 404 ? 1_555 O   ? M HOH .   ? A HOH 590 ? 1_555 66.2  ? 
50 OE1 ? A GLN 90  ? A GLN 267 ? 1_555 CA ? F CA . ? A CA 405 ? 1_555 OD1 ? A ASP 92  ? A ASP 269 ? 1_555 73.2  ? 
51 OE1 ? A GLN 90  ? A GLN 267 ? 1_555 CA ? F CA . ? A CA 405 ? 1_555 OE2 ? A GLU 103 ? A GLU 280 ? 1_555 143.8 ? 
52 OD1 ? A ASP 92  ? A ASP 269 ? 1_555 CA ? F CA . ? A CA 405 ? 1_555 OE2 ? A GLU 103 ? A GLU 280 ? 1_555 71.0  ? 
53 OE1 ? A GLN 90  ? A GLN 267 ? 1_555 CA ? F CA . ? A CA 405 ? 1_555 OD1 ? A ASN 115 ? A ASN 292 ? 1_555 69.7  ? 
54 OD1 ? A ASP 92  ? A ASP 269 ? 1_555 CA ? F CA . ? A CA 405 ? 1_555 OD1 ? A ASN 115 ? A ASN 292 ? 1_555 143.0 ? 
55 OE2 ? A GLU 103 ? A GLU 280 ? 1_555 CA ? F CA . ? A CA 405 ? 1_555 OD1 ? A ASN 115 ? A ASN 292 ? 1_555 145.8 ? 
56 OE1 ? A GLN 90  ? A GLN 267 ? 1_555 CA ? F CA . ? A CA 405 ? 1_555 O   ? A ASP 116 ? A ASP 293 ? 1_555 134.3 ? 
57 OD1 ? A ASP 92  ? A ASP 269 ? 1_555 CA ? F CA . ? A CA 405 ? 1_555 O   ? A ASP 116 ? A ASP 293 ? 1_555 132.3 ? 
58 OE2 ? A GLU 103 ? A GLU 280 ? 1_555 CA ? F CA . ? A CA 405 ? 1_555 O   ? A ASP 116 ? A ASP 293 ? 1_555 71.2  ? 
59 OD1 ? A ASN 115 ? A ASN 292 ? 1_555 CA ? F CA . ? A CA 405 ? 1_555 O   ? A ASP 116 ? A ASP 293 ? 1_555 77.4  ? 
60 OE1 ? A GLN 90  ? A GLN 267 ? 1_555 CA ? F CA . ? A CA 405 ? 1_555 OD1 ? A ASP 116 ? A ASP 293 ? 1_555 75.0  ? 
61 OD1 ? A ASP 92  ? A ASP 269 ? 1_555 CA ? F CA . ? A CA 405 ? 1_555 OD1 ? A ASP 116 ? A ASP 293 ? 1_555 78.5  ? 
62 OE2 ? A GLU 103 ? A GLU 280 ? 1_555 CA ? F CA . ? A CA 405 ? 1_555 OD1 ? A ASP 116 ? A ASP 293 ? 1_555 92.7  ? 
63 OD1 ? A ASN 115 ? A ASN 292 ? 1_555 CA ? F CA . ? A CA 405 ? 1_555 OD1 ? A ASP 116 ? A ASP 293 ? 1_555 92.2  ? 
64 O   ? A ASP 116 ? A ASP 293 ? 1_555 CA ? F CA . ? A CA 405 ? 1_555 OD1 ? A ASP 116 ? A ASP 293 ? 1_555 75.4  ? 
65 OE1 ? A GLN 90  ? A GLN 267 ? 1_555 CA ? F CA . ? A CA 405 ? 1_555 O3  ? B A2G .   ? A A2G 401 ? 1_555 129.1 ? 
66 OD1 ? A ASP 92  ? A ASP 269 ? 1_555 CA ? F CA . ? A CA 405 ? 1_555 O3  ? B A2G .   ? A A2G 401 ? 1_555 124.2 ? 
67 OE2 ? A GLU 103 ? A GLU 280 ? 1_555 CA ? F CA . ? A CA 405 ? 1_555 O3  ? B A2G .   ? A A2G 401 ? 1_555 77.4  ? 
68 OD1 ? A ASN 115 ? A ASN 292 ? 1_555 CA ? F CA . ? A CA 405 ? 1_555 O3  ? B A2G .   ? A A2G 401 ? 1_555 81.0  ? 
69 O   ? A ASP 116 ? A ASP 293 ? 1_555 CA ? F CA . ? A CA 405 ? 1_555 O3  ? B A2G .   ? A A2G 401 ? 1_555 73.1  ? 
70 OD1 ? A ASP 116 ? A ASP 293 ? 1_555 CA ? F CA . ? A CA 405 ? 1_555 O3  ? B A2G .   ? A A2G 401 ? 1_555 148.5 ? 
71 OE1 ? A GLN 90  ? A GLN 267 ? 1_555 CA ? F CA . ? A CA 405 ? 1_555 O4  ? B A2G .   ? A A2G 401 ? 1_555 79.6  ? 
72 OD1 ? A ASP 92  ? A ASP 269 ? 1_555 CA ? F CA . ? A CA 405 ? 1_555 O4  ? B A2G .   ? A A2G 401 ? 1_555 75.9  ? 
73 OE2 ? A GLU 103 ? A GLU 280 ? 1_555 CA ? F CA . ? A CA 405 ? 1_555 O4  ? B A2G .   ? A A2G 401 ? 1_555 96.5  ? 
74 OD1 ? A ASN 115 ? A ASN 292 ? 1_555 CA ? F CA . ? A CA 405 ? 1_555 O4  ? B A2G .   ? A A2G 401 ? 1_555 97.0  ? 
75 O   ? A ASP 116 ? A ASP 293 ? 1_555 CA ? F CA . ? A CA 405 ? 1_555 O4  ? B A2G .   ? A A2G 401 ? 1_555 136.4 ? 
76 OD1 ? A ASP 116 ? A ASP 293 ? 1_555 CA ? F CA . ? A CA 405 ? 1_555 O4  ? B A2G .   ? A A2G 401 ? 1_555 148.1 ? 
77 O3  ? B A2G .   ? A A2G 401 ? 1_555 CA ? F CA . ? A CA 405 ? 1_555 O4  ? B A2G .   ? A A2G 401 ? 1_555 63.4  ? 
# 
loop_
_pdbx_modification_feature.ordinal 
_pdbx_modification_feature.label_comp_id 
_pdbx_modification_feature.label_asym_id 
_pdbx_modification_feature.label_seq_id 
_pdbx_modification_feature.label_alt_id 
_pdbx_modification_feature.modified_residue_label_comp_id 
_pdbx_modification_feature.modified_residue_label_asym_id 
_pdbx_modification_feature.modified_residue_label_seq_id 
_pdbx_modification_feature.modified_residue_label_alt_id 
_pdbx_modification_feature.auth_comp_id 
_pdbx_modification_feature.auth_asym_id 
_pdbx_modification_feature.auth_seq_id 
_pdbx_modification_feature.PDB_ins_code 
_pdbx_modification_feature.symmetry 
_pdbx_modification_feature.modified_residue_auth_comp_id 
_pdbx_modification_feature.modified_residue_auth_asym_id 
_pdbx_modification_feature.modified_residue_auth_seq_id 
_pdbx_modification_feature.modified_residue_PDB_ins_code 
_pdbx_modification_feature.modified_residue_symmetry 
_pdbx_modification_feature.comp_id_linking_atom 
_pdbx_modification_feature.modified_residue_id_linking_atom 
_pdbx_modification_feature.modified_residue_id 
_pdbx_modification_feature.ref_pcm_id 
_pdbx_modification_feature.ref_comp_id 
_pdbx_modification_feature.type 
_pdbx_modification_feature.category 
1 CYS A 4   A CYS A 15  A CYS A 181 ? 1_555 CYS A 192 ? 1_555 SG SG . . . None 'Disulfide bridge' 
2 CYS A 32  ? CYS A 127 ? CYS A 209 ? 1_555 CYS A 304 ? 1_555 SG SG . . . None 'Disulfide bridge' 
3 CYS A 105 A CYS A 119 A CYS A 282 ? 1_555 CYS A 296 ? 1_555 SG SG . . . None 'Disulfide bridge' 
# 
_struct_mon_prot_cis.pdbx_id                1 
_struct_mon_prot_cis.label_comp_id          GLN 
_struct_mon_prot_cis.label_seq_id           90 
_struct_mon_prot_cis.label_asym_id          A 
_struct_mon_prot_cis.label_alt_id           . 
_struct_mon_prot_cis.pdbx_PDB_ins_code      ? 
_struct_mon_prot_cis.auth_comp_id           GLN 
_struct_mon_prot_cis.auth_seq_id            267 
_struct_mon_prot_cis.auth_asym_id           A 
_struct_mon_prot_cis.pdbx_label_comp_id_2   PRO 
_struct_mon_prot_cis.pdbx_label_seq_id_2    91 
_struct_mon_prot_cis.pdbx_label_asym_id_2   A 
_struct_mon_prot_cis.pdbx_PDB_ins_code_2    ? 
_struct_mon_prot_cis.pdbx_auth_comp_id_2    PRO 
_struct_mon_prot_cis.pdbx_auth_seq_id_2     268 
_struct_mon_prot_cis.pdbx_auth_asym_id_2    A 
_struct_mon_prot_cis.pdbx_PDB_model_num     1 
_struct_mon_prot_cis.pdbx_omega_angle       -5.62 
# 
loop_
_struct_sheet.id 
_struct_sheet.type 
_struct_sheet.number_strands 
_struct_sheet.details 
AA1 ? 5 ? 
AA2 ? 5 ? 
# 
loop_
_struct_sheet_order.sheet_id 
_struct_sheet_order.range_id_1 
_struct_sheet_order.range_id_2 
_struct_sheet_order.offset 
_struct_sheet_order.sense 
AA1 1 2 ? anti-parallel 
AA1 2 3 ? anti-parallel 
AA1 3 4 ? parallel      
AA1 4 5 ? anti-parallel 
AA2 1 2 ? anti-parallel 
AA2 2 3 ? parallel      
AA2 3 4 ? anti-parallel 
AA2 4 5 ? anti-parallel 
# 
loop_
_struct_sheet_range.sheet_id 
_struct_sheet_range.id 
_struct_sheet_range.beg_label_comp_id 
_struct_sheet_range.beg_label_asym_id 
_struct_sheet_range.beg_label_seq_id 
_struct_sheet_range.pdbx_beg_PDB_ins_code 
_struct_sheet_range.end_label_comp_id 
_struct_sheet_range.end_label_asym_id 
_struct_sheet_range.end_label_seq_id 
_struct_sheet_range.pdbx_end_PDB_ins_code 
_struct_sheet_range.beg_auth_comp_id 
_struct_sheet_range.beg_auth_asym_id 
_struct_sheet_range.beg_auth_seq_id 
_struct_sheet_range.end_auth_comp_id 
_struct_sheet_range.end_auth_asym_id 
_struct_sheet_range.end_auth_seq_id 
AA1 1 VAL A 9   ? HIS A 11  ? VAL A 186 HIS A 188 
AA1 2 SER A 14  ? PHE A 18  ? SER A 191 PHE A 195 
AA1 3 HIS A 124 ? GLY A 130 ? HIS A 301 GLY A 307 
AA1 4 THR A 60  ? SER A 65  ? THR A 237 SER A 242 
AA1 5 LYS A 72  ? TRP A 73  ? LYS A 249 TRP A 250 
AA2 1 HIS A 38  ? LEU A 39  ? HIS A 215 LEU A 216 
AA2 2 HIS A 124 ? GLY A 130 ? HIS A 301 GLY A 307 
AA2 3 THR A 60  ? SER A 65  ? THR A 237 SER A 242 
AA2 4 CYS A 105 ? PHE A 108 ? CYS A 282 PHE A 285 
AA2 5 TRP A 114 ? ASP A 117 ? TRP A 291 ASP A 294 
# 
loop_
_pdbx_struct_sheet_hbond.sheet_id 
_pdbx_struct_sheet_hbond.range_id_1 
_pdbx_struct_sheet_hbond.range_id_2 
_pdbx_struct_sheet_hbond.range_1_label_atom_id 
_pdbx_struct_sheet_hbond.range_1_label_comp_id 
_pdbx_struct_sheet_hbond.range_1_label_asym_id 
_pdbx_struct_sheet_hbond.range_1_label_seq_id 
_pdbx_struct_sheet_hbond.range_1_PDB_ins_code 
_pdbx_struct_sheet_hbond.range_1_auth_atom_id 
_pdbx_struct_sheet_hbond.range_1_auth_comp_id 
_pdbx_struct_sheet_hbond.range_1_auth_asym_id 
_pdbx_struct_sheet_hbond.range_1_auth_seq_id 
_pdbx_struct_sheet_hbond.range_2_label_atom_id 
_pdbx_struct_sheet_hbond.range_2_label_comp_id 
_pdbx_struct_sheet_hbond.range_2_label_asym_id 
_pdbx_struct_sheet_hbond.range_2_label_seq_id 
_pdbx_struct_sheet_hbond.range_2_PDB_ins_code 
_pdbx_struct_sheet_hbond.range_2_auth_atom_id 
_pdbx_struct_sheet_hbond.range_2_auth_comp_id 
_pdbx_struct_sheet_hbond.range_2_auth_asym_id 
_pdbx_struct_sheet_hbond.range_2_auth_seq_id 
AA1 1 2 N VAL A 9   ? N VAL A 186 O TYR A 16  ? O TYR A 193 
AA1 2 3 N CYS A 15  ? N CYS A 192 O ALA A 129 ? O ALA A 306 
AA1 3 4 O HIS A 124 ? O HIS A 301 N TRP A 61  ? N TRP A 238 
AA1 4 5 N SER A 65  ? N SER A 242 O LYS A 72  ? O LYS A 249 
AA2 1 2 N HIS A 38  ? N HIS A 215 O GLU A 128 ? O GLU A 305 
AA2 2 3 O HIS A 124 ? O HIS A 301 N TRP A 61  ? N TRP A 238 
AA2 3 4 N THR A 60  ? N THR A 237 O PHE A 108 ? O PHE A 285 
AA2 4 5 N CYS A 105 ? N CYS A 282 O ASP A 117 ? O ASP A 294 
# 
_pdbx_entry_details.entry_id                   6PY1 
_pdbx_entry_details.nonpolymer_details         ? 
_pdbx_entry_details.sequence_details           ? 
_pdbx_entry_details.compound_details           ? 
_pdbx_entry_details.source_details             ? 
_pdbx_entry_details.has_ligand_of_interest     Y 
_pdbx_entry_details.has_protein_modification   Y 
# 
loop_
_pdbx_validate_close_contact.id 
_pdbx_validate_close_contact.PDB_model_num 
_pdbx_validate_close_contact.auth_atom_id_1 
_pdbx_validate_close_contact.auth_asym_id_1 
_pdbx_validate_close_contact.auth_comp_id_1 
_pdbx_validate_close_contact.auth_seq_id_1 
_pdbx_validate_close_contact.PDB_ins_code_1 
_pdbx_validate_close_contact.label_alt_id_1 
_pdbx_validate_close_contact.auth_atom_id_2 
_pdbx_validate_close_contact.auth_asym_id_2 
_pdbx_validate_close_contact.auth_comp_id_2 
_pdbx_validate_close_contact.auth_seq_id_2 
_pdbx_validate_close_contact.PDB_ins_code_2 
_pdbx_validate_close_contact.label_alt_id_2 
_pdbx_validate_close_contact.dist 
1 1 O   A HOH 502 ? ? O A HOH 578 ? ? 2.01 
2 1 OD2 A ASP 281 ? ? O A HOH 502 ? ? 2.05 
3 1 O   A HOH 502 ? ? O A HOH 570 ? ? 2.05 
4 1 O   A HOH 502 ? ? O A HOH 636 ? ? 2.10 
5 1 O   A HOH 504 ? ? O A HOH 595 ? ? 2.13 
6 1 O   A HOH 503 ? ? O A HOH 510 ? ? 2.15 
7 1 O   A HOH 502 ? ? O A HOH 545 ? ? 2.15 
8 1 O   A GLY 277 ? ? O A HOH 503 ? ? 2.16 
9 1 O   A HOH 503 ? ? O A HOH 549 ? ? 2.19 
# 
loop_
_pdbx_validate_torsion.id 
_pdbx_validate_torsion.PDB_model_num 
_pdbx_validate_torsion.auth_comp_id 
_pdbx_validate_torsion.auth_asym_id 
_pdbx_validate_torsion.auth_seq_id 
_pdbx_validate_torsion.PDB_ins_code 
_pdbx_validate_torsion.label_alt_id 
_pdbx_validate_torsion.phi 
_pdbx_validate_torsion.psi 
1 1 ASN A 184 ? ? 82.59   -3.42 
2 1 ASP A 243 ? ? -140.60 39.20 
3 1 GLU A 245 ? A -106.51 59.50 
4 1 ASN A 262 ? ? -148.85 48.98 
# 
loop_
_pdbx_struct_special_symmetry.id 
_pdbx_struct_special_symmetry.PDB_model_num 
_pdbx_struct_special_symmetry.auth_asym_id 
_pdbx_struct_special_symmetry.auth_comp_id 
_pdbx_struct_special_symmetry.auth_seq_id 
_pdbx_struct_special_symmetry.PDB_ins_code 
_pdbx_struct_special_symmetry.label_asym_id 
_pdbx_struct_special_symmetry.label_comp_id 
_pdbx_struct_special_symmetry.label_seq_id 
1 1 A CL  407 ? H CL  . 
2 1 A HOH 543 ? M HOH . 
3 1 A HOH 589 ? M HOH . 
4 1 A HOH 640 ? M HOH . 
# 
loop_
_pdbx_unobs_or_zero_occ_residues.id 
_pdbx_unobs_or_zero_occ_residues.PDB_model_num 
_pdbx_unobs_or_zero_occ_residues.polymer_flag 
_pdbx_unobs_or_zero_occ_residues.occupancy_flag 
_pdbx_unobs_or_zero_occ_residues.auth_asym_id 
_pdbx_unobs_or_zero_occ_residues.auth_comp_id 
_pdbx_unobs_or_zero_occ_residues.auth_seq_id 
_pdbx_unobs_or_zero_occ_residues.PDB_ins_code 
_pdbx_unobs_or_zero_occ_residues.label_asym_id 
_pdbx_unobs_or_zero_occ_residues.label_comp_id 
_pdbx_unobs_or_zero_occ_residues.label_seq_id 
1 1 Y 1 A GLY 178 ? A GLY 1   
2 1 Y 1 A GLY 309 ? A GLY 132 
# 
loop_
_chem_comp_atom.comp_id 
_chem_comp_atom.atom_id 
_chem_comp_atom.type_symbol 
_chem_comp_atom.pdbx_aromatic_flag 
_chem_comp_atom.pdbx_stereo_config 
_chem_comp_atom.pdbx_ordinal 
A2G O5   O  N N 1   
A2G C1   C  N S 2   
A2G O1   O  N N 3   
A2G C2   C  N R 4   
A2G N2   N  N N 5   
A2G C3   C  N R 6   
A2G O3   O  N N 7   
A2G C4   C  N R 8   
A2G O4   O  N N 9   
A2G C5   C  N R 10  
A2G C6   C  N N 11  
A2G O6   O  N N 12  
A2G C7   C  N N 13  
A2G O7   O  N N 14  
A2G C8   C  N N 15  
A2G H1   H  N N 16  
A2G HO1  H  N N 17  
A2G H2   H  N N 18  
A2G HN2  H  N N 19  
A2G H3   H  N N 20  
A2G HO3  H  N N 21  
A2G H4   H  N N 22  
A2G HO4  H  N N 23  
A2G H5   H  N N 24  
A2G H61  H  N N 25  
A2G H81  H  N N 26  
A2G H82  H  N N 27  
A2G H83  H  N N 28  
A2G H62  H  N N 29  
A2G HO6  H  N N 30  
ACT C    C  N N 31  
ACT O    O  N N 32  
ACT OXT  O  N N 33  
ACT CH3  C  N N 34  
ACT H1   H  N N 35  
ACT H2   H  N N 36  
ACT H3   H  N N 37  
ALA N    N  N N 38  
ALA CA   C  N S 39  
ALA C    C  N N 40  
ALA O    O  N N 41  
ALA CB   C  N N 42  
ALA OXT  O  N N 43  
ALA H    H  N N 44  
ALA H2   H  N N 45  
ALA HA   H  N N 46  
ALA HB1  H  N N 47  
ALA HB2  H  N N 48  
ALA HB3  H  N N 49  
ALA HXT  H  N N 50  
ARG N    N  N N 51  
ARG CA   C  N S 52  
ARG C    C  N N 53  
ARG O    O  N N 54  
ARG CB   C  N N 55  
ARG CG   C  N N 56  
ARG CD   C  N N 57  
ARG NE   N  N N 58  
ARG CZ   C  N N 59  
ARG NH1  N  N N 60  
ARG NH2  N  N N 61  
ARG OXT  O  N N 62  
ARG H    H  N N 63  
ARG H2   H  N N 64  
ARG HA   H  N N 65  
ARG HB2  H  N N 66  
ARG HB3  H  N N 67  
ARG HG2  H  N N 68  
ARG HG3  H  N N 69  
ARG HD2  H  N N 70  
ARG HD3  H  N N 71  
ARG HE   H  N N 72  
ARG HH11 H  N N 73  
ARG HH12 H  N N 74  
ARG HH21 H  N N 75  
ARG HH22 H  N N 76  
ARG HXT  H  N N 77  
ASN N    N  N N 78  
ASN CA   C  N S 79  
ASN C    C  N N 80  
ASN O    O  N N 81  
ASN CB   C  N N 82  
ASN CG   C  N N 83  
ASN OD1  O  N N 84  
ASN ND2  N  N N 85  
ASN OXT  O  N N 86  
ASN H    H  N N 87  
ASN H2   H  N N 88  
ASN HA   H  N N 89  
ASN HB2  H  N N 90  
ASN HB3  H  N N 91  
ASN HD21 H  N N 92  
ASN HD22 H  N N 93  
ASN HXT  H  N N 94  
ASP N    N  N N 95  
ASP CA   C  N S 96  
ASP C    C  N N 97  
ASP O    O  N N 98  
ASP CB   C  N N 99  
ASP CG   C  N N 100 
ASP OD1  O  N N 101 
ASP OD2  O  N N 102 
ASP OXT  O  N N 103 
ASP H    H  N N 104 
ASP H2   H  N N 105 
ASP HA   H  N N 106 
ASP HB2  H  N N 107 
ASP HB3  H  N N 108 
ASP HD2  H  N N 109 
ASP HXT  H  N N 110 
CA  CA   CA N N 111 
CL  CL   CL N N 112 
CYS N    N  N N 113 
CYS CA   C  N R 114 
CYS C    C  N N 115 
CYS O    O  N N 116 
CYS CB   C  N N 117 
CYS SG   S  N N 118 
CYS OXT  O  N N 119 
CYS H    H  N N 120 
CYS H2   H  N N 121 
CYS HA   H  N N 122 
CYS HB2  H  N N 123 
CYS HB3  H  N N 124 
CYS HG   H  N N 125 
CYS HXT  H  N N 126 
GLN N    N  N N 127 
GLN CA   C  N S 128 
GLN C    C  N N 129 
GLN O    O  N N 130 
GLN CB   C  N N 131 
GLN CG   C  N N 132 
GLN CD   C  N N 133 
GLN OE1  O  N N 134 
GLN NE2  N  N N 135 
GLN OXT  O  N N 136 
GLN H    H  N N 137 
GLN H2   H  N N 138 
GLN HA   H  N N 139 
GLN HB2  H  N N 140 
GLN HB3  H  N N 141 
GLN HG2  H  N N 142 
GLN HG3  H  N N 143 
GLN HE21 H  N N 144 
GLN HE22 H  N N 145 
GLN HXT  H  N N 146 
GLU N    N  N N 147 
GLU CA   C  N S 148 
GLU C    C  N N 149 
GLU O    O  N N 150 
GLU CB   C  N N 151 
GLU CG   C  N N 152 
GLU CD   C  N N 153 
GLU OE1  O  N N 154 
GLU OE2  O  N N 155 
GLU OXT  O  N N 156 
GLU H    H  N N 157 
GLU H2   H  N N 158 
GLU HA   H  N N 159 
GLU HB2  H  N N 160 
GLU HB3  H  N N 161 
GLU HG2  H  N N 162 
GLU HG3  H  N N 163 
GLU HE2  H  N N 164 
GLU HXT  H  N N 165 
GLY N    N  N N 166 
GLY CA   C  N N 167 
GLY C    C  N N 168 
GLY O    O  N N 169 
GLY OXT  O  N N 170 
GLY H    H  N N 171 
GLY H2   H  N N 172 
GLY HA2  H  N N 173 
GLY HA3  H  N N 174 
GLY HXT  H  N N 175 
HIS N    N  N N 176 
HIS CA   C  N S 177 
HIS C    C  N N 178 
HIS O    O  N N 179 
HIS CB   C  N N 180 
HIS CG   C  Y N 181 
HIS ND1  N  Y N 182 
HIS CD2  C  Y N 183 
HIS CE1  C  Y N 184 
HIS NE2  N  Y N 185 
HIS OXT  O  N N 186 
HIS H    H  N N 187 
HIS H2   H  N N 188 
HIS HA   H  N N 189 
HIS HB2  H  N N 190 
HIS HB3  H  N N 191 
HIS HD1  H  N N 192 
HIS HD2  H  N N 193 
HIS HE1  H  N N 194 
HIS HE2  H  N N 195 
HIS HXT  H  N N 196 
HOH O    O  N N 197 
HOH H1   H  N N 198 
HOH H2   H  N N 199 
ILE N    N  N N 200 
ILE CA   C  N S 201 
ILE C    C  N N 202 
ILE O    O  N N 203 
ILE CB   C  N S 204 
ILE CG1  C  N N 205 
ILE CG2  C  N N 206 
ILE CD1  C  N N 207 
ILE OXT  O  N N 208 
ILE H    H  N N 209 
ILE H2   H  N N 210 
ILE HA   H  N N 211 
ILE HB   H  N N 212 
ILE HG12 H  N N 213 
ILE HG13 H  N N 214 
ILE HG21 H  N N 215 
ILE HG22 H  N N 216 
ILE HG23 H  N N 217 
ILE HD11 H  N N 218 
ILE HD12 H  N N 219 
ILE HD13 H  N N 220 
ILE HXT  H  N N 221 
LEU N    N  N N 222 
LEU CA   C  N S 223 
LEU C    C  N N 224 
LEU O    O  N N 225 
LEU CB   C  N N 226 
LEU CG   C  N N 227 
LEU CD1  C  N N 228 
LEU CD2  C  N N 229 
LEU OXT  O  N N 230 
LEU H    H  N N 231 
LEU H2   H  N N 232 
LEU HA   H  N N 233 
LEU HB2  H  N N 234 
LEU HB3  H  N N 235 
LEU HG   H  N N 236 
LEU HD11 H  N N 237 
LEU HD12 H  N N 238 
LEU HD13 H  N N 239 
LEU HD21 H  N N 240 
LEU HD22 H  N N 241 
LEU HD23 H  N N 242 
LEU HXT  H  N N 243 
LYS N    N  N N 244 
LYS CA   C  N S 245 
LYS C    C  N N 246 
LYS O    O  N N 247 
LYS CB   C  N N 248 
LYS CG   C  N N 249 
LYS CD   C  N N 250 
LYS CE   C  N N 251 
LYS NZ   N  N N 252 
LYS OXT  O  N N 253 
LYS H    H  N N 254 
LYS H2   H  N N 255 
LYS HA   H  N N 256 
LYS HB2  H  N N 257 
LYS HB3  H  N N 258 
LYS HG2  H  N N 259 
LYS HG3  H  N N 260 
LYS HD2  H  N N 261 
LYS HD3  H  N N 262 
LYS HE2  H  N N 263 
LYS HE3  H  N N 264 
LYS HZ1  H  N N 265 
LYS HZ2  H  N N 266 
LYS HZ3  H  N N 267 
LYS HXT  H  N N 268 
MET N    N  N N 269 
MET CA   C  N S 270 
MET C    C  N N 271 
MET O    O  N N 272 
MET CB   C  N N 273 
MET CG   C  N N 274 
MET SD   S  N N 275 
MET CE   C  N N 276 
MET OXT  O  N N 277 
MET H    H  N N 278 
MET H2   H  N N 279 
MET HA   H  N N 280 
MET HB2  H  N N 281 
MET HB3  H  N N 282 
MET HG2  H  N N 283 
MET HG3  H  N N 284 
MET HE1  H  N N 285 
MET HE2  H  N N 286 
MET HE3  H  N N 287 
MET HXT  H  N N 288 
PHE N    N  N N 289 
PHE CA   C  N S 290 
PHE C    C  N N 291 
PHE O    O  N N 292 
PHE CB   C  N N 293 
PHE CG   C  Y N 294 
PHE CD1  C  Y N 295 
PHE CD2  C  Y N 296 
PHE CE1  C  Y N 297 
PHE CE2  C  Y N 298 
PHE CZ   C  Y N 299 
PHE OXT  O  N N 300 
PHE H    H  N N 301 
PHE H2   H  N N 302 
PHE HA   H  N N 303 
PHE HB2  H  N N 304 
PHE HB3  H  N N 305 
PHE HD1  H  N N 306 
PHE HD2  H  N N 307 
PHE HE1  H  N N 308 
PHE HE2  H  N N 309 
PHE HZ   H  N N 310 
PHE HXT  H  N N 311 
PRO N    N  N N 312 
PRO CA   C  N S 313 
PRO C    C  N N 314 
PRO O    O  N N 315 
PRO CB   C  N N 316 
PRO CG   C  N N 317 
PRO CD   C  N N 318 
PRO OXT  O  N N 319 
PRO H    H  N N 320 
PRO HA   H  N N 321 
PRO HB2  H  N N 322 
PRO HB3  H  N N 323 
PRO HG2  H  N N 324 
PRO HG3  H  N N 325 
PRO HD2  H  N N 326 
PRO HD3  H  N N 327 
PRO HXT  H  N N 328 
SER N    N  N N 329 
SER CA   C  N S 330 
SER C    C  N N 331 
SER O    O  N N 332 
SER CB   C  N N 333 
SER OG   O  N N 334 
SER OXT  O  N N 335 
SER H    H  N N 336 
SER H2   H  N N 337 
SER HA   H  N N 338 
SER HB2  H  N N 339 
SER HB3  H  N N 340 
SER HG   H  N N 341 
SER HXT  H  N N 342 
THR N    N  N N 343 
THR CA   C  N S 344 
THR C    C  N N 345 
THR O    O  N N 346 
THR CB   C  N R 347 
THR OG1  O  N N 348 
THR CG2  C  N N 349 
THR OXT  O  N N 350 
THR H    H  N N 351 
THR H2   H  N N 352 
THR HA   H  N N 353 
THR HB   H  N N 354 
THR HG1  H  N N 355 
THR HG21 H  N N 356 
THR HG22 H  N N 357 
THR HG23 H  N N 358 
THR HXT  H  N N 359 
TRP N    N  N N 360 
TRP CA   C  N S 361 
TRP C    C  N N 362 
TRP O    O  N N 363 
TRP CB   C  N N 364 
TRP CG   C  Y N 365 
TRP CD1  C  Y N 366 
TRP CD2  C  Y N 367 
TRP NE1  N  Y N 368 
TRP CE2  C  Y N 369 
TRP CE3  C  Y N 370 
TRP CZ2  C  Y N 371 
TRP CZ3  C  Y N 372 
TRP CH2  C  Y N 373 
TRP OXT  O  N N 374 
TRP H    H  N N 375 
TRP H2   H  N N 376 
TRP HA   H  N N 377 
TRP HB2  H  N N 378 
TRP HB3  H  N N 379 
TRP HD1  H  N N 380 
TRP HE1  H  N N 381 
TRP HE3  H  N N 382 
TRP HZ2  H  N N 383 
TRP HZ3  H  N N 384 
TRP HH2  H  N N 385 
TRP HXT  H  N N 386 
TYR N    N  N N 387 
TYR CA   C  N S 388 
TYR C    C  N N 389 
TYR O    O  N N 390 
TYR CB   C  N N 391 
TYR CG   C  Y N 392 
TYR CD1  C  Y N 393 
TYR CD2  C  Y N 394 
TYR CE1  C  Y N 395 
TYR CE2  C  Y N 396 
TYR CZ   C  Y N 397 
TYR OH   O  N N 398 
TYR OXT  O  N N 399 
TYR H    H  N N 400 
TYR H2   H  N N 401 
TYR HA   H  N N 402 
TYR HB2  H  N N 403 
TYR HB3  H  N N 404 
TYR HD1  H  N N 405 
TYR HD2  H  N N 406 
TYR HE1  H  N N 407 
TYR HE2  H  N N 408 
TYR HH   H  N N 409 
TYR HXT  H  N N 410 
VAL N    N  N N 411 
VAL CA   C  N S 412 
VAL C    C  N N 413 
VAL O    O  N N 414 
VAL CB   C  N N 415 
VAL CG1  C  N N 416 
VAL CG2  C  N N 417 
VAL OXT  O  N N 418 
VAL H    H  N N 419 
VAL H2   H  N N 420 
VAL HA   H  N N 421 
VAL HB   H  N N 422 
VAL HG11 H  N N 423 
VAL HG12 H  N N 424 
VAL HG13 H  N N 425 
VAL HG21 H  N N 426 
VAL HG22 H  N N 427 
VAL HG23 H  N N 428 
VAL HXT  H  N N 429 
# 
loop_
_chem_comp_bond.comp_id 
_chem_comp_bond.atom_id_1 
_chem_comp_bond.atom_id_2 
_chem_comp_bond.value_order 
_chem_comp_bond.pdbx_aromatic_flag 
_chem_comp_bond.pdbx_stereo_config 
_chem_comp_bond.pdbx_ordinal 
A2G O5  C5   sing N N 1   
A2G C1  O5   sing N N 2   
A2G C1  C2   sing N N 3   
A2G C1  H1   sing N N 4   
A2G O1  C1   sing N N 5   
A2G O1  HO1  sing N N 6   
A2G C2  C3   sing N N 7   
A2G C2  H2   sing N N 8   
A2G N2  C2   sing N N 9   
A2G N2  HN2  sing N N 10  
A2G C3  C4   sing N N 11  
A2G C3  O3   sing N N 12  
A2G C3  H3   sing N N 13  
A2G O3  HO3  sing N N 14  
A2G C4  O4   sing N N 15  
A2G C4  H4   sing N N 16  
A2G O4  HO4  sing N N 17  
A2G C5  C4   sing N N 18  
A2G C5  C6   sing N N 19  
A2G C5  H5   sing N N 20  
A2G C6  O6   sing N N 21  
A2G C6  H61  sing N N 22  
A2G C7  N2   sing N N 23  
A2G O7  C7   doub N N 24  
A2G C8  C7   sing N N 25  
A2G C8  H81  sing N N 26  
A2G C8  H82  sing N N 27  
A2G C8  H83  sing N N 28  
A2G C6  H62  sing N N 29  
A2G O6  HO6  sing N N 30  
ACT C   O    doub N N 31  
ACT C   OXT  sing N N 32  
ACT C   CH3  sing N N 33  
ACT CH3 H1   sing N N 34  
ACT CH3 H2   sing N N 35  
ACT CH3 H3   sing N N 36  
ALA N   CA   sing N N 37  
ALA N   H    sing N N 38  
ALA N   H2   sing N N 39  
ALA CA  C    sing N N 40  
ALA CA  CB   sing N N 41  
ALA CA  HA   sing N N 42  
ALA C   O    doub N N 43  
ALA C   OXT  sing N N 44  
ALA CB  HB1  sing N N 45  
ALA CB  HB2  sing N N 46  
ALA CB  HB3  sing N N 47  
ALA OXT HXT  sing N N 48  
ARG N   CA   sing N N 49  
ARG N   H    sing N N 50  
ARG N   H2   sing N N 51  
ARG CA  C    sing N N 52  
ARG CA  CB   sing N N 53  
ARG CA  HA   sing N N 54  
ARG C   O    doub N N 55  
ARG C   OXT  sing N N 56  
ARG CB  CG   sing N N 57  
ARG CB  HB2  sing N N 58  
ARG CB  HB3  sing N N 59  
ARG CG  CD   sing N N 60  
ARG CG  HG2  sing N N 61  
ARG CG  HG3  sing N N 62  
ARG CD  NE   sing N N 63  
ARG CD  HD2  sing N N 64  
ARG CD  HD3  sing N N 65  
ARG NE  CZ   sing N N 66  
ARG NE  HE   sing N N 67  
ARG CZ  NH1  sing N N 68  
ARG CZ  NH2  doub N N 69  
ARG NH1 HH11 sing N N 70  
ARG NH1 HH12 sing N N 71  
ARG NH2 HH21 sing N N 72  
ARG NH2 HH22 sing N N 73  
ARG OXT HXT  sing N N 74  
ASN N   CA   sing N N 75  
ASN N   H    sing N N 76  
ASN N   H2   sing N N 77  
ASN CA  C    sing N N 78  
ASN CA  CB   sing N N 79  
ASN CA  HA   sing N N 80  
ASN C   O    doub N N 81  
ASN C   OXT  sing N N 82  
ASN CB  CG   sing N N 83  
ASN CB  HB2  sing N N 84  
ASN CB  HB3  sing N N 85  
ASN CG  OD1  doub N N 86  
ASN CG  ND2  sing N N 87  
ASN ND2 HD21 sing N N 88  
ASN ND2 HD22 sing N N 89  
ASN OXT HXT  sing N N 90  
ASP N   CA   sing N N 91  
ASP N   H    sing N N 92  
ASP N   H2   sing N N 93  
ASP CA  C    sing N N 94  
ASP CA  CB   sing N N 95  
ASP CA  HA   sing N N 96  
ASP C   O    doub N N 97  
ASP C   OXT  sing N N 98  
ASP CB  CG   sing N N 99  
ASP CB  HB2  sing N N 100 
ASP CB  HB3  sing N N 101 
ASP CG  OD1  doub N N 102 
ASP CG  OD2  sing N N 103 
ASP OD2 HD2  sing N N 104 
ASP OXT HXT  sing N N 105 
CYS N   CA   sing N N 106 
CYS N   H    sing N N 107 
CYS N   H2   sing N N 108 
CYS CA  C    sing N N 109 
CYS CA  CB   sing N N 110 
CYS CA  HA   sing N N 111 
CYS C   O    doub N N 112 
CYS C   OXT  sing N N 113 
CYS CB  SG   sing N N 114 
CYS CB  HB2  sing N N 115 
CYS CB  HB3  sing N N 116 
CYS SG  HG   sing N N 117 
CYS OXT HXT  sing N N 118 
GLN N   CA   sing N N 119 
GLN N   H    sing N N 120 
GLN N   H2   sing N N 121 
GLN CA  C    sing N N 122 
GLN CA  CB   sing N N 123 
GLN CA  HA   sing N N 124 
GLN C   O    doub N N 125 
GLN C   OXT  sing N N 126 
GLN CB  CG   sing N N 127 
GLN CB  HB2  sing N N 128 
GLN CB  HB3  sing N N 129 
GLN CG  CD   sing N N 130 
GLN CG  HG2  sing N N 131 
GLN CG  HG3  sing N N 132 
GLN CD  OE1  doub N N 133 
GLN CD  NE2  sing N N 134 
GLN NE2 HE21 sing N N 135 
GLN NE2 HE22 sing N N 136 
GLN OXT HXT  sing N N 137 
GLU N   CA   sing N N 138 
GLU N   H    sing N N 139 
GLU N   H2   sing N N 140 
GLU CA  C    sing N N 141 
GLU CA  CB   sing N N 142 
GLU CA  HA   sing N N 143 
GLU C   O    doub N N 144 
GLU C   OXT  sing N N 145 
GLU CB  CG   sing N N 146 
GLU CB  HB2  sing N N 147 
GLU CB  HB3  sing N N 148 
GLU CG  CD   sing N N 149 
GLU CG  HG2  sing N N 150 
GLU CG  HG3  sing N N 151 
GLU CD  OE1  doub N N 152 
GLU CD  OE2  sing N N 153 
GLU OE2 HE2  sing N N 154 
GLU OXT HXT  sing N N 155 
GLY N   CA   sing N N 156 
GLY N   H    sing N N 157 
GLY N   H2   sing N N 158 
GLY CA  C    sing N N 159 
GLY CA  HA2  sing N N 160 
GLY CA  HA3  sing N N 161 
GLY C   O    doub N N 162 
GLY C   OXT  sing N N 163 
GLY OXT HXT  sing N N 164 
HIS N   CA   sing N N 165 
HIS N   H    sing N N 166 
HIS N   H2   sing N N 167 
HIS CA  C    sing N N 168 
HIS CA  CB   sing N N 169 
HIS CA  HA   sing N N 170 
HIS C   O    doub N N 171 
HIS C   OXT  sing N N 172 
HIS CB  CG   sing N N 173 
HIS CB  HB2  sing N N 174 
HIS CB  HB3  sing N N 175 
HIS CG  ND1  sing Y N 176 
HIS CG  CD2  doub Y N 177 
HIS ND1 CE1  doub Y N 178 
HIS ND1 HD1  sing N N 179 
HIS CD2 NE2  sing Y N 180 
HIS CD2 HD2  sing N N 181 
HIS CE1 NE2  sing Y N 182 
HIS CE1 HE1  sing N N 183 
HIS NE2 HE2  sing N N 184 
HIS OXT HXT  sing N N 185 
HOH O   H1   sing N N 186 
HOH O   H2   sing N N 187 
ILE N   CA   sing N N 188 
ILE N   H    sing N N 189 
ILE N   H2   sing N N 190 
ILE CA  C    sing N N 191 
ILE CA  CB   sing N N 192 
ILE CA  HA   sing N N 193 
ILE C   O    doub N N 194 
ILE C   OXT  sing N N 195 
ILE CB  CG1  sing N N 196 
ILE CB  CG2  sing N N 197 
ILE CB  HB   sing N N 198 
ILE CG1 CD1  sing N N 199 
ILE CG1 HG12 sing N N 200 
ILE CG1 HG13 sing N N 201 
ILE CG2 HG21 sing N N 202 
ILE CG2 HG22 sing N N 203 
ILE CG2 HG23 sing N N 204 
ILE CD1 HD11 sing N N 205 
ILE CD1 HD12 sing N N 206 
ILE CD1 HD13 sing N N 207 
ILE OXT HXT  sing N N 208 
LEU N   CA   sing N N 209 
LEU N   H    sing N N 210 
LEU N   H2   sing N N 211 
LEU CA  C    sing N N 212 
LEU CA  CB   sing N N 213 
LEU CA  HA   sing N N 214 
LEU C   O    doub N N 215 
LEU C   OXT  sing N N 216 
LEU CB  CG   sing N N 217 
LEU CB  HB2  sing N N 218 
LEU CB  HB3  sing N N 219 
LEU CG  CD1  sing N N 220 
LEU CG  CD2  sing N N 221 
LEU CG  HG   sing N N 222 
LEU CD1 HD11 sing N N 223 
LEU CD1 HD12 sing N N 224 
LEU CD1 HD13 sing N N 225 
LEU CD2 HD21 sing N N 226 
LEU CD2 HD22 sing N N 227 
LEU CD2 HD23 sing N N 228 
LEU OXT HXT  sing N N 229 
LYS N   CA   sing N N 230 
LYS N   H    sing N N 231 
LYS N   H2   sing N N 232 
LYS CA  C    sing N N 233 
LYS CA  CB   sing N N 234 
LYS CA  HA   sing N N 235 
LYS C   O    doub N N 236 
LYS C   OXT  sing N N 237 
LYS CB  CG   sing N N 238 
LYS CB  HB2  sing N N 239 
LYS CB  HB3  sing N N 240 
LYS CG  CD   sing N N 241 
LYS CG  HG2  sing N N 242 
LYS CG  HG3  sing N N 243 
LYS CD  CE   sing N N 244 
LYS CD  HD2  sing N N 245 
LYS CD  HD3  sing N N 246 
LYS CE  NZ   sing N N 247 
LYS CE  HE2  sing N N 248 
LYS CE  HE3  sing N N 249 
LYS NZ  HZ1  sing N N 250 
LYS NZ  HZ2  sing N N 251 
LYS NZ  HZ3  sing N N 252 
LYS OXT HXT  sing N N 253 
MET N   CA   sing N N 254 
MET N   H    sing N N 255 
MET N   H2   sing N N 256 
MET CA  C    sing N N 257 
MET CA  CB   sing N N 258 
MET CA  HA   sing N N 259 
MET C   O    doub N N 260 
MET C   OXT  sing N N 261 
MET CB  CG   sing N N 262 
MET CB  HB2  sing N N 263 
MET CB  HB3  sing N N 264 
MET CG  SD   sing N N 265 
MET CG  HG2  sing N N 266 
MET CG  HG3  sing N N 267 
MET SD  CE   sing N N 268 
MET CE  HE1  sing N N 269 
MET CE  HE2  sing N N 270 
MET CE  HE3  sing N N 271 
MET OXT HXT  sing N N 272 
PHE N   CA   sing N N 273 
PHE N   H    sing N N 274 
PHE N   H2   sing N N 275 
PHE CA  C    sing N N 276 
PHE CA  CB   sing N N 277 
PHE CA  HA   sing N N 278 
PHE C   O    doub N N 279 
PHE C   OXT  sing N N 280 
PHE CB  CG   sing N N 281 
PHE CB  HB2  sing N N 282 
PHE CB  HB3  sing N N 283 
PHE CG  CD1  doub Y N 284 
PHE CG  CD2  sing Y N 285 
PHE CD1 CE1  sing Y N 286 
PHE CD1 HD1  sing N N 287 
PHE CD2 CE2  doub Y N 288 
PHE CD2 HD2  sing N N 289 
PHE CE1 CZ   doub Y N 290 
PHE CE1 HE1  sing N N 291 
PHE CE2 CZ   sing Y N 292 
PHE CE2 HE2  sing N N 293 
PHE CZ  HZ   sing N N 294 
PHE OXT HXT  sing N N 295 
PRO N   CA   sing N N 296 
PRO N   CD   sing N N 297 
PRO N   H    sing N N 298 
PRO CA  C    sing N N 299 
PRO CA  CB   sing N N 300 
PRO CA  HA   sing N N 301 
PRO C   O    doub N N 302 
PRO C   OXT  sing N N 303 
PRO CB  CG   sing N N 304 
PRO CB  HB2  sing N N 305 
PRO CB  HB3  sing N N 306 
PRO CG  CD   sing N N 307 
PRO CG  HG2  sing N N 308 
PRO CG  HG3  sing N N 309 
PRO CD  HD2  sing N N 310 
PRO CD  HD3  sing N N 311 
PRO OXT HXT  sing N N 312 
SER N   CA   sing N N 313 
SER N   H    sing N N 314 
SER N   H2   sing N N 315 
SER CA  C    sing N N 316 
SER CA  CB   sing N N 317 
SER CA  HA   sing N N 318 
SER C   O    doub N N 319 
SER C   OXT  sing N N 320 
SER CB  OG   sing N N 321 
SER CB  HB2  sing N N 322 
SER CB  HB3  sing N N 323 
SER OG  HG   sing N N 324 
SER OXT HXT  sing N N 325 
THR N   CA   sing N N 326 
THR N   H    sing N N 327 
THR N   H2   sing N N 328 
THR CA  C    sing N N 329 
THR CA  CB   sing N N 330 
THR CA  HA   sing N N 331 
THR C   O    doub N N 332 
THR C   OXT  sing N N 333 
THR CB  OG1  sing N N 334 
THR CB  CG2  sing N N 335 
THR CB  HB   sing N N 336 
THR OG1 HG1  sing N N 337 
THR CG2 HG21 sing N N 338 
THR CG2 HG22 sing N N 339 
THR CG2 HG23 sing N N 340 
THR OXT HXT  sing N N 341 
TRP N   CA   sing N N 342 
TRP N   H    sing N N 343 
TRP N   H2   sing N N 344 
TRP CA  C    sing N N 345 
TRP CA  CB   sing N N 346 
TRP CA  HA   sing N N 347 
TRP C   O    doub N N 348 
TRP C   OXT  sing N N 349 
TRP CB  CG   sing N N 350 
TRP CB  HB2  sing N N 351 
TRP CB  HB3  sing N N 352 
TRP CG  CD1  doub Y N 353 
TRP CG  CD2  sing Y N 354 
TRP CD1 NE1  sing Y N 355 
TRP CD1 HD1  sing N N 356 
TRP CD2 CE2  doub Y N 357 
TRP CD2 CE3  sing Y N 358 
TRP NE1 CE2  sing Y N 359 
TRP NE1 HE1  sing N N 360 
TRP CE2 CZ2  sing Y N 361 
TRP CE3 CZ3  doub Y N 362 
TRP CE3 HE3  sing N N 363 
TRP CZ2 CH2  doub Y N 364 
TRP CZ2 HZ2  sing N N 365 
TRP CZ3 CH2  sing Y N 366 
TRP CZ3 HZ3  sing N N 367 
TRP CH2 HH2  sing N N 368 
TRP OXT HXT  sing N N 369 
TYR N   CA   sing N N 370 
TYR N   H    sing N N 371 
TYR N   H2   sing N N 372 
TYR CA  C    sing N N 373 
TYR CA  CB   sing N N 374 
TYR CA  HA   sing N N 375 
TYR C   O    doub N N 376 
TYR C   OXT  sing N N 377 
TYR CB  CG   sing N N 378 
TYR CB  HB2  sing N N 379 
TYR CB  HB3  sing N N 380 
TYR CG  CD1  doub Y N 381 
TYR CG  CD2  sing Y N 382 
TYR CD1 CE1  sing Y N 383 
TYR CD1 HD1  sing N N 384 
TYR CD2 CE2  doub Y N 385 
TYR CD2 HD2  sing N N 386 
TYR CE1 CZ   doub Y N 387 
TYR CE1 HE1  sing N N 388 
TYR CE2 CZ   sing Y N 389 
TYR CE2 HE2  sing N N 390 
TYR CZ  OH   sing N N 391 
TYR OH  HH   sing N N 392 
TYR OXT HXT  sing N N 393 
VAL N   CA   sing N N 394 
VAL N   H    sing N N 395 
VAL N   H2   sing N N 396 
VAL CA  C    sing N N 397 
VAL CA  CB   sing N N 398 
VAL CA  HA   sing N N 399 
VAL C   O    doub N N 400 
VAL C   OXT  sing N N 401 
VAL CB  CG1  sing N N 402 
VAL CB  CG2  sing N N 403 
VAL CB  HB   sing N N 404 
VAL CG1 HG11 sing N N 405 
VAL CG1 HG12 sing N N 406 
VAL CG1 HG13 sing N N 407 
VAL CG2 HG21 sing N N 408 
VAL CG2 HG22 sing N N 409 
VAL CG2 HG23 sing N N 410 
VAL OXT HXT  sing N N 411 
# 
loop_
_pdbx_audit_support.funding_organization 
_pdbx_audit_support.country 
_pdbx_audit_support.grant_number 
_pdbx_audit_support.ordinal 
'Science Foundation Ireland'         Ireland          12/IA/1398 1 
'Science Foundation Ireland'         Ireland          16/IA/4419 2 
'European Regional Development Fund' 'European Union' 16/IA/4419 3 
# 
_pdbx_initial_refinement_model.id               1 
_pdbx_initial_refinement_model.entity_id_list   ? 
_pdbx_initial_refinement_model.type             'experimental model' 
_pdbx_initial_refinement_model.source_name      PDB 
_pdbx_initial_refinement_model.accession_code   1DV8 
_pdbx_initial_refinement_model.details          ? 
# 
_atom_sites.entry_id                    6PY1 
_atom_sites.Cartn_transf_matrix[1][1]   ? 
_atom_sites.Cartn_transf_matrix[1][2]   ? 
_atom_sites.Cartn_transf_matrix[1][3]   ? 
_atom_sites.Cartn_transf_matrix[2][1]   ? 
_atom_sites.Cartn_transf_matrix[2][2]   ? 
_atom_sites.Cartn_transf_matrix[2][3]   ? 
_atom_sites.Cartn_transf_matrix[3][1]   ? 
_atom_sites.Cartn_transf_matrix[3][2]   ? 
_atom_sites.Cartn_transf_matrix[3][3]   ? 
_atom_sites.Cartn_transf_vector[1]      ? 
_atom_sites.Cartn_transf_vector[2]      ? 
_atom_sites.Cartn_transf_vector[3]      ? 
_atom_sites.fract_transf_matrix[1][1]   -0.01453248 
_atom_sites.fract_transf_matrix[1][2]   -0.00049688 
_atom_sites.fract_transf_matrix[1][3]   0.01688180 
_atom_sites.fract_transf_matrix[2][1]   -0.00857071 
_atom_sites.fract_transf_matrix[2][2]   0.01899551 
_atom_sites.fract_transf_matrix[2][3]   0.00788394 
_atom_sites.fract_transf_matrix[3][1]   -0.00668996 
_atom_sites.fract_transf_matrix[3][2]   -0.00062069 
_atom_sites.fract_transf_matrix[3][3]   -0.00577724 
_atom_sites.fract_transf_vector[1]      -0.095135 
_atom_sites.fract_transf_vector[2]      0.240040 
_atom_sites.fract_transf_vector[3]      0.039974 
_atom_sites.solution_primary            ? 
_atom_sites.solution_secondary          ? 
_atom_sites.solution_hydrogens          ? 
_atom_sites.special_details             ? 
# 
loop_
_atom_type.symbol 
_atom_type.scat_Cromer_Mann_a1 
_atom_type.scat_Cromer_Mann_b1 
_atom_type.scat_Cromer_Mann_a2 
_atom_type.scat_Cromer_Mann_b2 
_atom_type.scat_Cromer_Mann_a3 
_atom_type.scat_Cromer_Mann_b3 
_atom_type.scat_Cromer_Mann_a4 
_atom_type.scat_Cromer_Mann_b4 
_atom_type.scat_Cromer_Mann_c 
C  2.310  20.844 1.020 10.208 1.589 0.569  0.865 51.651  0.216   
CA 8.627  10.442 7.387 0.660  1.590 85.748 1.021 178.437 1.668   
CL 11.460 0.010  7.196 1.166  6.255 18.519 1.645 47.778  -9.345  
H  0.493  10.511 0.323 26.126 0.140 3.142  0.041 57.800  0.003   
N  12.222 0.006  3.135 9.893  2.014 28.997 1.167 0.583   -11.538 
O  3.049  13.277 2.287 5.701  1.546 0.324  0.867 32.909  0.251   
S  6.905  1.468  5.203 22.215 1.438 0.254  1.586 56.172  1.049   
# 
loop_
_atom_site.group_PDB 
_atom_site.id 
_atom_site.type_symbol 
_atom_site.label_atom_id 
_atom_site.label_alt_id 
_atom_site.label_comp_id 
_atom_site.label_asym_id 
_atom_site.label_entity_id 
_atom_site.label_seq_id 
_atom_site.pdbx_PDB_ins_code 
_atom_site.Cartn_x 
_atom_site.Cartn_y 
_atom_site.Cartn_z 
_atom_site.occupancy 
_atom_site.B_iso_or_equiv 
_atom_site.pdbx_formal_charge 
_atom_site.auth_seq_id 
_atom_site.auth_comp_id 
_atom_site.auth_asym_id 
_atom_site.auth_atom_id 
_atom_site.pdbx_PDB_model_num 
ATOM   1    N  N   . THR A 1 2   ? -11.537 1.149   -23.334 1.000 51.679 ? 179 THR A N   1 
ATOM   2    C  CA  . THR A 1 2   ? -10.902 0.841   -21.990 1.000 53.374 ? 179 THR A CA  1 
ATOM   3    C  C   . THR A 1 2   ? -9.369  0.786   -22.112 1.000 50.323 ? 179 THR A C   1 
ATOM   4    O  O   . THR A 1 2   ? -8.822  -0.067  -22.848 1.000 47.595 ? 179 THR A O   1 
ATOM   5    C  CB  . THR A 1 2   ? -11.400 -0.469  -21.352 1.000 54.414 ? 179 THR A CB  1 
ATOM   6    O  OG1 . THR A 1 2   ? -10.835 -1.590  -22.050 1.000 52.124 ? 179 THR A OG1 1 
ATOM   7    C  CG2 . THR A 1 2   ? -12.912 -0.567  -21.286 1.000 47.816 ? 179 THR A CG2 1 
ATOM   8    N  N   . SER A 1 3   ? -8.690  1.656   -21.373 1.000 47.822 ? 180 SER A N   1 
ATOM   9    C  CA  . SER A 1 3   ? -7.217  1.701   -21.327 1.000 44.500 ? 180 SER A CA  1 
ATOM   10   C  C   . SER A 1 3   ? -6.727  0.691   -20.275 1.000 37.876 ? 180 SER A C   1 
ATOM   11   O  O   . SER A 1 3   ? -5.586  0.246   -20.410 1.000 42.901 ? 180 SER A O   1 
ATOM   12   C  CB  . SER A 1 3   ? -6.765  3.125   -21.119 1.000 48.510 ? 180 SER A CB  1 
ATOM   13   O  OG  . SER A 1 3   ? -7.366  3.972   -22.102 1.000 43.963 ? 180 SER A OG  1 
ATOM   14   N  N   . CYS A 1 4   ? -7.556  0.261   -19.312 1.000 29.803 ? 181 CYS A N   1 
ATOM   15   C  CA  A CYS A 1 4   ? -7.183  -0.690  -18.218 0.500 24.767 ? 181 CYS A CA  1 
ATOM   16   C  CA  B CYS A 1 4   ? -7.073  -0.742  -18.323 0.500 30.200 ? 181 CYS A CA  1 
ATOM   17   C  C   . CYS A 1 4   ? -7.828  -2.062  -18.445 1.000 26.868 ? 181 CYS A C   1 
ATOM   18   O  O   . CYS A 1 4   ? -8.914  -2.134  -19.018 1.000 26.908 ? 181 CYS A O   1 
ATOM   19   C  CB  A CYS A 1 4   ? -7.645  -0.183  -16.843 0.500 20.750 ? 181 CYS A CB  1 
ATOM   20   C  CB  B CYS A 1 4   ? -7.061  -0.161  -16.916 0.500 32.742 ? 181 CYS A CB  1 
ATOM   21   S  SG  A CYS A 1 4   ? -6.887  1.368   -16.266 0.500 19.398 ? 181 CYS A SG  1 
ATOM   22   S  SG  B CYS A 1 4   ? -8.697  -0.052  -16.169 0.500 43.457 ? 181 CYS A SG  1 
ATOM   23   N  N   . PRO A 1 5   ? -7.228  -3.170  -17.951 1.000 24.907 ? 182 PRO A N   1 
ATOM   24   C  CA  . PRO A 1 5   ? -7.831  -4.497  -18.047 1.000 24.326 ? 182 PRO A CA  1 
ATOM   25   C  C   . PRO A 1 5   ? -9.112  -4.625  -17.209 1.000 24.352 ? 182 PRO A C   1 
ATOM   26   O  O   . PRO A 1 5   ? -9.356  -3.807  -16.320 1.000 18.718 ? 182 PRO A O   1 
ATOM   27   C  CB  . PRO A 1 5   ? -6.810  -5.502  -17.486 1.000 29.301 ? 182 PRO A CB  1 
ATOM   28   C  CG  . PRO A 1 5   ? -5.564  -4.687  -17.151 1.000 27.355 ? 182 PRO A CG  1 
ATOM   29   C  CD  . PRO A 1 5   ? -5.929  -3.223  -17.261 1.000 26.943 ? 182 PRO A CD  1 
ATOM   30   N  N   . VAL A 1 6   ? -9.909  -5.633  -17.529 1.000 21.170 ? 183 VAL A N   1 
ATOM   31   C  CA  . VAL A 1 6   ? -11.169 -5.915  -16.793 1.000 18.684 ? 183 VAL A CA  1 
ATOM   32   C  C   . VAL A 1 6   ? -10.792 -6.138  -15.330 1.000 15.620 ? 183 VAL A C   1 
ATOM   33   O  O   . VAL A 1 6   ? -9.767  -6.842  -15.036 1.000 19.122 ? 183 VAL A O   1 
ATOM   34   C  CB  . VAL A 1 6   ? -11.889 -7.141  -17.371 1.000 19.651 ? 183 VAL A CB  1 
ATOM   35   C  CG1 . VAL A 1 6   ? -13.108 -7.526  -16.581 1.000 18.268 ? 183 VAL A CG1 1 
ATOM   36   C  CG2 . VAL A 1 6   ? -12.199 -6.961  -18.841 1.000 25.323 ? 183 VAL A CG2 1 
ATOM   37   N  N   . ASN A 1 7   ? -11.618 -5.616  -14.425 1.000 14.754 ? 184 ASN A N   1 
ATOM   38   C  CA  . ASN A 1 7   ? -11.470 -5.702  -12.949 1.000 14.783 ? 184 ASN A CA  1 
ATOM   39   C  C   . ASN A 1 7   ? -10.509 -4.632  -12.433 1.000 14.947 ? 184 ASN A C   1 
ATOM   40   O  O   . ASN A 1 7   ? -10.386 -4.547  -11.184 1.000 15.335 ? 184 ASN A O   1 
ATOM   41   C  CB  . ASN A 1 7   ? -11.075 -7.083  -12.430 1.000 13.984 ? 184 ASN A CB  1 
ATOM   42   C  CG  . ASN A 1 7   ? -12.134 -8.117  -12.788 1.000 17.057 ? 184 ASN A CG  1 
ATOM   43   O  OD1 . ASN A 1 7   ? -13.312 -7.897  -12.521 1.000 17.218 ? 184 ASN A OD1 1 
ATOM   44   N  ND2 . ASN A 1 7   ? -11.712 -9.248  -13.349 1.000 16.637 ? 184 ASN A ND2 1 
ATOM   45   N  N   . TRP A 1 8   ? -9.895  -3.842  -13.321 1.000 14.830 ? 185 TRP A N   1 
ATOM   46   C  CA  . TRP A 1 8   ? -9.041  -2.697  -12.921 1.000 15.221 ? 185 TRP A CA  1 
ATOM   47   C  C   . TRP A 1 8   ? -9.786  -1.373  -13.120 1.000 15.765 ? 185 TRP A C   1 
ATOM   48   O  O   . TRP A 1 8   ? -10.684 -1.269  -13.975 1.000 17.390 ? 185 TRP A O   1 
ATOM   49   C  CB  . TRP A 1 8   ? -7.694  -2.725  -13.637 1.000 14.243 ? 185 TRP A CB  1 
ATOM   50   C  CG  . TRP A 1 8   ? -6.861  -3.928  -13.330 1.000 14.302 ? 185 TRP A CG  1 
ATOM   51   C  CD1 . TRP A 1 8   ? -7.150  -5.242  -13.547 1.000 14.605 ? 185 TRP A CD1 1 
ATOM   52   C  CD2 . TRP A 1 8   ? -5.573  -3.906  -12.696 1.000 13.487 ? 185 TRP A CD2 1 
ATOM   53   N  NE1 . TRP A 1 8   ? -6.124  -6.038  -13.113 1.000 16.777 ? 185 TRP A NE1 1 
ATOM   54   C  CE2 . TRP A 1 8   ? -5.141  -5.239  -12.588 1.000 14.501 ? 185 TRP A CE2 1 
ATOM   55   C  CE3 . TRP A 1 8   ? -4.741  -2.875  -12.243 1.000 14.217 ? 185 TRP A CE3 1 
ATOM   56   C  CZ2 . TRP A 1 8   ? -3.921  -5.572  -12.002 1.000 16.023 ? 185 TRP A CZ2 1 
ATOM   57   C  CZ3 . TRP A 1 8   ? -3.548  -3.213  -11.641 1.000 14.589 ? 185 TRP A CZ3 1 
ATOM   58   C  CH2 . TRP A 1 8   ? -3.145  -4.538  -11.534 1.000 14.117 ? 185 TRP A CH2 1 
ATOM   59   N  N   . VAL A 1 9   ? -9.467  -0.395  -12.301 1.000 14.607 ? 186 VAL A N   1 
ATOM   60   C  CA  . VAL A 1 9   ? -10.074 0.957   -12.337 1.000 15.453 ? 186 VAL A CA  1 
ATOM   61   C  C   . VAL A 1 9   ? -9.047  1.940   -12.882 1.000 18.082 ? 186 VAL A C   1 
ATOM   62   O  O   . VAL A 1 9   ? -7.932  1.964   -12.353 1.000 15.320 ? 186 VAL A O   1 
ATOM   63   C  CB  . VAL A 1 9   ? -10.534 1.358   -10.937 1.000 17.547 ? 186 VAL A CB  1 
ATOM   64   C  CG1 . VAL A 1 9   ? -11.105 2.753   -10.926 1.000 19.616 ? 186 VAL A CG1 1 
ATOM   65   C  CG2 . VAL A 1 9   ? -11.561 0.366   -10.402 1.000 21.066 ? 186 VAL A CG2 1 
ATOM   66   N  N   . GLU A 1 10  ? -9.437  2.795   -13.816 1.000 19.813 ? 187 GLU A N   1 
ATOM   67   C  CA  . GLU A 1 10  ? -8.540  3.840   -14.368 1.000 23.640 ? 187 GLU A CA  1 
ATOM   68   C  C   . GLU A 1 10  ? -8.671  5.126   -13.559 1.000 23.967 ? 187 GLU A C   1 
ATOM   69   O  O   . GLU A 1 10  ? -9.793  5.564   -13.279 1.000 25.458 ? 187 GLU A O   1 
ATOM   70   C  CB  . GLU A 1 10  ? -8.887  4.052   -15.845 1.000 28.948 ? 187 GLU A CB  1 
ATOM   71   C  CG  . GLU A 1 10  ? -8.100  5.155   -16.483 1.000 34.257 ? 187 GLU A CG  1 
ATOM   72   C  CD  . GLU A 1 10  ? -8.442  5.400   -17.950 1.000 39.043 ? 187 GLU A CD  1 
ATOM   73   O  OE1 . GLU A 1 10  ? -8.969  4.473   -18.613 1.000 42.160 ? 187 GLU A OE1 1 
ATOM   74   O  OE2 . GLU A 1 10  ? -8.132  6.514   -18.422 1.000 48.634 ? 187 GLU A OE2 1 
ATOM   75   N  N   . HIS A 1 11  ? -7.572  5.761   -13.213 1.000 21.968 ? 188 HIS A N   1 
ATOM   76   C  CA  . HIS A 1 11  ? -7.574  7.105   -12.595 1.000 24.285 ? 188 HIS A CA  1 
ATOM   77   C  C   . HIS A 1 11  ? -6.250  7.776   -12.944 1.000 26.693 ? 188 HIS A C   1 
ATOM   78   O  O   . HIS A 1 11  ? -5.209  7.230   -12.571 1.000 23.207 ? 188 HIS A O   1 
ATOM   79   C  CB  . HIS A 1 11  ? -7.832  7.037   -11.087 1.000 26.425 ? 188 HIS A CB  1 
ATOM   80   C  CG  . HIS A 1 11  ? -7.576  8.318   -10.372 1.000 30.083 ? 188 HIS A CG  1 
ATOM   81   N  ND1 . HIS A 1 11  ? -8.562  9.280   -10.219 1.000 35.790 ? 188 HIS A ND1 1 
ATOM   82   C  CD2 . HIS A 1 11  ? -6.463  8.804   -9.773  1.000 33.351 ? 188 HIS A CD2 1 
ATOM   83   C  CE1 . HIS A 1 11  ? -8.064  10.312  -9.569  1.000 32.008 ? 188 HIS A CE1 1 
ATOM   84   N  NE2 . HIS A 1 11  ? -6.774  10.046  -9.272  1.000 35.262 ? 188 HIS A NE2 1 
ATOM   85   N  N   . GLN A 1 12  ? -6.304  8.902   -13.658 1.000 31.135 ? 189 GLN A N   1 
ATOM   86   C  CA  . GLN A 1 12  ? -5.143  9.813   -13.873 1.000 33.340 ? 189 GLN A CA  1 
ATOM   87   C  C   . GLN A 1 12  ? -3.915  8.999   -14.312 1.000 33.390 ? 189 GLN A C   1 
ATOM   88   O  O   . GLN A 1 12  ? -2.881  9.018   -13.564 1.000 36.700 ? 189 GLN A O   1 
ATOM   89   C  CB  . GLN A 1 12  ? -4.754  10.564  -12.589 1.000 39.123 ? 189 GLN A CB  1 
ATOM   90   C  CG  . GLN A 1 12  ? -5.800  11.536  -12.058 1.000 46.628 ? 189 GLN A CG  1 
ATOM   91   C  CD  . GLN A 1 12  ? -6.035  12.699  -12.989 1.000 54.552 ? 189 GLN A CD  1 
ATOM   92   O  OE1 . GLN A 1 12  ? -5.177  13.062  -13.795 1.000 55.749 ? 189 GLN A OE1 1 
ATOM   93   N  NE2 . GLN A 1 12  ? -7.220  13.279  -12.886 1.000 59.952 ? 189 GLN A NE2 1 
ATOM   94   N  N   . ASP A 1 13  ? -4.014  8.272   -15.419 1.000 30.484 ? 190 ASP A N   1 
ATOM   95   C  CA  . ASP A 1 13  ? -2.833  7.598   -16.032 1.000 33.883 ? 190 ASP A CA  1 
ATOM   96   C  C   . ASP A 1 13  ? -2.297  6.438   -15.172 1.000 27.795 ? 190 ASP A C   1 
ATOM   97   O  O   . ASP A 1 13  ? -1.202  5.969   -15.465 1.000 23.721 ? 190 ASP A O   1 
ATOM   98   C  CB  . ASP A 1 13  ? -1.700  8.597   -16.323 1.000 43.730 ? 190 ASP A CB  1 
ATOM   99   C  CG  . ASP A 1 13  ? -1.953  9.362   -17.611 1.000 53.915 ? 190 ASP A CG  1 
ATOM   100  O  OD1 . ASP A 1 13  ? -1.827  8.731   -18.692 1.000 63.252 ? 190 ASP A OD1 1 
ATOM   101  O  OD2 . ASP A 1 13  ? -2.330  10.561  -17.525 1.000 65.475 ? 190 ASP A OD2 1 
ATOM   102  N  N   . SER A 1 14  ? -3.074  5.896   -14.232 1.000 23.323 ? 191 SER A N   1 
ATOM   103  C  CA  . SER A 1 14  ? -2.767  4.597   -13.577 1.000 18.975 ? 191 SER A CA  1 
ATOM   104  C  C   . SER A 1 14  ? -4.011  3.721   -13.629 1.000 17.358 ? 191 SER A C   1 
ATOM   105  O  O   . SER A 1 14  ? -5.108  4.263   -13.738 1.000 17.521 ? 191 SER A O   1 
ATOM   106  C  CB  . SER A 1 14  ? -2.381  4.778   -12.124 1.000 20.877 ? 191 SER A CB  1 
ATOM   107  O  OG  . SER A 1 14  ? -1.030  5.126   -11.976 1.000 22.249 ? 191 SER A OG  1 
ATOM   108  N  N   . CYS A 1 15  ? -3.808  2.413   -13.595 1.000 16.065 ? 192 CYS A N   1 
ATOM   109  C  CA  A CYS A 1 15  ? -4.841  1.371   -13.392 0.500 15.654 ? 192 CYS A CA  1 
ATOM   110  C  CA  B CYS A 1 15  ? -4.931  1.496   -13.309 0.500 18.639 ? 192 CYS A CA  1 
ATOM   111  C  C   . CYS A 1 15  ? -4.684  0.831   -11.961 1.000 16.086 ? 192 CYS A C   1 
ATOM   112  O  O   . CYS A 1 15  ? -3.529  0.599   -11.560 1.000 16.264 ? 192 CYS A O   1 
ATOM   113  C  CB  A CYS A 1 15  ? -4.658  0.239   -14.393 0.500 15.098 ? 192 CYS A CB  1 
ATOM   114  C  CB  B CYS A 1 15  ? -5.207  0.436   -14.358 0.500 22.245 ? 192 CYS A CB  1 
ATOM   115  S  SG  A CYS A 1 15  ? -4.880  0.818   -16.099 0.500 15.798 ? 192 CYS A SG  1 
ATOM   116  S  SG  B CYS A 1 15  ? -3.732  -0.295  -15.082 0.500 31.858 ? 192 CYS A SG  1 
ATOM   117  N  N   . TYR A 1 16  ? -5.768  0.605   -11.270 1.000 14.312 ? 193 TYR A N   1 
ATOM   118  C  CA  . TYR A 1 16  ? -5.747  0.082   -9.900  1.000 12.948 ? 193 TYR A CA  1 
ATOM   119  C  C   . TYR A 1 16  ? -6.612  -1.151  -9.789  1.000 12.366 ? 193 TYR A C   1 
ATOM   120  O  O   . TYR A 1 16  ? -7.631  -1.253  -10.484 1.000 13.657 ? 193 TYR A O   1 
ATOM   121  C  CB  . TYR A 1 16  ? -6.258  1.124   -8.902  1.000 13.038 ? 193 TYR A CB  1 
ATOM   122  C  CG  . TYR A 1 16  ? -5.509  2.431   -8.943  1.000 12.831 ? 193 TYR A CG  1 
ATOM   123  C  CD1 . TYR A 1 16  ? -5.740  3.366   -9.923  1.000 14.151 ? 193 TYR A CD1 1 
ATOM   124  C  CD2 . TYR A 1 16  ? -4.554  2.728   -7.989  1.000 14.224 ? 193 TYR A CD2 1 
ATOM   125  C  CE1 . TYR A 1 16  ? -5.033  4.563   -9.953  1.000 15.000 ? 193 TYR A CE1 1 
ATOM   126  C  CE2 . TYR A 1 16  ? -3.865  3.932   -7.982  1.000 13.940 ? 193 TYR A CE2 1 
ATOM   127  C  CZ  . TYR A 1 16  ? -4.108  4.862   -8.961  1.000 14.627 ? 193 TYR A CZ  1 
ATOM   128  O  OH  . TYR A 1 16  ? -3.424  6.057   -8.980  1.000 14.441 ? 193 TYR A OH  1 
ATOM   129  N  N   . TRP A 1 17  ? -6.199  -2.054  -8.905  1.000 11.325 ? 194 TRP A N   1 
ATOM   130  C  CA  . TRP A 1 17  ? -6.935  -3.295  -8.547  1.000 12.293 ? 194 TRP A CA  1 
ATOM   131  C  C   . TRP A 1 17  ? -7.014  -3.391  -7.029  1.000 12.212 ? 194 TRP A C   1 
ATOM   132  O  O   . TRP A 1 17  ? -5.975  -3.313  -6.378  1.000 12.930 ? 194 TRP A O   1 
ATOM   133  C  CB  . TRP A 1 17  ? -6.277  -4.523  -9.165  1.000 13.559 ? 194 TRP A CB  1 
ATOM   134  C  CG  . TRP A 1 17  ? -7.037  -5.796  -8.985  1.000 13.879 ? 194 TRP A CG  1 
ATOM   135  C  CD1 . TRP A 1 17  ? -8.023  -6.303  -9.789  1.000 15.082 ? 194 TRP A CD1 1 
ATOM   136  C  CD2 . TRP A 1 17  ? -6.909  -6.700  -7.871  1.000 13.190 ? 194 TRP A CD2 1 
ATOM   137  N  NE1 . TRP A 1 17  ? -8.504  -7.473  -9.239  1.000 16.307 ? 194 TRP A NE1 1 
ATOM   138  C  CE2 . TRP A 1 17  ? -7.817  -7.753  -8.088  1.000 14.805 ? 194 TRP A CE2 1 
ATOM   139  C  CE3 . TRP A 1 17  ? -6.073  -6.732  -6.746  1.000 14.568 ? 194 TRP A CE3 1 
ATOM   140  C  CZ2 . TRP A 1 17  ? -7.917  -8.828  -7.196  1.000 15.549 ? 194 TRP A CZ2 1 
ATOM   141  C  CZ3 . TRP A 1 17  ? -6.183  -7.786  -5.866  1.000 15.514 ? 194 TRP A CZ3 1 
ATOM   142  C  CH2 . TRP A 1 17  ? -7.066  -8.840  -6.120  1.000 14.623 ? 194 TRP A CH2 1 
ATOM   143  N  N   . PHE A 1 18  ? -8.235  -3.459  -6.488  1.000 12.576 ? 195 PHE A N   1 
ATOM   144  C  CA  . PHE A 1 18  ? -8.462  -3.505  -5.040  1.000 11.670 ? 195 PHE A CA  1 
ATOM   145  C  C   . PHE A 1 18  ? -8.859  -4.930  -4.704  1.000 12.579 ? 195 PHE A C   1 
ATOM   146  O  O   . PHE A 1 18  ? -9.890  -5.433  -5.221  1.000 12.902 ? 195 PHE A O   1 
ATOM   147  C  CB  . PHE A 1 18  ? -9.545  -2.520  -4.614  1.000 12.515 ? 195 PHE A CB  1 
ATOM   148  C  CG  . PHE A 1 18  ? -9.192  -1.066  -4.812  1.000 13.468 ? 195 PHE A CG  1 
ATOM   149  C  CD1 . PHE A 1 18  ? -9.050  -0.540  -6.076  1.000 15.509 ? 195 PHE A CD1 1 
ATOM   150  C  CD2 . PHE A 1 18  ? -9.052  -0.230  -3.730  1.000 14.854 ? 195 PHE A CD2 1 
ATOM   151  C  CE1 . PHE A 1 18  ? -8.780  0.801   -6.239  1.000 15.731 ? 195 PHE A CE1 1 
ATOM   152  C  CE2 . PHE A 1 18  ? -8.789  1.118   -3.901  1.000 16.925 ? 195 PHE A CE2 1 
ATOM   153  C  CZ  . PHE A 1 18  ? -8.608  1.613   -5.153  1.000 14.981 ? 195 PHE A CZ  1 
ATOM   154  N  N   . SER A 1 19  ? -8.108  -5.563  -3.809  1.000 11.588 ? 196 SER A N   1 
ATOM   155  C  CA  . SER A 1 19  ? -8.407  -6.948  -3.373  1.000 11.142 ? 196 SER A CA  1 
ATOM   156  C  C   . SER A 1 19  ? -9.746  -7.010  -2.637  1.000 11.627 ? 196 SER A C   1 
ATOM   157  O  O   . SER A 1 19  ? -10.160 -6.036  -1.943  1.000 13.246 ? 196 SER A O   1 
ATOM   158  C  CB  . SER A 1 19  ? -7.301  -7.528  -2.496  1.000 10.938 ? 196 SER A CB  1 
ATOM   159  O  OG  . SER A 1 19  ? -7.383  -6.993  -1.176  1.000 10.183 ? 196 SER A OG  1 
ATOM   160  N  N   . HIS A 1 20  ? -10.327 -8.199  -2.680  1.000 12.233 ? 197 HIS A N   1 
ATOM   161  C  CA  . HIS A 1 20  ? -11.451 -8.606  -1.806  1.000 13.792 ? 197 HIS A CA  1 
ATOM   162  C  C   . HIS A 1 20  ? -10.998 -9.712  -0.864  1.000 14.014 ? 197 HIS A C   1 
ATOM   163  O  O   . HIS A 1 20  ? -11.821 -10.601 -0.487  1.000 14.908 ? 197 HIS A O   1 
ATOM   164  C  CB  . HIS A 1 20  ? -12.555 -9.171  -2.662  1.000 16.048 ? 197 HIS A CB  1 
ATOM   165  C  CG  . HIS A 1 20  ? -13.349 -8.205  -3.436  1.000 18.953 ? 197 HIS A CG  1 
ATOM   166  N  ND1 . HIS A 1 20  ? -13.472 -6.869  -3.091  1.000 26.341 ? 197 HIS A ND1 1 
ATOM   167  C  CD2 . HIS A 1 20  ? -14.165 -8.427  -4.485  1.000 19.770 ? 197 HIS A CD2 1 
ATOM   168  C  CE1 . HIS A 1 20  ? -14.338 -6.297  -3.921  1.000 26.390 ? 197 HIS A CE1 1 
ATOM   169  N  NE2 . HIS A 1 20  ? -14.742 -7.231  -4.798  1.000 26.086 ? 197 HIS A NE2 1 
ATOM   170  N  N   . SER A 1 21  ? -9.718  -9.753  -0.552  1.000 13.626 ? 198 SER A N   1 
ATOM   171  C  CA  . SER A 1 21  ? -9.123  -10.808 0.280   1.000 12.954 ? 198 SER A CA  1 
ATOM   172  C  C   . SER A 1 21  ? -7.869  -10.239 0.933   1.000 13.193 ? 198 SER A C   1 
ATOM   173  O  O   . SER A 1 21  ? -7.492  -9.060  0.649   1.000 12.421 ? 198 SER A O   1 
ATOM   174  C  CB  . SER A 1 21  ? -8.811  -12.055 -0.504  1.000 13.134 ? 198 SER A CB  1 
ATOM   175  O  OG  . SER A 1 21  ? -7.773  -11.823 -1.437  1.000 13.965 ? 198 SER A OG  1 
ATOM   176  N  N   . GLY A 1 22  ? -7.307  -11.016 1.840   1.000 12.605 ? 199 GLY A N   1 
ATOM   177  C  CA  . GLY A 1 22  ? -6.179  -10.565 2.673   1.000 13.598 ? 199 GLY A CA  1 
ATOM   178  C  C   . GLY A 1 22  ? -4.938  -11.397 2.433   1.000 14.096 ? 199 GLY A C   1 
ATOM   179  O  O   . GLY A 1 22  ? -5.052  -12.609 2.194   1.000 15.516 ? 199 GLY A O   1 
ATOM   180  N  N   . MET A 1 23  ? -3.764  -10.782 2.479   1.000 12.842 ? 200 MET A N   1 
ATOM   181  C  CA  . MET A 1 23  ? -2.464  -11.484 2.304   1.000 13.969 ? 200 MET A CA  1 
ATOM   182  C  C   . MET A 1 23  ? -1.439  -10.718 3.128   1.000 11.926 ? 200 MET A C   1 
ATOM   183  O  O   . MET A 1 23  ? -1.619  -9.506  3.359   1.000 11.543 ? 200 MET A O   1 
ATOM   184  C  CB  . MET A 1 23  ? -1.964  -11.457 0.844   1.000 15.338 ? 200 MET A CB  1 
ATOM   185  C  CG  . MET A 1 23  ? -2.583  -12.427 -0.127  1.000 20.471 ? 200 MET A CG  1 
ATOM   186  S  SD  . MET A 1 23  ? -1.742  -12.195 -1.759  1.000 25.108 ? 200 MET A SD  1 
ATOM   187  C  CE  . MET A 1 23  ? -2.608  -13.496 -2.641  1.000 29.705 ? 200 MET A CE  1 
ATOM   188  N  N   . SER A 1 24  ? -0.337  -11.370 3.483   1.000 11.536 ? 201 SER A N   1 
ATOM   189  C  CA  . SER A 1 24  ? 0.854   -10.700 4.036   1.000 12.313 ? 201 SER A CA  1 
ATOM   190  C  C   . SER A 1 24  ? 1.354   -9.657  3.020   1.000 12.182 ? 201 SER A C   1 
ATOM   191  O  O   . SER A 1 24  ? 1.120   -9.806  1.801   1.000 11.682 ? 201 SER A O   1 
ATOM   192  C  CB  . SER A 1 24  ? 1.947   -11.691 4.376   1.000 13.576 ? 201 SER A CB  1 
ATOM   193  O  OG  . SER A 1 24  ? 2.473   -12.266 3.186   1.000 14.426 ? 201 SER A OG  1 
ATOM   194  N  N   . TRP A 1 25  ? 2.155   -8.707  3.477   1.000 11.487 ? 202 TRP A N   1 
ATOM   195  C  CA  . TRP A 1 25  ? 2.681   -7.637  2.594   1.000 12.378 ? 202 TRP A CA  1 
ATOM   196  C  C   . TRP A 1 25  ? 3.539   -8.271  1.484   1.000 13.024 ? 202 TRP A C   1 
ATOM   197  O  O   . TRP A 1 25  ? 3.384   -7.960  0.325   1.000 13.093 ? 202 TRP A O   1 
ATOM   198  C  CB  . TRP A 1 25  ? 3.483   -6.653  3.431   1.000 13.069 ? 202 TRP A CB  1 
ATOM   199  C  CG  . TRP A 1 25  ? 3.826   -5.401  2.695   1.000 12.540 ? 202 TRP A CG  1 
ATOM   200  C  CD1 . TRP A 1 25  ? 3.131   -4.230  2.682   1.000 12.610 ? 202 TRP A CD1 1 
ATOM   201  C  CD2 . TRP A 1 25  ? 4.970   -5.208  1.873   1.000 12.674 ? 202 TRP A CD2 1 
ATOM   202  N  NE1 . TRP A 1 25  ? 3.811   -3.287  1.948   1.000 12.745 ? 202 TRP A NE1 1 
ATOM   203  C  CE2 . TRP A 1 25  ? 4.909   -3.879  1.390   1.000 12.792 ? 202 TRP A CE2 1 
ATOM   204  C  CE3 . TRP A 1 25  ? 6.041   -6.029  1.495   1.000 14.206 ? 202 TRP A CE3 1 
ATOM   205  C  CZ2 . TRP A 1 25  ? 5.886   -3.363  0.553   1.000 13.982 ? 202 TRP A CZ2 1 
ATOM   206  C  CZ3 . TRP A 1 25  ? 7.016   -5.495  0.686   1.000 15.913 ? 202 TRP A CZ3 1 
ATOM   207  C  CH2 . TRP A 1 25  ? 6.945   -4.177  0.231   1.000 14.803 ? 202 TRP A CH2 1 
ATOM   208  N  N   . ALA A 1 26  ? 4.368   -9.227  1.835   1.000 13.663 ? 203 ALA A N   1 
ATOM   209  C  CA  . ALA A 1 26  ? 5.264   -9.914  0.875   1.000 14.054 ? 203 ALA A CA  1 
ATOM   210  C  C   . ALA A 1 26  ? 4.445   -10.676 -0.161  1.000 14.639 ? 203 ALA A C   1 
ATOM   211  O  O   . ALA A 1 26  ? 4.830   -10.638 -1.339  1.000 14.501 ? 203 ALA A O   1 
ATOM   212  C  CB  . ALA A 1 26  ? 6.222   -10.824 1.583   1.000 16.194 ? 203 ALA A CB  1 
ATOM   213  N  N   . GLU A 1 27  ? 3.372   -11.363 0.227   1.000 14.061 ? 204 GLU A N   1 
ATOM   214  C  CA  . GLU A 1 27  ? 2.540   -12.120 -0.742  1.000 16.339 ? 204 GLU A CA  1 
ATOM   215  C  C   . GLU A 1 27  ? 1.769   -11.119 -1.617  1.000 15.507 ? 204 GLU A C   1 
ATOM   216  O  O   . GLU A 1 27  ? 1.641   -11.368 -2.800  1.000 14.744 ? 204 GLU A O   1 
ATOM   217  C  CB  . GLU A 1 27  ? 1.631   -13.113 -0.016  1.000 19.698 ? 204 GLU A CB  1 
ATOM   218  C  CG  . GLU A 1 27  ? 2.366   -14.314 0.558   1.000 23.468 ? 204 GLU A CG  1 
ATOM   219  C  CD  . GLU A 1 27  ? 3.097   -15.206 -0.455  1.000 34.664 ? 204 GLU A CD  1 
ATOM   220  O  OE1 . GLU A 1 27  ? 2.606   -15.343 -1.601  1.000 37.670 ? 204 GLU A OE1 1 
ATOM   221  O  OE2 . GLU A 1 27  ? 4.193   -15.747 -0.112  1.000 43.089 ? 204 GLU A OE2 1 
ATOM   222  N  N   . ALA A 1 28  ? 1.289   -10.009 -1.066  1.000 13.763 ? 205 ALA A N   1 
ATOM   223  C  CA  . ALA A 1 28  ? 0.622   -8.966  -1.864  1.000 14.668 ? 205 ALA A CA  1 
ATOM   224  C  C   . ALA A 1 28  ? 1.602   -8.376  -2.878  1.000 13.828 ? 205 ALA A C   1 
ATOM   225  O  O   . ALA A 1 28  ? 1.186   -8.198  -4.035  1.000 15.388 ? 205 ALA A O   1 
ATOM   226  C  CB  . ALA A 1 28  ? 0.024   -7.901  -1.000  1.000 15.341 ? 205 ALA A CB  1 
ATOM   227  N  N   . GLU A 1 29  ? 2.824   -8.061  -2.464  1.000 15.450 ? 206 GLU A N   1 
ATOM   228  C  CA  . GLU A 1 29  ? 3.912   -7.530  -3.344  1.000 16.680 ? 206 GLU A CA  1 
ATOM   229  C  C   . GLU A 1 29  ? 4.136   -8.513  -4.505  1.000 17.578 ? 206 GLU A C   1 
ATOM   230  O  O   . GLU A 1 29  ? 4.140   -8.067  -5.693  1.000 17.439 ? 206 GLU A O   1 
ATOM   231  C  CB  . GLU A 1 29  ? 5.185   -7.323  -2.531  1.000 20.785 ? 206 GLU A CB  1 
ATOM   232  C  CG  . GLU A 1 29  ? 6.373   -6.778  -3.321  1.000 26.101 ? 206 GLU A CG  1 
ATOM   233  C  CD  . GLU A 1 29  ? 7.730   -6.899  -2.601  1.000 34.079 ? 206 GLU A CD  1 
ATOM   234  O  OE1 . GLU A 1 29  ? 8.560   -5.952  -2.747  1.000 35.350 ? 206 GLU A OE1 1 
ATOM   235  O  OE2 . GLU A 1 29  ? 7.972   -7.925  -1.849  1.000 36.139 ? 206 GLU A OE2 1 
ATOM   236  N  N   A LYS A 1 30  ? 4.264   -9.797  -4.187  0.500 17.037 ? 207 LYS A N   1 
ATOM   237  N  N   B LYS A 1 30  ? 4.249   -9.808  -4.197  0.500 17.989 ? 207 LYS A N   1 
ATOM   238  C  CA  A LYS A 1 30  ? 4.420   -10.865 -5.204  0.500 17.516 ? 207 LYS A CA  1 
ATOM   239  C  CA  B LYS A 1 30  ? 4.432   -10.902 -5.194  0.500 19.096 ? 207 LYS A CA  1 
ATOM   240  C  C   A LYS A 1 30  ? 3.239   -10.845 -6.176  0.500 16.402 ? 207 LYS A C   1 
ATOM   241  C  C   B LYS A 1 30  ? 3.231   -10.967 -6.155  0.500 17.322 ? 207 LYS A C   1 
ATOM   242  O  O   A LYS A 1 30  ? 3.486   -10.835 -7.415  0.500 15.955 ? 207 LYS A O   1 
ATOM   243  O  O   B LYS A 1 30  ? 3.434   -11.143 -7.378  0.500 17.230 ? 207 LYS A O   1 
ATOM   244  C  CB  A LYS A 1 30  ? 4.534   -12.239 -4.555  0.500 18.647 ? 207 LYS A CB  1 
ATOM   245  C  CB  B LYS A 1 30  ? 4.681   -12.232 -4.470  0.500 21.470 ? 207 LYS A CB  1 
ATOM   246  C  CG  A LYS A 1 30  ? 4.888   -13.341 -5.544  0.500 18.941 ? 207 LYS A CG  1 
ATOM   247  C  CG  B LYS A 1 30  ? 6.143   -12.559 -4.150  0.500 23.655 ? 207 LYS A CG  1 
ATOM   248  C  CD  A LYS A 1 30  ? 4.615   -14.757 -5.056  0.500 22.514 ? 207 LYS A CD  1 
ATOM   249  C  CD  B LYS A 1 30  ? 6.378   -13.969 -3.615  0.500 26.383 ? 207 LYS A CD  1 
ATOM   250  C  CE  A LYS A 1 30  ? 5.101   -14.990 -3.643  0.500 24.851 ? 207 LYS A CE  1 
ATOM   251  C  CE  B LYS A 1 30  ? 7.737   -14.159 -2.962  0.500 27.648 ? 207 LYS A CE  1 
ATOM   252  N  NZ  A LYS A 1 30  ? 5.721   -16.330 -3.461  0.500 28.336 ? 207 LYS A NZ  1 
ATOM   253  N  NZ  B LYS A 1 30  ? 7.722   -13.654 -1.569  0.500 29.176 ? 207 LYS A NZ  1 
ATOM   254  N  N   . TYR A 1 31  ? 2.012   -10.811 -5.642  1.000 15.927 ? 208 TYR A N   1 
ATOM   255  C  CA  . TYR A 1 31  ? 0.772   -10.834 -6.454  1.000 16.676 ? 208 TYR A CA  1 
ATOM   256  C  C   . TYR A 1 31  ? 0.813   -9.689  -7.466  1.000 14.736 ? 208 TYR A C   1 
ATOM   257  O  O   . TYR A 1 31  ? 0.572   -9.898  -8.683  1.000 17.100 ? 208 TYR A O   1 
ATOM   258  C  CB  . TYR A 1 31  ? -0.474  -10.745 -5.567  1.000 16.940 ? 208 TYR A CB  1 
ATOM   259  C  CG  . TYR A 1 31  ? -1.745  -10.714 -6.371  1.000 16.915 ? 208 TYR A CG  1 
ATOM   260  C  CD1 . TYR A 1 31  ? -2.255  -9.514  -6.819  1.000 17.872 ? 208 TYR A CD1 1 
ATOM   261  C  CD2 . TYR A 1 31  ? -2.468  -11.872 -6.615  1.000 20.736 ? 208 TYR A CD2 1 
ATOM   262  C  CE1 . TYR A 1 31  ? -3.412  -9.442  -7.579  1.000 17.030 ? 208 TYR A CE1 1 
ATOM   263  C  CE2 . TYR A 1 31  ? -3.621  -11.827 -7.377  1.000 20.671 ? 208 TYR A CE2 1 
ATOM   264  C  CZ  . TYR A 1 31  ? -4.093  -10.608 -7.845  1.000 19.234 ? 208 TYR A CZ  1 
ATOM   265  O  OH  . TYR A 1 31  ? -5.199  -10.491 -8.628  1.000 21.449 ? 208 TYR A OH  1 
ATOM   266  N  N   . CYS A 1 32  ? 1.049   -8.474  -6.984  1.000 14.621 ? 209 CYS A N   1 
ATOM   267  C  CA  . CYS A 1 32  ? 1.051   -7.277  -7.847  1.000 15.072 ? 209 CYS A CA  1 
ATOM   268  C  C   . CYS A 1 32  ? 2.130   -7.460  -8.926  1.000 15.760 ? 209 CYS A C   1 
ATOM   269  O  O   . CYS A 1 32  ? 1.837   -7.187  -10.093 1.000 16.675 ? 209 CYS A O   1 
ATOM   270  C  CB  . CYS A 1 32  ? 1.279   -5.970  -7.108  1.000 15.348 ? 209 CYS A CB  1 
ATOM   271  S  SG  . CYS A 1 32  ? -0.094  -5.576  -5.970  1.000 17.637 ? 209 CYS A SG  1 
ATOM   272  N  N   . GLN A 1 33  ? 3.303   -7.963  -8.563  1.000 16.859 ? 210 GLN A N   1 
ATOM   273  C  CA  A GLN A 1 33  ? 4.394   -8.070  -9.564  0.500 18.044 ? 210 GLN A CA  1 
ATOM   274  C  CA  B GLN A 1 33  ? 4.433   -8.157  -9.510  0.500 19.202 ? 210 GLN A CA  1 
ATOM   275  C  C   . GLN A 1 33  ? 4.011   -9.123  -10.616 1.000 19.329 ? 210 GLN A C   1 
ATOM   276  O  O   . GLN A 1 33  ? 4.374   -8.895  -11.787 1.000 19.915 ? 210 GLN A O   1 
ATOM   277  C  CB  A GLN A 1 33  ? 5.734   -8.264  -8.852  0.500 18.202 ? 210 GLN A CB  1 
ATOM   278  C  CB  B GLN A 1 33  ? 5.665   -8.682  -8.768  0.500 20.942 ? 210 GLN A CB  1 
ATOM   279  C  CG  A GLN A 1 33  ? 6.121   -7.065  -7.989  0.500 17.985 ? 210 GLN A CG  1 
ATOM   280  C  CG  B GLN A 1 33  ? 6.409   -7.597  -8.002  0.500 22.362 ? 210 GLN A CG  1 
ATOM   281  C  CD  A GLN A 1 33  ? 6.744   -5.922  -8.754  0.500 19.272 ? 210 GLN A CD  1 
ATOM   282  C  CD  B GLN A 1 33  ? 7.485   -8.128  -7.083  0.500 24.688 ? 210 GLN A CD  1 
ATOM   283  O  OE1 A GLN A 1 33  ? 7.334   -6.123  -9.818  0.500 21.567 ? 210 GLN A OE1 1 
ATOM   284  O  OE1 B GLN A 1 33  ? 7.639   -9.337  -6.890  0.500 28.896 ? 210 GLN A OE1 1 
ATOM   285  N  NE2 A GLN A 1 33  ? 6.622   -4.719  -8.216  0.500 18.220 ? 210 GLN A NE2 1 
ATOM   286  N  NE2 B GLN A 1 33  ? 8.208   -7.211  -6.460  0.500 24.713 ? 210 GLN A NE2 1 
ATOM   287  N  N   . LEU A 1 34  ? 3.316   -10.187 -10.247 1.000 19.386 ? 211 LEU A N   1 
ATOM   288  C  CA  A LEU A 1 34  ? 2.784   -11.244 -11.169 0.500 21.851 ? 211 LEU A CA  1 
ATOM   289  C  CA  B LEU A 1 34  ? 2.882   -11.212 -11.236 0.500 21.951 ? 211 LEU A CA  1 
ATOM   290  C  C   . LEU A 1 34  ? 1.878   -10.591 -12.218 1.000 21.153 ? 211 LEU A C   1 
ATOM   291  O  O   . LEU A 1 34  ? 1.792   -11.095 -13.336 1.000 21.012 ? 211 LEU A O   1 
ATOM   292  C  CB  A LEU A 1 34  ? 1.998   -12.301 -10.376 0.500 22.374 ? 211 LEU A CB  1 
ATOM   293  C  CB  B LEU A 1 34  ? 2.325   -12.442 -10.512 0.500 22.263 ? 211 LEU A CB  1 
ATOM   294  C  CG  A LEU A 1 34  ? 1.216   -13.337 -11.198 0.500 24.630 ? 211 LEU A CG  1 
ATOM   295  C  CG  B LEU A 1 34  ? 3.398   -13.380 -9.954  0.500 24.439 ? 211 LEU A CG  1 
ATOM   296  C  CD1 A LEU A 1 34  ? 2.164   -14.228 -11.982 0.500 25.495 ? 211 LEU A CD1 1 
ATOM   297  C  CD1 B LEU A 1 34  ? 2.856   -14.265 -8.838  0.500 26.328 ? 211 LEU A CD1 1 
ATOM   298  C  CD2 A LEU A 1 34  ? 0.307   -14.188 -10.319 0.500 25.983 ? 211 LEU A CD2 1 
ATOM   299  C  CD2 B LEU A 1 34  ? 4.019   -14.223 -11.056 0.500 23.396 ? 211 LEU A CD2 1 
ATOM   300  N  N   . LYS A 1 35  ? 1.168   -9.524  -11.837 1.000 19.978 ? 212 LYS A N   1 
ATOM   301  C  CA  . LYS A 1 35  ? 0.215   -8.835  -12.729 1.000 19.605 ? 212 LYS A CA  1 
ATOM   302  C  C   . LYS A 1 35  ? 0.926   -7.678  -13.434 1.000 18.580 ? 212 LYS A C   1 
ATOM   303  O  O   . LYS A 1 35  ? 0.230   -6.767  -13.926 1.000 20.705 ? 212 LYS A O   1 
ATOM   304  C  CB  . LYS A 1 35  ? -0.974  -8.304  -11.930 1.000 20.660 ? 212 LYS A CB  1 
ATOM   305  C  CG  . LYS A 1 35  ? -1.772  -9.353  -11.183 1.000 21.956 ? 212 LYS A CG  1 
ATOM   306  C  CD  . LYS A 1 35  ? -2.355  -10.394 -12.084 1.000 26.139 ? 212 LYS A CD  1 
ATOM   307  C  CE  . LYS A 1 35  ? -3.102  -11.422 -11.276 1.000 28.922 ? 212 LYS A CE  1 
ATOM   308  N  NZ  . LYS A 1 35  ? -3.490  -12.575 -12.114 1.000 33.007 ? 212 LYS A NZ  1 
ATOM   309  N  N   . ASN A 1 36  ? 2.241   -7.608  -13.377 1.000 19.551 ? 213 ASN A N   1 
ATOM   310  C  CA  . ASN A 1 36  ? 3.000   -6.507  -14.031 1.000 22.040 ? 213 ASN A CA  1 
ATOM   311  C  C   . ASN A 1 36  ? 2.564   -5.169  -13.429 1.000 21.735 ? 213 ASN A C   1 
ATOM   312  O  O   . ASN A 1 36  ? 2.369   -4.180  -14.157 1.000 20.301 ? 213 ASN A O   1 
ATOM   313  C  CB  . ASN A 1 36  ? 2.832   -6.553  -15.550 1.000 27.418 ? 213 ASN A CB  1 
ATOM   314  C  CG  . ASN A 1 36  ? 3.271   -7.901  -16.081 1.000 35.109 ? 213 ASN A CG  1 
ATOM   315  O  OD1 . ASN A 1 36  ? 4.390   -8.330  -15.816 1.000 37.628 ? 213 ASN A OD1 1 
ATOM   316  N  ND2 . ASN A 1 36  ? 2.384   -8.584  -16.792 1.000 40.438 ? 213 ASN A ND2 1 
ATOM   317  N  N   . ALA A 1 37  ? 2.449   -5.154  -12.114 1.000 17.208 ? 214 ALA A N   1 
ATOM   318  C  CA  . ALA A 1 37  ? 2.023   -3.985  -11.341 1.000 17.349 ? 214 ALA A CA  1 
ATOM   319  C  C   . ALA A 1 37  ? 2.870   -3.949  -10.074 1.000 15.897 ? 214 ALA A C   1 
ATOM   320  O  O   . ALA A 1 37  ? 3.836   -4.728  -9.948  1.000 14.893 ? 214 ALA A O   1 
ATOM   321  C  CB  . ALA A 1 37  ? 0.553   -4.125  -11.050 1.000 15.740 ? 214 ALA A CB  1 
ATOM   322  N  N   . HIS A 1 38  ? 2.497   -3.077  -9.148  1.000 15.148 ? 215 HIS A N   1 
ATOM   323  C  CA  . HIS A 1 38  ? 3.202   -2.930  -7.865  1.000 14.929 ? 215 HIS A CA  1 
ATOM   324  C  C   . HIS A 1 38  ? 2.150   -2.554  -6.827  1.000 13.235 ? 215 HIS A C   1 
ATOM   325  O  O   . HIS A 1 38  ? 1.107   -1.948  -7.192  1.000 12.201 ? 215 HIS A O   1 
ATOM   326  C  CB  . HIS A 1 38  ? 4.346   -1.908  -7.996  1.000 15.652 ? 215 HIS A CB  1 
ATOM   327  C  CG  . HIS A 1 38  ? 3.921   -0.540  -8.423  1.000 17.941 ? 215 HIS A CG  1 
ATOM   328  N  ND1 . HIS A 1 38  ? 3.327   0.383   -7.553  1.000 18.304 ? 215 HIS A ND1 1 
ATOM   329  C  CD2 . HIS A 1 38  ? 3.994   0.065   -9.637  1.000 19.269 ? 215 HIS A CD2 1 
ATOM   330  C  CE1 . HIS A 1 38  ? 3.073   1.506   -8.219  1.000 19.029 ? 215 HIS A CE1 1 
ATOM   331  N  NE2 . HIS A 1 38  ? 3.470   1.330   -9.529  1.000 20.867 ? 215 HIS A NE2 1 
ATOM   332  N  N   . LEU A 1 39  ? 2.441   -2.833  -5.582  1.000 12.479 ? 216 LEU A N   1 
ATOM   333  C  CA  . LEU A 1 39  ? 1.602   -2.287  -4.486  1.000 13.671 ? 216 LEU A CA  1 
ATOM   334  C  C   . LEU A 1 39  ? 1.499   -0.772  -4.675  1.000 12.666 ? 216 LEU A C   1 
ATOM   335  O  O   . LEU A 1 39  ? 2.469   -0.095  -5.030  1.000 13.579 ? 216 LEU A O   1 
ATOM   336  C  CB  . LEU A 1 39  ? 2.249   -2.641  -3.145  1.000 14.706 ? 216 LEU A CB  1 
ATOM   337  C  CG  . LEU A 1 39  ? 1.993   -4.044  -2.610  1.000 15.941 ? 216 LEU A CG  1 
ATOM   338  C  CD1 . LEU A 1 39  ? 2.836   -4.305  -1.364  1.000 17.159 ? 216 LEU A CD1 1 
ATOM   339  C  CD2 . LEU A 1 39  ? 0.537   -4.253  -2.305  1.000 16.638 ? 216 LEU A CD2 1 
ATOM   340  N  N   . VAL A 1 40  ? 0.352   -0.213  -4.368  1.000 13.068 ? 217 VAL A N   1 
ATOM   341  C  CA  . VAL A 1 40  ? 0.044   1.191   -4.717  1.000 12.314 ? 217 VAL A CA  1 
ATOM   342  C  C   . VAL A 1 40  ? 1.096   2.108   -4.083  1.000 11.963 ? 217 VAL A C   1 
ATOM   343  O  O   . VAL A 1 40  ? 1.438   1.946   -2.895  1.000 12.709 ? 217 VAL A O   1 
ATOM   344  C  CB  . VAL A 1 40  ? -1.398  1.541   -4.340  1.000 12.100 ? 217 VAL A CB  1 
ATOM   345  C  CG1 . VAL A 1 40  ? -1.687  1.397   -2.843  1.000 12.672 ? 217 VAL A CG1 1 
ATOM   346  C  CG2 . VAL A 1 40  ? -1.808  2.900   -4.885  1.000 13.380 ? 217 VAL A CG2 1 
ATOM   347  N  N   . VAL A 1 41  ? 1.518   3.109   -4.840  1.000 11.360 ? 218 VAL A N   1 
ATOM   348  C  CA  . VAL A 1 41  ? 2.382   4.210   -4.355  1.000 12.426 ? 218 VAL A CA  1 
ATOM   349  C  C   . VAL A 1 41  ? 1.545   5.474   -4.372  1.000 12.611 ? 218 VAL A C   1 
ATOM   350  O  O   . VAL A 1 41  ? 0.990   5.814   -5.471  1.000 13.281 ? 218 VAL A O   1 
ATOM   351  C  CB  . VAL A 1 41  ? 3.615   4.272   -5.286  1.000 13.766 ? 218 VAL A CB  1 
ATOM   352  C  CG1 . VAL A 1 41  ? 4.402   5.546   -5.090  1.000 13.613 ? 218 VAL A CG1 1 
ATOM   353  C  CG2 . VAL A 1 41  ? 4.499   3.054   -5.117  1.000 14.252 ? 218 VAL A CG2 1 
ATOM   354  N  N   . ILE A 1 42  ? 1.405   6.143   -3.221  1.000 12.015 ? 219 ILE A N   1 
ATOM   355  C  CA  . ILE A 1 42  ? 0.606   7.382   -3.108  1.000 13.382 ? 219 ILE A CA  1 
ATOM   356  C  C   . ILE A 1 42  ? 1.515   8.565   -3.391  1.000 14.352 ? 219 ILE A C   1 
ATOM   357  O  O   . ILE A 1 42  ? 2.408   8.849   -2.567  1.000 16.248 ? 219 ILE A O   1 
ATOM   358  C  CB  . ILE A 1 42  ? -0.125  7.471   -1.780  1.000 13.899 ? 219 ILE A CB  1 
ATOM   359  C  CG1 . ILE A 1 42  ? -0.962  6.219   -1.560  1.000 14.567 ? 219 ILE A CG1 1 
ATOM   360  C  CG2 . ILE A 1 42  ? -0.974  8.739   -1.718  1.000 14.239 ? 219 ILE A CG2 1 
ATOM   361  C  CD1 . ILE A 1 42  ? -2.054  5.995   -2.601  1.000 14.776 ? 219 ILE A CD1 1 
ATOM   362  N  N   . ASN A 1 43  ? 1.302   9.193   -4.550  1.000 15.686 ? 220 ASN A N   1 
ATOM   363  C  CA  . ASN A 1 43  ? 2.205   10.262  -5.055  1.000 16.303 ? 220 ASN A CA  1 
ATOM   364  C  C   . ASN A 1 43  ? 1.672   11.645  -4.712  1.000 15.997 ? 220 ASN A C   1 
ATOM   365  O  O   . ASN A 1 43  ? 2.448   12.628  -4.883  1.000 17.141 ? 220 ASN A O   1 
ATOM   366  C  CB  . ASN A 1 43  ? 2.446   10.148  -6.564  1.000 18.284 ? 220 ASN A CB  1 
ATOM   367  C  CG  . ASN A 1 43  ? 3.157   8.872   -6.935  1.000 20.372 ? 220 ASN A CG  1 
ATOM   368  O  OD1 . ASN A 1 43  ? 4.407   8.839   -7.025  1.000 25.456 ? 220 ASN A OD1 1 
ATOM   369  N  ND2 . ASN A 1 43  ? 2.379   7.822   -7.127  1.000 15.877 ? 220 ASN A ND2 1 
ATOM   370  N  N   . SER A 1 44  ? 0.434   11.792  -4.255  1.000 17.371 ? 221 SER A N   1 
ATOM   371  C  CA  . SER A 1 44  ? -0.245  13.107  -4.135  1.000 17.295 ? 221 SER A CA  1 
ATOM   372  C  C   . SER A 1 44  ? -1.515  12.988  -3.294  1.000 16.481 ? 221 SER A C   1 
ATOM   373  O  O   . SER A 1 44  ? -2.042  11.862  -3.138  1.000 16.073 ? 221 SER A O   1 
ATOM   374  C  CB  . SER A 1 44  ? -0.576  13.668  -5.513  1.000 17.082 ? 221 SER A CB  1 
ATOM   375  O  OG  . SER A 1 44  ? -1.621  12.944  -6.169  1.000 18.353 ? 221 SER A OG  1 
ATOM   376  N  N   . ARG A 1 45  ? -1.983  14.116  -2.769  1.000 17.884 ? 222 ARG A N   1 
ATOM   377  C  CA  . ARG A 1 45  ? -3.282  14.213  -2.060  1.000 20.473 ? 222 ARG A CA  1 
ATOM   378  C  C   . ARG A 1 45  ? -4.412  13.744  -2.992  1.000 18.031 ? 222 ARG A C   1 
ATOM   379  O  O   . ARG A 1 45  ? -5.323  13.065  -2.541  1.000 19.091 ? 222 ARG A O   1 
ATOM   380  C  CB  . ARG A 1 45  ? -3.504  15.648  -1.559  1.000 22.125 ? 222 ARG A CB  1 
ATOM   381  C  CG  . ARG A 1 45  ? -4.911  15.948  -1.062  1.000 26.196 ? 222 ARG A CG  1 
ATOM   382  C  CD  . ARG A 1 45  ? -5.499  15.033  -0.012  1.000 30.527 ? 222 ARG A CD  1 
ATOM   383  N  NE  . ARG A 1 45  ? -4.734  14.942  1.218   1.000 35.567 ? 222 ARG A NE  1 
ATOM   384  C  CZ  . ARG A 1 45  ? -4.982  14.075  2.213   1.000 36.885 ? 222 ARG A CZ  1 
ATOM   385  N  NH1 . ARG A 1 45  ? -5.983  13.204  2.148   1.000 41.177 ? 222 ARG A NH1 1 
ATOM   386  N  NH2 . ARG A 1 45  ? -4.205  14.082  3.278   1.000 38.986 ? 222 ARG A NH2 1 
ATOM   387  N  N   . GLU A 1 46  ? -4.376  14.125  -4.252  1.000 18.944 ? 223 GLU A N   1 
ATOM   388  C  CA  A GLU A 1 46  ? -5.450  13.784  -5.213  0.500 20.061 ? 223 GLU A CA  1 
ATOM   389  C  CA  B GLU A 1 46  ? -5.431  13.761  -5.243  0.500 20.814 ? 223 GLU A CA  1 
ATOM   390  C  C   . GLU A 1 46  ? -5.532  12.235  -5.298  1.000 19.011 ? 223 GLU A C   1 
ATOM   391  O  O   . GLU A 1 46  ? -6.639  11.669  -5.271  1.000 19.153 ? 223 GLU A O   1 
ATOM   392  C  CB  A GLU A 1 46  ? -5.144  14.574  -6.495  0.500 22.140 ? 223 GLU A CB  1 
ATOM   393  C  CB  B GLU A 1 46  ? -5.087  14.267  -6.646  0.500 23.912 ? 223 GLU A CB  1 
ATOM   394  C  CG  A GLU A 1 46  ? -5.177  16.120  -6.341  0.500 23.093 ? 223 GLU A CG  1 
ATOM   395  C  CG  B GLU A 1 46  ? -6.138  13.965  -7.704  0.500 26.162 ? 223 GLU A CG  1 
ATOM   396  C  CD  A GLU A 1 46  ? -4.143  16.879  -5.489  0.500 23.400 ? 223 GLU A CD  1 
ATOM   397  C  CD  B GLU A 1 46  ? -5.817  14.624  -9.038  0.500 30.615 ? 223 GLU A CD  1 
ATOM   398  O  OE1 A GLU A 1 46  ? -2.936  16.507  -5.445  0.500 18.161 ? 223 GLU A OE1 1 
ATOM   399  O  OE1 B GLU A 1 46  ? -4.908  15.483  -9.058  0.500 34.187 ? 223 GLU A OE1 1 
ATOM   400  O  OE2 A GLU A 1 46  ? -4.552  17.903  -4.849  0.500 28.515 ? 223 GLU A OE2 1 
ATOM   401  O  OE2 B GLU A 1 46  ? -6.459  14.275  -10.045 0.500 32.426 ? 223 GLU A OE2 1 
ATOM   402  N  N   . GLU A 1 47  ? -4.394  11.554  -5.358  1.000 17.284 ? 224 GLU A N   1 
ATOM   403  C  CA  . GLU A 1 47  ? -4.407  10.075  -5.459  1.000 14.866 ? 224 GLU A CA  1 
ATOM   404  C  C   . GLU A 1 47  ? -4.816  9.446   -4.123  1.000 14.751 ? 224 GLU A C   1 
ATOM   405  O  O   . GLU A 1 47  ? -5.485  8.401   -4.157  1.000 14.950 ? 224 GLU A O   1 
ATOM   406  C  CB  . GLU A 1 47  ? -3.058  9.585   -5.959  1.000 16.449 ? 224 GLU A CB  1 
ATOM   407  C  CG  . GLU A 1 47  ? -2.964  8.079   -6.039  1.000 15.622 ? 224 GLU A CG  1 
ATOM   408  C  CD  . GLU A 1 47  ? -1.648  7.571   -6.624  1.000 16.655 ? 224 GLU A CD  1 
ATOM   409  O  OE1 . GLU A 1 47  ? -1.638  6.440   -7.177  1.000 17.229 ? 224 GLU A OE1 1 
ATOM   410  O  OE2 . GLU A 1 47  ? -0.606  8.280   -6.482  1.000 16.370 ? 224 GLU A OE2 1 
ATOM   411  N  N   . GLN A 1 48  ? -4.329  9.965   -3.003  1.000 14.961 ? 225 GLN A N   1 
ATOM   412  C  CA  . GLN A 1 48  ? -4.780  9.560   -1.659  1.000 14.302 ? 225 GLN A CA  1 
ATOM   413  C  C   . GLN A 1 48  ? -6.319  9.637   -1.616  1.000 14.401 ? 225 GLN A C   1 
ATOM   414  O  O   . GLN A 1 48  ? -6.934  8.703   -1.115  1.000 14.263 ? 225 GLN A O   1 
ATOM   415  C  CB  . GLN A 1 48  ? -4.140  10.457  -0.595  1.000 13.408 ? 225 GLN A CB  1 
ATOM   416  C  CG  . GLN A 1 48  ? -4.702  10.214  0.795   1.000 12.629 ? 225 GLN A CG  1 
ATOM   417  C  CD  . GLN A 1 48  ? -4.336  8.879   1.384   1.000 13.356 ? 225 GLN A CD  1 
ATOM   418  O  OE1 . GLN A 1 48  ? -3.200  8.444   1.325   1.000 12.602 ? 225 GLN A OE1 1 
ATOM   419  N  NE2 . GLN A 1 48  ? -5.290  8.287   2.092   1.000 15.025 ? 225 GLN A NE2 1 
ATOM   420  N  N   . ASN A 1 49  ? -6.921  10.736  -2.070  1.000 15.752 ? 226 ASN A N   1 
ATOM   421  C  CA  . ASN A 1 49  ? -8.398  10.905  -1.973  1.000 18.411 ? 226 ASN A CA  1 
ATOM   422  C  C   . ASN A 1 49  ? -9.117  9.831   -2.808  1.000 17.927 ? 226 ASN A C   1 
ATOM   423  O  O   . ASN A 1 49  ? -10.139 9.305   -2.341  1.000 18.417 ? 226 ASN A O   1 
ATOM   424  C  CB  . ASN A 1 49  ? -8.856  12.296  -2.379  1.000 20.732 ? 226 ASN A CB  1 
ATOM   425  C  CG  . ASN A 1 49  ? -8.423  13.358  -1.400  1.000 24.176 ? 226 ASN A CG  1 
ATOM   426  O  OD1 . ASN A 1 49  ? -8.145  13.051  -0.229  1.000 25.951 ? 226 ASN A OD1 1 
ATOM   427  N  ND2 . ASN A 1 49  ? -8.284  14.582  -1.905  1.000 27.804 ? 226 ASN A ND2 1 
ATOM   428  N  N   . PHE A 1 50  ? -8.583  9.487   -3.972  1.000 15.118 ? 227 PHE A N   1 
ATOM   429  C  CA  . PHE A 1 50  ? -9.202  8.511   -4.890  1.000 17.683 ? 227 PHE A CA  1 
ATOM   430  C  C   . PHE A 1 50  ? -9.137  7.144   -4.225  1.000 16.645 ? 227 PHE A C   1 
ATOM   431  O  O   . PHE A 1 50  ? -10.149 6.389   -4.127  1.000 15.823 ? 227 PHE A O   1 
ATOM   432  C  CB  . PHE A 1 50  ? -8.500  8.514   -6.238  1.000 17.207 ? 227 PHE A CB  1 
ATOM   433  C  CG  . PHE A 1 50  ? -8.769  7.256   -7.011  1.000 19.276 ? 227 PHE A CG  1 
ATOM   434  C  CD1 . PHE A 1 50  ? -9.986  7.068   -7.653  1.000 21.660 ? 227 PHE A CD1 1 
ATOM   435  C  CD2 . PHE A 1 50  ? -7.804  6.273   -7.098  1.000 20.077 ? 227 PHE A CD2 1 
ATOM   436  C  CE1 . PHE A 1 50  ? -10.237 5.883   -8.330  1.000 22.833 ? 227 PHE A CE1 1 
ATOM   437  C  CE2 . PHE A 1 50  ? -8.069  5.075   -7.745  1.000 19.506 ? 227 PHE A CE2 1 
ATOM   438  C  CZ  . PHE A 1 50  ? -9.272  4.894   -8.378  1.000 21.223 ? 227 PHE A CZ  1 
ATOM   439  N  N   . VAL A 1 51  ? -7.943  6.773   -3.769  1.000 14.994 ? 228 VAL A N   1 
ATOM   440  C  CA  . VAL A 1 51  ? -7.755  5.428   -3.152  1.000 15.291 ? 228 VAL A CA  1 
ATOM   441  C  C   . VAL A 1 51  ? -8.590  5.307   -1.887  1.000 14.951 ? 228 VAL A C   1 
ATOM   442  O  O   . VAL A 1 51  ? -9.276  4.275   -1.704  1.000 15.486 ? 228 VAL A O   1 
ATOM   443  C  CB  . VAL A 1 51  ? -6.271  5.131   -2.860  1.000 16.429 ? 228 VAL A CB  1 
ATOM   444  C  CG1 . VAL A 1 51  ? -6.132  3.812   -2.108  1.000 19.782 ? 228 VAL A CG1 1 
ATOM   445  C  CG2 . VAL A 1 51  ? -5.496  5.076   -4.158  1.000 17.945 ? 228 VAL A CG2 1 
ATOM   446  N  N   . GLN A 1 52  ? -8.571  6.294   -1.024  1.000 14.726 ? 229 GLN A N   1 
ATOM   447  C  CA  . GLN A 1 52  ? -9.253  6.136   0.276   1.000 15.911 ? 229 GLN A CA  1 
ATOM   448  C  C   . GLN A 1 52  ? -10.772 6.057   0.062   1.000 16.280 ? 229 GLN A C   1 
ATOM   449  O  O   . GLN A 1 52  ? -11.443 5.420   0.860   1.000 16.659 ? 229 GLN A O   1 
ATOM   450  C  CB  . GLN A 1 52  ? -8.909  7.244   1.248   1.000 18.325 ? 229 GLN A CB  1 
ATOM   451  C  CG  . GLN A 1 52  ? -9.488  8.589   0.937   1.000 20.709 ? 229 GLN A CG  1 
ATOM   452  C  CD  . GLN A 1 52  ? -8.946  9.684   1.837   1.000 24.277 ? 229 GLN A CD  1 
ATOM   453  O  OE1 . GLN A 1 52  ? -7.868  9.600   2.445   1.000 24.218 ? 229 GLN A OE1 1 
ATOM   454  N  NE2 . GLN A 1 52  ? -9.672  10.787  1.879   1.000 27.298 ? 229 GLN A NE2 1 
ATOM   455  N  N   . LYS A 1 53  ? -11.290 6.726   -0.948  1.000 17.441 ? 230 LYS A N   1 
ATOM   456  C  CA  . LYS A 1 53  ? -12.745 6.693   -1.239  1.000 19.250 ? 230 LYS A CA  1 
ATOM   457  C  C   . LYS A 1 53  ? -13.202 5.259   -1.537  1.000 19.736 ? 230 LYS A C   1 
ATOM   458  O  O   . LYS A 1 53  ? -14.385 4.951   -1.254  1.000 20.948 ? 230 LYS A O   1 
ATOM   459  C  CB  . LYS A 1 53  ? -13.024 7.689   -2.359  1.000 23.533 ? 230 LYS A CB  1 
ATOM   460  C  CG  . LYS A 1 53  ? -14.481 7.721   -2.794  1.000 29.248 ? 230 LYS A CG  1 
ATOM   461  C  CD  . LYS A 1 53  ? -14.858 8.874   -3.731  1.000 38.082 ? 230 LYS A CD  1 
ATOM   462  C  CE  . LYS A 1 53  ? -13.812 9.955   -3.963  1.000 42.892 ? 230 LYS A CE  1 
ATOM   463  N  NZ  . LYS A 1 53  ? -13.042 9.671   -5.205  1.000 40.691 ? 230 LYS A NZ  1 
ATOM   464  N  N   . TYR A 1 54  ? -12.331 4.364   -2.035  1.000 16.119 ? 231 TYR A N   1 
ATOM   465  C  CA  A TYR A 1 54  ? -12.747 3.043   -2.566  0.500 15.832 ? 231 TYR A CA  1 
ATOM   466  C  CA  B TYR A 1 54  ? -12.743 3.038   -2.553  0.500 16.885 ? 231 TYR A CA  1 
ATOM   467  C  C   . TYR A 1 54  ? -12.134 1.910   -1.728  1.000 16.259 ? 231 TYR A C   1 
ATOM   468  O  O   . TYR A 1 54  ? -12.197 0.745   -2.128  1.000 16.140 ? 231 TYR A O   1 
ATOM   469  C  CB  A TYR A 1 54  ? -12.442 3.011   -4.074  0.500 15.735 ? 231 TYR A CB  1 
ATOM   470  C  CB  B TYR A 1 54  ? -12.321 2.909   -4.015  0.500 18.381 ? 231 TYR A CB  1 
ATOM   471  C  CG  A TYR A 1 54  ? -13.317 3.937   -4.890  0.500 15.092 ? 231 TYR A CG  1 
ATOM   472  C  CG  B TYR A 1 54  ? -12.924 1.734   -4.745  0.500 19.400 ? 231 TYR A CG  1 
ATOM   473  C  CD1 A TYR A 1 54  ? -14.676 3.700   -5.057  0.500 14.822 ? 231 TYR A CD1 1 
ATOM   474  C  CD1 B TYR A 1 54  ? -14.292 1.610   -4.930  0.500 19.754 ? 231 TYR A CD1 1 
ATOM   475  C  CD2 A TYR A 1 54  ? -12.812 5.103   -5.437  0.500 14.977 ? 231 TYR A CD2 1 
ATOM   476  C  CD2 B TYR A 1 54  ? -12.114 0.773   -5.324  0.500 20.238 ? 231 TYR A CD2 1 
ATOM   477  C  CE1 A TYR A 1 54  ? -15.475 4.555   -5.800  0.500 15.216 ? 231 TYR A CE1 1 
ATOM   478  C  CE1 B TYR A 1 54  ? -14.831 0.540   -5.631  0.500 21.290 ? 231 TYR A CE1 1 
ATOM   479  C  CE2 A TYR A 1 54  ? -13.604 5.978   -6.158  0.500 16.277 ? 231 TYR A CE2 1 
ATOM   480  C  CE2 B TYR A 1 54  ? -12.633 -0.292  -6.042  0.500 21.933 ? 231 TYR A CE2 1 
ATOM   481  C  CZ  A TYR A 1 54  ? -14.946 5.711   -6.334  0.500 16.213 ? 231 TYR A CZ  1 
ATOM   482  C  CZ  B TYR A 1 54  ? -14.003 -0.414  -6.196  0.500 23.602 ? 231 TYR A CZ  1 
ATOM   483  O  OH  A TYR A 1 54  ? -15.724 6.603   -7.027  0.500 16.672 ? 231 TYR A OH  1 
ATOM   484  O  OH  B TYR A 1 54  ? -14.514 -1.471  -6.901  0.500 27.387 ? 231 TYR A OH  1 
ATOM   485  N  N   . LEU A 1 55  ? -11.582 2.234   -0.559  1.000 16.321 ? 232 LEU A N   1 
ATOM   486  C  CA  . LEU A 1 55  ? -11.114 1.164   0.340   1.000 16.391 ? 232 LEU A CA  1 
ATOM   487  C  C   . LEU A 1 55  ? -12.313 0.311   0.766   1.000 18.282 ? 232 LEU A C   1 
ATOM   488  O  O   . LEU A 1 55  ? -13.389 0.895   1.014   1.000 18.378 ? 232 LEU A O   1 
ATOM   489  C  CB  . LEU A 1 55  ? -10.392 1.740   1.548   1.000 17.167 ? 232 LEU A CB  1 
ATOM   490  C  CG  . LEU A 1 55  ? -9.075  2.423   1.244   1.000 17.684 ? 232 LEU A CG  1 
ATOM   491  C  CD1 . LEU A 1 55  ? -8.591  3.171   2.497   1.000 20.149 ? 232 LEU A CD1 1 
ATOM   492  C  CD2 . LEU A 1 55  ? -8.052  1.399   0.725   1.000 17.763 ? 232 LEU A CD2 1 
ATOM   493  N  N   . GLY A 1 56  ? -12.099 -0.995  0.890   1.000 19.081 ? 233 GLY A N   1 
ATOM   494  C  CA  . GLY A 1 56  ? -13.093 -1.991  1.336   1.000 19.357 ? 233 GLY A CA  1 
ATOM   495  C  C   . GLY A 1 56  ? -13.335 -2.005  2.846   1.000 18.899 ? 233 GLY A C   1 
ATOM   496  O  O   . GLY A 1 56  ? -13.448 -3.132  3.411   1.000 18.107 ? 233 GLY A O   1 
ATOM   497  N  N   . SER A 1 57  ? -13.373 -0.846  3.520   1.000 20.003 ? 234 SER A N   1 
ATOM   498  C  CA  . SER A 1 57  ? -13.692 -0.784  4.977   1.000 21.090 ? 234 SER A CA  1 
ATOM   499  C  C   . SER A 1 57  ? -12.830 -1.765  5.788   1.000 20.273 ? 234 SER A C   1 
ATOM   500  O  O   . SER A 1 57  ? -13.358 -2.492  6.644   1.000 21.502 ? 234 SER A O   1 
ATOM   501  C  CB  . SER A 1 57  ? -15.170 -1.059  5.135   1.000 23.073 ? 234 SER A CB  1 
ATOM   502  O  OG  . SER A 1 57  ? -15.873 -0.169  4.267   1.000 24.485 ? 234 SER A OG  1 
ATOM   503  N  N   . ALA A 1 58  ? -11.523 -1.829  5.494   1.000 17.614 ? 235 ALA A N   1 
ATOM   504  C  CA  . ALA A 1 58  ? -10.577 -2.727  6.176   1.000 16.756 ? 235 ALA A CA  1 
ATOM   505  C  C   . ALA A 1 58  ? -9.164  -2.216  5.963   1.000 15.716 ? 235 ALA A C   1 
ATOM   506  O  O   . ALA A 1 58  ? -8.941  -1.469  5.001   1.000 14.016 ? 235 ALA A O   1 
ATOM   507  C  CB  . ALA A 1 58  ? -10.695 -4.138  5.650   1.000 19.618 ? 235 ALA A CB  1 
ATOM   508  N  N   . TYR A 1 59  ? -8.262  -2.634  6.836   1.000 14.718 ? 236 TYR A N   1 
ATOM   509  C  CA  . TYR A 1 59  ? -6.835  -2.269  6.769   1.000 12.490 ? 236 TYR A CA  1 
ATOM   510  C  C   . TYR A 1 59  ? -6.289  -2.776  5.449   1.000 10.882 ? 236 TYR A C   1 
ATOM   511  O  O   . TYR A 1 59  ? -6.557  -3.921  5.117   1.000 11.414 ? 236 TYR A O   1 
ATOM   512  C  CB  . TYR A 1 59  ? -6.050  -2.872  7.939   1.000 13.086 ? 236 TYR A CB  1 
ATOM   513  C  CG  . TYR A 1 59  ? -6.407  -2.321  9.291   1.000 14.737 ? 236 TYR A CG  1 
ATOM   514  C  CD1 . TYR A 1 59  ? -6.906  -1.049  9.430   1.000 15.712 ? 236 TYR A CD1 1 
ATOM   515  C  CD2 . TYR A 1 59  ? -6.328  -3.115  10.413  1.000 16.418 ? 236 TYR A CD2 1 
ATOM   516  C  CE1 . TYR A 1 59  ? -7.293  -0.559  10.671  1.000 19.123 ? 236 TYR A CE1 1 
ATOM   517  C  CE2 . TYR A 1 59  ? -6.687  -2.645  11.656  1.000 18.507 ? 236 TYR A CE2 1 
ATOM   518  C  CZ  . TYR A 1 59  ? -7.134  -1.348  11.790  1.000 19.469 ? 236 TYR A CZ  1 
ATOM   519  O  OH  . TYR A 1 59  ? -7.496  -0.871  13.026  1.000 22.107 ? 236 TYR A OH  1 
ATOM   520  N  N   . THR A 1 60  ? -5.546  -1.933  4.741   1.000 10.235 ? 237 THR A N   1 
ATOM   521  C  CA  . THR A 1 60  ? -5.164  -2.194  3.343   1.000 10.713 ? 237 THR A CA  1 
ATOM   522  C  C   . THR A 1 60  ? -3.690  -1.821  3.145   1.000 10.203 ? 237 THR A C   1 
ATOM   523  O  O   . THR A 1 60  ? -3.354  -0.663  3.363   1.000 11.529 ? 237 THR A O   1 
ATOM   524  C  CB  . THR A 1 60  ? -6.118  -1.460  2.396   1.000 10.882 ? 237 THR A CB  1 
ATOM   525  O  OG1 . THR A 1 60  ? -7.482  -1.860  2.684   1.000 12.151 ? 237 THR A OG1 1 
ATOM   526  C  CG2 . THR A 1 60  ? -5.757  -1.717  0.966   1.000 11.366 ? 237 THR A CG2 1 
ATOM   527  N  N   . TRP A 1 61  ? -2.878  -2.756  2.715   1.000 10.091 ? 238 TRP A N   1 
ATOM   528  C  CA  . TRP A 1 61  ? -1.444  -2.511  2.419   1.000 10.507 ? 238 TRP A CA  1 
ATOM   529  C  C   . TRP A 1 61  ? -1.276  -1.526  1.282   1.000 10.615 ? 238 TRP A C   1 
ATOM   530  O  O   . TRP A 1 61  ? -2.022  -1.573  0.306   1.000 11.143 ? 238 TRP A O   1 
ATOM   531  C  CB  . TRP A 1 61  ? -0.704  -3.792  2.053   1.000 10.044 ? 238 TRP A CB  1 
ATOM   532  C  CG  . TRP A 1 61  ? -0.610  -4.837  3.123   1.000 10.287 ? 238 TRP A CG  1 
ATOM   533  C  CD1 . TRP A 1 61  ? -0.917  -6.159  2.999   1.000 10.037 ? 238 TRP A CD1 1 
ATOM   534  C  CD2 . TRP A 1 61  ? 0.000   -4.688  4.424   1.000 10.481 ? 238 TRP A CD2 1 
ATOM   535  N  NE1 . TRP A 1 61  ? -0.621  -6.825  4.153   1.000 11.441 ? 238 TRP A NE1 1 
ATOM   536  C  CE2 . TRP A 1 61  ? -0.079  -5.951  5.064   1.000 11.420 ? 238 TRP A CE2 1 
ATOM   537  C  CE3 . TRP A 1 61  ? 0.520   -3.597  5.145   1.000 12.070 ? 238 TRP A CE3 1 
ATOM   538  C  CZ2 . TRP A 1 61  ? 0.442   -6.166  6.343   1.000 11.015 ? 238 TRP A CZ2 1 
ATOM   539  C  CZ3 . TRP A 1 61  ? 0.995   -3.804  6.427   1.000 11.752 ? 238 TRP A CZ3 1 
ATOM   540  C  CH2 . TRP A 1 61  ? 0.933   -5.079  7.011   1.000 11.773 ? 238 TRP A CH2 1 
ATOM   541  N  N   . MET A 1 62  ? -0.231  -0.704  1.393   1.000 11.615 ? 239 MET A N   1 
ATOM   542  C  CA  . MET A 1 62  ? 0.334   0.077   0.275   1.000 11.200 ? 239 MET A CA  1 
ATOM   543  C  C   . MET A 1 62  ? 1.803   -0.312  0.073   1.000 12.157 ? 239 MET A C   1 
ATOM   544  O  O   . MET A 1 62  ? 2.359   -1.042  0.884   1.000 11.544 ? 239 MET A O   1 
ATOM   545  C  CB  . MET A 1 62  ? 0.226   1.577   0.560   1.000 11.725 ? 239 MET A CB  1 
ATOM   546  C  CG  . MET A 1 62  ? 1.155   2.037   1.636   1.000 11.400 ? 239 MET A CG  1 
ATOM   547  S  SD  . MET A 1 62  ? 0.755   3.697   2.159   1.000 14.366 ? 239 MET A SD  1 
ATOM   548  C  CE  . MET A 1 62  ? -0.628  3.286   3.226   1.000 13.701 ? 239 MET A CE  1 
ATOM   549  N  N   . GLY A 1 63  ? 2.408   0.181   -0.987  1.000 11.669 ? 240 GLY A N   1 
ATOM   550  C  CA  . GLY A 1 63  ? 3.790   -0.188  -1.355  1.000 12.625 ? 240 GLY A CA  1 
ATOM   551  C  C   . GLY A 1 63  ? 4.834   0.660   -0.649  1.000 13.916 ? 240 GLY A C   1 
ATOM   552  O  O   . GLY A 1 63  ? 5.670   1.273   -1.318  1.000 14.866 ? 240 GLY A O   1 
ATOM   553  N  N   . LEU A 1 64  ? 4.783   0.680   0.677   1.000 12.855 ? 241 LEU A N   1 
ATOM   554  C  CA  . LEU A 1 64  ? 5.648   1.506   1.559   1.000 13.000 ? 241 LEU A CA  1 
ATOM   555  C  C   . LEU A 1 64  ? 6.131   0.613   2.717   1.000 14.118 ? 241 LEU A C   1 
ATOM   556  O  O   . LEU A 1 64  ? 5.295   0.019   3.425   1.000 13.195 ? 241 LEU A O   1 
ATOM   557  C  CB  . LEU A 1 64  ? 4.838   2.722   2.029   1.000 12.722 ? 241 LEU A CB  1 
ATOM   558  C  CG  . LEU A 1 64  ? 5.554   3.673   2.991   1.000 12.390 ? 241 LEU A CG  1 
ATOM   559  C  CD1 . LEU A 1 64  ? 6.857   4.180   2.397   1.000 14.292 ? 241 LEU A CD1 1 
ATOM   560  C  CD2 . LEU A 1 64  ? 4.667   4.839   3.386   1.000 13.222 ? 241 LEU A CD2 1 
ATOM   561  N  N   . SER A 1 65  ? 7.446   0.523   2.931   1.000 13.210 ? 242 SER A N   1 
ATOM   562  C  CA  . SER A 1 65  ? 8.022   -0.411  3.927   1.000 13.897 ? 242 SER A CA  1 
ATOM   563  C  C   . SER A 1 65  ? 9.384   0.101   4.388   1.000 15.334 ? 242 SER A C   1 
ATOM   564  O  O   . SER A 1 65  ? 10.001  0.897   3.644   1.000 14.251 ? 242 SER A O   1 
ATOM   565  C  CB  . SER A 1 65  ? 8.117   -1.838  3.405   1.000 13.932 ? 242 SER A CB  1 
ATOM   566  O  OG  . SER A 1 65  ? 9.097   -1.990  2.384   1.000 14.965 ? 242 SER A OG  1 
ATOM   567  N  N   . ASP A 1 66  ? 9.850   -0.367  5.546   1.000 15.788 ? 243 ASP A N   1 
ATOM   568  C  CA  . ASP A 1 66  ? 11.158  0.121   6.069   1.000 18.125 ? 243 ASP A CA  1 
ATOM   569  C  C   . ASP A 1 66  ? 11.990  -0.980  6.712   1.000 20.665 ? 243 ASP A C   1 
ATOM   570  O  O   . ASP A 1 66  ? 12.669  -0.697  7.695   1.000 21.660 ? 243 ASP A O   1 
ATOM   571  C  CB  . ASP A 1 66  ? 10.952  1.279   7.029   1.000 17.446 ? 243 ASP A CB  1 
ATOM   572  C  CG  . ASP A 1 66  ? 10.494  0.893   8.425   1.000 20.444 ? 243 ASP A CG  1 
ATOM   573  O  OD1 . ASP A 1 66  ? 9.847   -0.172  8.560   1.000 18.940 ? 243 ASP A OD1 1 
ATOM   574  O  OD2 . ASP A 1 66  ? 10.819  1.619   9.393   1.000 21.972 ? 243 ASP A OD2 1 
ATOM   575  N  N   . PRO A 1 67  ? 12.039  -2.216  6.184   1.000 23.292 ? 244 PRO A N   1 
ATOM   576  C  CA  . PRO A 1 67  ? 12.716  -3.291  6.910   1.000 28.550 ? 244 PRO A CA  1 
ATOM   577  C  C   . PRO A 1 67  ? 14.244  -3.107  6.976   1.000 30.075 ? 244 PRO A C   1 
ATOM   578  O  O   . PRO A 1 67  ? 14.829  -3.658  7.856   1.000 35.940 ? 244 PRO A O   1 
ATOM   579  C  CB  . PRO A 1 67  ? 12.313  -4.553  6.145   1.000 28.801 ? 244 PRO A CB  1 
ATOM   580  C  CG  . PRO A 1 67  ? 12.121  -4.041  4.726   1.000 31.064 ? 244 PRO A CG  1 
ATOM   581  C  CD  . PRO A 1 67  ? 11.512  -2.660  4.880   1.000 28.463 ? 244 PRO A CD  1 
ATOM   582  N  N   A GLU A 1 68  ? 14.870  -2.419  6.019   0.500 34.163 ? 245 GLU A N   1 
ATOM   583  N  N   B GLU A 1 68  ? 14.802  -2.258  6.106   0.500 31.105 ? 245 GLU A N   1 
ATOM   584  C  CA  A GLU A 1 68  ? 16.312  -2.041  6.126   0.500 38.188 ? 245 GLU A CA  1 
ATOM   585  C  CA  B GLU A 1 68  ? 16.265  -2.006  5.981   0.500 34.010 ? 245 GLU A CA  1 
ATOM   586  C  C   A GLU A 1 68  ? 16.366  -0.537  6.415   0.500 38.296 ? 245 GLU A C   1 
ATOM   587  C  C   B GLU A 1 68  ? 16.657  -0.727  6.737   0.500 34.812 ? 245 GLU A C   1 
ATOM   588  O  O   A GLU A 1 68  ? 16.830  0.223   5.552   0.500 45.767 ? 245 GLU A O   1 
ATOM   589  O  O   B GLU A 1 68  ? 17.836  -0.339  6.630   0.500 33.278 ? 245 GLU A O   1 
ATOM   590  C  CB  A GLU A 1 68  ? 17.135  -2.460  4.899   0.500 41.844 ? 245 GLU A CB  1 
ATOM   591  C  CB  B GLU A 1 68  ? 16.647  -1.922  4.497   0.500 35.406 ? 245 GLU A CB  1 
ATOM   592  C  CG  A GLU A 1 68  ? 17.514  -3.947  4.888   0.500 44.529 ? 245 GLU A CG  1 
ATOM   593  C  CG  B GLU A 1 68  ? 16.494  -3.249  3.762   0.500 36.914 ? 245 GLU A CG  1 
ATOM   594  C  CD  A GLU A 1 68  ? 18.933  -4.311  4.458   0.500 46.678 ? 245 GLU A CD  1 
ATOM   595  C  CD  B GLU A 1 68  ? 15.226  -3.419  2.936   0.500 38.887 ? 245 GLU A CD  1 
ATOM   596  O  OE1 A GLU A 1 68  ? 19.567  -3.527  3.709   0.500 47.727 ? 245 GLU A OE1 1 
ATOM   597  O  OE1 B GLU A 1 68  ? 14.452  -2.423  2.788   0.500 39.657 ? 245 GLU A OE1 1 
ATOM   598  O  OE2 A GLU A 1 68  ? 19.410  -5.398  4.867   0.500 48.270 ? 245 GLU A OE2 1 
ATOM   599  O  OE2 B GLU A 1 68  ? 14.990  -4.562  2.469   0.500 40.120 ? 245 GLU A OE2 1 
ATOM   600  N  N   . GLY A 1 69  ? 15.753  -0.139  7.530   1.000 36.003 ? 246 GLY A N   1 
ATOM   601  C  CA  . GLY A 1 69  ? 16.053  1.095   8.275   1.000 38.316 ? 246 GLY A CA  1 
ATOM   602  C  C   . GLY A 1 69  ? 15.262  2.323   7.842   1.000 37.703 ? 246 GLY A C   1 
ATOM   603  O  O   . GLY A 1 69  ? 14.856  3.085   8.733   1.000 46.520 ? 246 GLY A O   1 
ATOM   604  N  N   . ALA A 1 70  ? 15.121  2.580   6.541   1.000 29.536 ? 247 ALA A N   1 
ATOM   605  C  CA  . ALA A 1 70  ? 14.498  3.822   6.037   1.000 24.442 ? 247 ALA A CA  1 
ATOM   606  C  C   . ALA A 1 70  ? 13.206  3.476   5.287   1.000 19.076 ? 247 ALA A C   1 
ATOM   607  O  O   . ALA A 1 70  ? 13.215  2.454   4.586   1.000 17.883 ? 247 ALA A O   1 
ATOM   608  C  CB  . ALA A 1 70  ? 15.482  4.533   5.156   1.000 25.734 ? 247 ALA A CB  1 
ATOM   609  N  N   . TRP A 1 71  ? 12.200  4.341   5.346   1.000 16.633 ? 248 TRP A N   1 
ATOM   610  C  CA  . TRP A 1 71  ? 10.923  4.166   4.576   1.000 15.898 ? 248 TRP A CA  1 
ATOM   611  C  C   . TRP A 1 71  ? 11.205  4.293   3.089   1.000 17.211 ? 248 TRP A C   1 
ATOM   612  O  O   . TRP A 1 71  ? 11.847  5.290   2.671   1.000 17.076 ? 248 TRP A O   1 
ATOM   613  C  CB  . TRP A 1 71  ? 9.831   5.142   5.035   1.000 16.284 ? 248 TRP A CB  1 
ATOM   614  C  CG  . TRP A 1 71  ? 9.315   4.754   6.367   1.000 17.084 ? 248 TRP A CG  1 
ATOM   615  C  CD1 . TRP A 1 71  ? 9.668   5.237   7.584   1.000 19.437 ? 248 TRP A CD1 1 
ATOM   616  C  CD2 . TRP A 1 71  ? 8.383   3.684   6.595   1.000 16.092 ? 248 TRP A CD2 1 
ATOM   617  N  NE1 . TRP A 1 71  ? 9.009   4.550   8.562   1.000 19.864 ? 248 TRP A NE1 1 
ATOM   618  C  CE2 . TRP A 1 71  ? 8.196   3.606   7.989   1.000 17.921 ? 248 TRP A CE2 1 
ATOM   619  C  CE3 . TRP A 1 71  ? 7.711   2.785   5.755   1.000 15.994 ? 248 TRP A CE3 1 
ATOM   620  C  CZ2 . TRP A 1 71  ? 7.393   2.625   8.573   1.000 18.303 ? 248 TRP A CZ2 1 
ATOM   621  C  CZ3 . TRP A 1 71  ? 6.877   1.835   6.334   1.000 16.330 ? 248 TRP A CZ3 1 
ATOM   622  C  CH2 . TRP A 1 71  ? 6.711   1.774   7.723   1.000 17.871 ? 248 TRP A CH2 1 
ATOM   623  N  N   . LYS A 1 72  ? 10.772  3.305   2.317   1.000 16.907 ? 249 LYS A N   1 
ATOM   624  C  CA  . LYS A 1 72  ? 10.927  3.327   0.852   1.000 18.858 ? 249 LYS A CA  1 
ATOM   625  C  C   . LYS A 1 72  ? 9.616   2.915   0.202   1.000 16.258 ? 249 LYS A C   1 
ATOM   626  O  O   . LYS A 1 72  ? 8.960   1.969   0.694   1.000 14.337 ? 249 LYS A O   1 
ATOM   627  C  CB  . LYS A 1 72  ? 11.999  2.351   0.405   1.000 22.593 ? 249 LYS A CB  1 
ATOM   628  C  CG  . LYS A 1 72  ? 13.404  2.713   0.846   1.000 29.394 ? 249 LYS A CG  1 
ATOM   629  C  CD  . LYS A 1 72  ? 14.412  1.676   0.402   1.000 37.066 ? 249 LYS A CD  1 
ATOM   630  C  CE  . LYS A 1 72  ? 15.602  1.597   1.337   1.000 50.385 ? 249 LYS A CE  1 
ATOM   631  N  NZ  . LYS A 1 72  ? 16.181  2.948   1.554   1.000 58.696 ? 249 LYS A NZ  1 
ATOM   632  N  N   . TRP A 1 73  ? 9.315   3.575   -0.902  1.000 15.730 ? 250 TRP A N   1 
ATOM   633  C  CA  . TRP A 1 73  ? 8.221   3.161   -1.818  1.000 14.737 ? 250 TRP A CA  1 
ATOM   634  C  C   . TRP A 1 73  ? 8.743   2.069   -2.742  1.000 16.392 ? 250 TRP A C   1 
ATOM   635  O  O   . TRP A 1 73  ? 9.901   2.124   -3.193  1.000 16.384 ? 250 TRP A O   1 
ATOM   636  C  CB  . TRP A 1 73  ? 7.637   4.339   -2.584  1.000 13.483 ? 250 TRP A CB  1 
ATOM   637  C  CG  . TRP A 1 73  ? 6.897   5.334   -1.757  1.000 13.750 ? 250 TRP A CG  1 
ATOM   638  C  CD1 . TRP A 1 73  ? 7.353   6.537   -1.350  1.000 14.762 ? 250 TRP A CD1 1 
ATOM   639  C  CD2 . TRP A 1 73  ? 5.542   5.255   -1.295  1.000 13.604 ? 250 TRP A CD2 1 
ATOM   640  N  NE1 . TRP A 1 73  ? 6.387   7.222   -0.670  1.000 15.663 ? 250 TRP A NE1 1 
ATOM   641  C  CE2 . TRP A 1 73  ? 5.277   6.442   -0.584  1.000 13.884 ? 250 TRP A CE2 1 
ATOM   642  C  CE3 . TRP A 1 73  ? 4.536   4.293   -1.385  1.000 13.680 ? 250 TRP A CE3 1 
ATOM   643  C  CZ2 . TRP A 1 73  ? 4.049   6.726   -0.012  1.000 14.161 ? 250 TRP A CZ2 1 
ATOM   644  C  CZ3 . TRP A 1 73  ? 3.315   4.571   -0.795  1.000 12.373 ? 250 TRP A CZ3 1 
ATOM   645  C  CH2 . TRP A 1 73  ? 3.086   5.766   -0.128  1.000 12.525 ? 250 TRP A CH2 1 
ATOM   646  N  N   . VAL A 1 74  ? 7.913   1.086   -3.054  1.000 16.148 ? 251 VAL A N   1 
ATOM   647  C  CA  . VAL A 1 74  ? 8.339   -0.091  -3.886  1.000 16.178 ? 251 VAL A CA  1 
ATOM   648  C  C   . VAL A 1 74  ? 8.903   0.315   -5.259  1.000 17.817 ? 251 VAL A C   1 
ATOM   649  O  O   . VAL A 1 74  ? 9.770   -0.427  -5.784  1.000 16.460 ? 251 VAL A O   1 
ATOM   650  C  CB  . VAL A 1 74  ? 7.199   -1.096  -4.092  1.000 15.525 ? 251 VAL A CB  1 
ATOM   651  C  CG1 . VAL A 1 74  ? 6.896   -1.834  -2.800  1.000 17.159 ? 251 VAL A CG1 1 
ATOM   652  C  CG2 . VAL A 1 74  ? 5.963   -0.465  -4.702  1.000 15.194 ? 251 VAL A CG2 1 
ATOM   653  N  N   . ASP A 1 75  ? 8.490   1.442   -5.803  1.000 18.323 ? 252 ASP A N   1 
ATOM   654  C  CA  . ASP A 1 75  ? 8.896   1.814   -7.179  1.000 19.728 ? 252 ASP A CA  1 
ATOM   655  C  C   . ASP A 1 75  ? 10.022  2.850   -7.135  1.000 19.738 ? 252 ASP A C   1 
ATOM   656  O  O   . ASP A 1 75  ? 10.393  3.339   -8.236  1.000 20.071 ? 252 ASP A O   1 
ATOM   657  C  CB  . ASP A 1 75  ? 7.682   2.290   -7.968  1.000 20.165 ? 252 ASP A CB  1 
ATOM   658  C  CG  . ASP A 1 75  ? 7.269   3.727   -7.638  1.000 20.145 ? 252 ASP A CG  1 
ATOM   659  O  OD1 . ASP A 1 75  ? 7.663   4.254   -6.562  1.000 21.487 ? 252 ASP A OD1 1 
ATOM   660  O  OD2 . ASP A 1 75  ? 6.561   4.312   -8.448  1.000 22.106 ? 252 ASP A OD2 1 
ATOM   661  N  N   . GLY A 1 76  ? 10.534  3.207   -5.958  1.000 18.549 ? 253 GLY A N   1 
ATOM   662  C  CA  . GLY A 1 76  ? 11.642  4.176   -5.867  1.000 21.671 ? 253 GLY A CA  1 
ATOM   663  C  C   . GLY A 1 76  ? 11.221  5.630   -5.739  1.000 20.838 ? 253 GLY A C   1 
ATOM   664  O  O   . GLY A 1 76  ? 12.122  6.472   -5.597  1.000 21.992 ? 253 GLY A O   1 
ATOM   665  N  N   . THR A 1 77  ? 9.931   5.955   -5.686  1.000 17.879 ? 254 THR A N   1 
ATOM   666  C  CA  . THR A 1 77  ? 9.443   7.325   -5.364  1.000 19.290 ? 254 THR A CA  1 
ATOM   667  C  C   . THR A 1 77  ? 10.102  7.756   -4.066  1.000 19.420 ? 254 THR A C   1 
ATOM   668  O  O   . THR A 1 77  ? 10.169  6.942   -3.131  1.000 19.858 ? 254 THR A O   1 
ATOM   669  C  CB  . THR A 1 77  ? 7.913   7.348   -5.264  1.000 18.481 ? 254 THR A CB  1 
ATOM   670  O  OG1 . THR A 1 77  ? 7.434   7.086   -6.591  1.000 18.230 ? 254 THR A OG1 1 
ATOM   671  C  CG2 . THR A 1 77  ? 7.377   8.660   -4.738  1.000 18.489 ? 254 THR A CG2 1 
ATOM   672  N  N   . ASP A 1 78  ? 10.650  8.970   -4.009  1.000 21.848 ? 255 ASP A N   1 
ATOM   673  C  CA  . ASP A 1 78  ? 11.351  9.403   -2.784  1.000 25.197 ? 255 ASP A CA  1 
ATOM   674  C  C   . ASP A 1 78  ? 10.332  9.614   -1.662  1.000 22.007 ? 255 ASP A C   1 
ATOM   675  O  O   . ASP A 1 78  ? 9.322   10.341  -1.854  1.000 22.633 ? 255 ASP A O   1 
ATOM   676  C  CB  . ASP A 1 78  ? 12.166  10.674  -2.977  1.000 29.605 ? 255 ASP A CB  1 
ATOM   677  C  CG  . ASP A 1 78  ? 12.978  10.982  -1.727  1.000 33.406 ? 255 ASP A CG  1 
ATOM   678  O  OD1 . ASP A 1 78  ? 13.818  10.105  -1.329  1.000 34.121 ? 255 ASP A OD1 1 
ATOM   679  O  OD2 . ASP A 1 78  ? 12.724  12.047  -1.121  1.000 33.742 ? 255 ASP A OD2 1 
ATOM   680  N  N   . TYR A 1 79  ? 10.616  9.028   -0.514  1.000 20.581 ? 256 TYR A N   1 
ATOM   681  C  CA  . TYR A 1 79  ? 9.677   9.062   0.639   1.000 18.801 ? 256 TYR A CA  1 
ATOM   682  C  C   . TYR A 1 79  ? 9.700   10.407  1.341   1.000 20.542 ? 256 TYR A C   1 
ATOM   683  O  O   . TYR A 1 79  ? 8.620   10.975  1.611   1.000 18.414 ? 256 TYR A O   1 
ATOM   684  C  CB  . TYR A 1 79  ? 9.994   7.947   1.620   1.000 19.059 ? 256 TYR A CB  1 
ATOM   685  C  CG  . TYR A 1 79  ? 9.283   8.127   2.926   1.000 18.539 ? 256 TYR A CG  1 
ATOM   686  C  CD1 . TYR A 1 79  ? 7.948   7.833   3.046   1.000 18.366 ? 256 TYR A CD1 1 
ATOM   687  C  CD2 . TYR A 1 79  ? 9.948   8.622   4.032   1.000 20.553 ? 256 TYR A CD2 1 
ATOM   688  C  CE1 . TYR A 1 79  ? 7.304   7.947   4.262   1.000 19.182 ? 256 TYR A CE1 1 
ATOM   689  C  CE2 . TYR A 1 79  ? 9.318   8.747   5.261   1.000 19.509 ? 256 TYR A CE2 1 
ATOM   690  C  CZ  . TYR A 1 79  ? 7.981   8.426   5.369   1.000 20.440 ? 256 TYR A CZ  1 
ATOM   691  O  OH  . TYR A 1 79  ? 7.408   8.552   6.596   1.000 21.277 ? 256 TYR A OH  1 
ATOM   692  N  N   . ALA A 1 80  ? 10.895  10.897  1.666   1.000 22.152 ? 257 ALA A N   1 
ATOM   693  C  CA  . ALA A 1 80  ? 11.032  12.034  2.595   1.000 22.443 ? 257 ALA A CA  1 
ATOM   694  C  C   . ALA A 1 80  ? 10.493  13.305  1.944   1.000 23.691 ? 257 ALA A C   1 
ATOM   695  O  O   . ALA A 1 80  ? 9.874   14.074  2.688   1.000 26.426 ? 257 ALA A O   1 
ATOM   696  C  CB  . ALA A 1 80  ? 12.448  12.187  3.088   1.000 24.854 ? 257 ALA A CB  1 
ATOM   697  N  N   . THR A 1 81  ? 10.658  13.486  0.627   1.000 25.098 ? 258 THR A N   1 
ATOM   698  C  CA  . THR A 1 81  ? 10.150  14.645  -0.160  1.000 25.899 ? 258 THR A CA  1 
ATOM   699  C  C   . THR A 1 81  ? 8.753   14.394  -0.732  1.000 26.274 ? 258 THR A C   1 
ATOM   700  O  O   . THR A 1 81  ? 8.196   15.316  -1.337  1.000 25.971 ? 258 THR A O   1 
ATOM   701  C  CB  . THR A 1 81  ? 11.123  15.038  -1.283  1.000 27.402 ? 258 THR A CB  1 
ATOM   702  O  OG1 . THR A 1 81  ? 11.220  14.030  -2.285  1.000 26.773 ? 258 THR A OG1 1 
ATOM   703  C  CG2 . THR A 1 81  ? 12.499  15.319  -0.723  1.000 32.121 ? 258 THR A CG2 1 
ATOM   704  N  N   . GLY A 1 82  ? 8.162   13.230  -0.471  1.000 22.239 ? 259 GLY A N   1 
ATOM   705  C  CA  . GLY A 1 82  ? 6.887   12.833  -1.091  1.000 20.383 ? 259 GLY A CA  1 
ATOM   706  C  C   . GLY A 1 82  ? 5.714   13.060  -0.182  1.000 19.994 ? 259 GLY A C   1 
ATOM   707  O  O   . GLY A 1 82  ? 5.861   13.631  0.882   1.000 20.011 ? 259 GLY A O   1 
ATOM   708  N  N   . PHE A 1 83  ? 4.554   12.610  -0.620  1.000 20.893 ? 260 PHE A N   1 
ATOM   709  C  CA  . PHE A 1 83  ? 3.297   12.694  0.144   1.000 18.605 ? 260 PHE A CA  1 
ATOM   710  C  C   . PHE A 1 83  ? 3.392   11.735  1.324   1.000 17.283 ? 260 PHE A C   1 
ATOM   711  O  O   . PHE A 1 83  ? 3.843   10.597  1.134   1.000 16.553 ? 260 PHE A O   1 
ATOM   712  C  CB  . PHE A 1 83  ? 2.119   12.381  -0.777  1.000 17.917 ? 260 PHE A CB  1 
ATOM   713  C  CG  . PHE A 1 83  ? 0.789   12.485  -0.101  1.000 17.329 ? 260 PHE A CG  1 
ATOM   714  C  CD1 . PHE A 1 83  ? 0.206   13.716  0.138   1.000 18.379 ? 260 PHE A CD1 1 
ATOM   715  C  CD2 . PHE A 1 83  ? 0.161   11.351  0.368   1.000 15.388 ? 260 PHE A CD2 1 
ATOM   716  C  CE1 . PHE A 1 83  ? -1.001  13.803  0.818   1.000 18.032 ? 260 PHE A CE1 1 
ATOM   717  C  CE2 . PHE A 1 83  ? -1.041  11.435  1.046   1.000 15.860 ? 260 PHE A CE2 1 
ATOM   718  C  CZ  . PHE A 1 83  ? -1.639  12.655  1.255   1.000 16.573 ? 260 PHE A CZ  1 
ATOM   719  N  N   . GLN A 1 84  ? 2.906   12.191  2.480   1.000 17.657 ? 261 GLN A N   1 
ATOM   720  C  CA  . GLN A 1 84  ? 2.758   11.415  3.725   1.000 16.532 ? 261 GLN A CA  1 
ATOM   721  C  C   . GLN A 1 84  ? 1.402   11.708  4.365   1.000 17.621 ? 261 GLN A C   1 
ATOM   722  O  O   . GLN A 1 84  ? 0.936   12.853  4.343   1.000 15.926 ? 261 GLN A O   1 
ATOM   723  C  CB  . GLN A 1 84  ? 3.901   11.755  4.662   1.000 18.185 ? 261 GLN A CB  1 
ATOM   724  C  CG  . GLN A 1 84  ? 5.259   11.450  4.043   1.000 19.362 ? 261 GLN A CG  1 
ATOM   725  C  CD  . GLN A 1 84  ? 6.397   11.698  4.998   1.000 23.386 ? 261 GLN A CD  1 
ATOM   726  O  OE1 . GLN A 1 84  ? 6.186   11.754  6.206   1.000 24.650 ? 261 GLN A OE1 1 
ATOM   727  N  NE2 . GLN A 1 84  ? 7.607   11.768  4.462   1.000 20.834 ? 261 GLN A NE2 1 
ATOM   728  N  N   . ASN A 1 85  ? 0.809   10.692  4.970   1.000 15.976 ? 262 ASN A N   1 
ATOM   729  C  CA  . ASN A 1 85  ? -0.550  10.785  5.549   1.000 14.648 ? 262 ASN A CA  1 
ATOM   730  C  C   . ASN A 1 85  ? -0.669  9.863   6.760   1.000 14.389 ? 262 ASN A C   1 
ATOM   731  O  O   . ASN A 1 85  ? -1.678  9.150   6.864   1.000 13.695 ? 262 ASN A O   1 
ATOM   732  C  CB  . ASN A 1 85  ? -1.589  10.513  4.476   1.000 15.951 ? 262 ASN A CB  1 
ATOM   733  C  CG  . ASN A 1 85  ? -2.991  10.900  4.850   1.000 16.824 ? 262 ASN A CG  1 
ATOM   734  O  OD1 . ASN A 1 85  ? -3.938  10.123  4.637   1.000 18.786 ? 262 ASN A OD1 1 
ATOM   735  N  ND2 . ASN A 1 85  ? -3.138  12.121  5.301   1.000 12.687 ? 262 ASN A ND2 1 
ATOM   736  N  N   . TRP A 1 86  ? 0.295   9.936   7.678   1.000 14.245 ? 263 TRP A N   1 
ATOM   737  C  CA  . TRP A 1 86  ? 0.338   9.065   8.876   1.000 14.086 ? 263 TRP A CA  1 
ATOM   738  C  C   . TRP A 1 86  ? -0.774  9.424   9.855   1.000 15.896 ? 263 TRP A C   1 
ATOM   739  O  O   . TRP A 1 86  ? -1.111  10.636  10.016  1.000 14.993 ? 263 TRP A O   1 
ATOM   740  C  CB  . TRP A 1 86  ? 1.708   9.146   9.540   1.000 14.303 ? 263 TRP A CB  1 
ATOM   741  C  CG  . TRP A 1 86  ? 2.850   8.646   8.713   1.000 13.781 ? 263 TRP A CG  1 
ATOM   742  C  CD1 . TRP A 1 86  ? 3.760   9.386   8.040   1.000 14.761 ? 263 TRP A CD1 1 
ATOM   743  C  CD2 . TRP A 1 86  ? 3.170   7.279   8.407   1.000 13.254 ? 263 TRP A CD2 1 
ATOM   744  N  NE1 . TRP A 1 86  ? 4.673   8.597   7.418   1.000 15.236 ? 263 TRP A NE1 1 
ATOM   745  C  CE2 . TRP A 1 86  ? 4.329   7.293   7.618   1.000 13.511 ? 263 TRP A CE2 1 
ATOM   746  C  CE3 . TRP A 1 86  ? 2.637   6.053   8.784   1.000 13.551 ? 263 TRP A CE3 1 
ATOM   747  C  CZ2 . TRP A 1 86  ? 4.913   6.138   7.169   1.000 13.259 ? 263 TRP A CZ2 1 
ATOM   748  C  CZ3 . TRP A 1 86  ? 3.207   4.895   8.320   1.000 13.031 ? 263 TRP A CZ3 1 
ATOM   749  C  CH2 . TRP A 1 86  ? 4.366   4.939   7.564   1.000 13.517 ? 263 TRP A CH2 1 
ATOM   750  N  N   . LYS A 1 87  ? -1.336  8.404   10.493  1.000 15.101 ? 264 LYS A N   1 
ATOM   751  C  CA  . LYS A 1 87  ? -2.154  8.554   11.713  1.000 16.678 ? 264 LYS A CA  1 
ATOM   752  C  C   . LYS A 1 87  ? -1.328  9.287   12.763  1.000 16.486 ? 264 LYS A C   1 
ATOM   753  O  O   . LYS A 1 87  ? -0.101  9.202   12.783  1.000 15.574 ? 264 LYS A O   1 
ATOM   754  C  CB  . LYS A 1 87  ? -2.519  7.182   12.292  1.000 18.684 ? 264 LYS A CB  1 
ATOM   755  C  CG  . LYS A 1 87  ? -3.690  6.496   11.634  1.000 21.439 ? 264 LYS A CG  1 
ATOM   756  C  CD  . LYS A 1 87  ? -5.038  7.016   12.134  1.000 25.600 ? 264 LYS A CD  1 
ATOM   757  C  CE  . LYS A 1 87  ? -6.224  6.209   11.656  1.000 28.607 ? 264 LYS A CE  1 
ATOM   758  N  NZ  . LYS A 1 87  ? -7.522  6.895   11.923  1.000 30.275 ? 264 LYS A NZ  1 
ATOM   759  N  N   . PRO A 1 88  ? -2.002  10.009  13.680  1.000 18.405 ? 265 PRO A N   1 
ATOM   760  C  CA  . PRO A 1 88  ? -1.318  10.582  14.838  1.000 20.318 ? 265 PRO A CA  1 
ATOM   761  C  C   . PRO A 1 88  ? -0.512  9.500   15.567  1.000 20.857 ? 265 PRO A C   1 
ATOM   762  O  O   . PRO A 1 88  ? -1.065  8.408   15.815  1.000 21.946 ? 265 PRO A O   1 
ATOM   763  C  CB  . PRO A 1 88  ? -2.480  11.082  15.694  1.000 20.099 ? 265 PRO A CB  1 
ATOM   764  C  CG  . PRO A 1 88  ? -3.605  11.327  14.716  1.000 21.562 ? 265 PRO A CG  1 
ATOM   765  C  CD  . PRO A 1 88  ? -3.442  10.290  13.631  1.000 20.022 ? 265 PRO A CD  1 
ATOM   766  N  N   . GLY A 1 89  ? 0.744   9.794   15.885  1.000 21.197 ? 266 GLY A N   1 
ATOM   767  C  CA  . GLY A 1 89  ? 1.615   8.899   16.655  1.000 23.852 ? 266 GLY A CA  1 
ATOM   768  C  C   . GLY A 1 89  ? 2.335   7.890   15.774  1.000 23.853 ? 266 GLY A C   1 
ATOM   769  O  O   . GLY A 1 89  ? 3.175   7.176   16.299  1.000 26.152 ? 266 GLY A O   1 
ATOM   770  N  N   . GLN A 1 90  ? 2.015   7.815   14.485  1.000 18.663 ? 267 GLN A N   1 
ATOM   771  C  CA  . GLN A 1 90  ? 2.651   6.857   13.547  1.000 16.389 ? 267 GLN A CA  1 
ATOM   772  C  C   . GLN A 1 90  ? 3.629   7.569   12.626  1.000 18.162 ? 267 GLN A C   1 
ATOM   773  O  O   . GLN A 1 90  ? 3.512   8.779   12.379  1.000 17.698 ? 267 GLN A O   1 
ATOM   774  C  CB  . GLN A 1 90  ? 1.547   6.142   12.755  1.000 16.048 ? 267 GLN A CB  1 
ATOM   775  C  CG  . GLN A 1 90  ? 0.508   5.479   13.645  1.000 16.191 ? 267 GLN A CG  1 
ATOM   776  C  CD  . GLN A 1 90  ? 1.000   4.420   14.617  1.000 16.158 ? 267 GLN A CD  1 
ATOM   777  O  OE1 . GLN A 1 90  ? 2.021   3.811   14.427  1.000 13.312 ? 267 GLN A OE1 1 
ATOM   778  N  NE2 . GLN A 1 90  ? 0.180   4.074   15.605  1.000 19.632 ? 267 GLN A NE2 1 
ATOM   779  N  N   . PRO A 1 91  ? 4.634   6.878   12.070  1.000 15.934 ? 268 PRO A N   1 
ATOM   780  C  CA  . PRO A 1 91  ? 4.943   5.475   12.377  1.000 15.823 ? 268 PRO A CA  1 
ATOM   781  C  C   . PRO A 1 91  ? 5.653   5.375   13.724  1.000 18.236 ? 268 PRO A C   1 
ATOM   782  O  O   . PRO A 1 91  ? 6.322   6.344   14.104  1.000 17.963 ? 268 PRO A O   1 
ATOM   783  C  CB  . PRO A 1 91  ? 5.894   5.062   11.262  1.000 16.555 ? 268 PRO A CB  1 
ATOM   784  C  CG  . PRO A 1 91  ? 6.575   6.338   10.843  1.000 17.473 ? 268 PRO A CG  1 
ATOM   785  C  CD  . PRO A 1 91  ? 5.573   7.426   11.103  1.000 17.245 ? 268 PRO A CD  1 
ATOM   786  N  N   . ASP A 1 92  ? 5.512   4.247   14.422  1.000 18.661 ? 269 ASP A N   1 
ATOM   787  C  CA  . ASP A 1 92  ? 6.074   4.085   15.785  1.000 18.338 ? 269 ASP A CA  1 
ATOM   788  C  C   . ASP A 1 92  ? 6.964   2.844   15.873  1.000 18.968 ? 269 ASP A C   1 
ATOM   789  O  O   . ASP A 1 92  ? 7.558   2.682   16.946  1.000 19.539 ? 269 ASP A O   1 
ATOM   790  C  CB  . ASP A 1 92  ? 4.988   4.084   16.843  1.000 16.610 ? 269 ASP A CB  1 
ATOM   791  C  CG  . ASP A 1 92  ? 3.982   2.965   16.732  1.000 18.340 ? 269 ASP A CG  1 
ATOM   792  O  OD1 . ASP A 1 92  ? 4.110   2.194   15.731  1.000 16.042 ? 269 ASP A OD1 1 
ATOM   793  O  OD2 . ASP A 1 92  ? 3.077   2.902   17.604  1.000 18.848 ? 269 ASP A OD2 1 
ATOM   794  N  N   . ASP A 1 93  ? 7.099   2.019   14.828  1.000 16.252 ? 270 ASP A N   1 
ATOM   795  C  CA  . ASP A 1 93  ? 7.928   0.792   14.884  1.000 16.885 ? 270 ASP A CA  1 
ATOM   796  C  C   . ASP A 1 93  ? 7.595   0.005   16.158  1.000 17.088 ? 270 ASP A C   1 
ATOM   797  O  O   . ASP A 1 93  ? 8.546   -0.506  16.834  1.000 16.578 ? 270 ASP A O   1 
ATOM   798  C  CB  . ASP A 1 93  ? 9.418   1.122   14.806  1.000 18.100 ? 270 ASP A CB  1 
ATOM   799  C  CG  . ASP A 1 93  ? 10.282  -0.087  14.449  1.000 20.523 ? 270 ASP A CG  1 
ATOM   800  O  OD1 . ASP A 1 93  ? 9.930   -0.829  13.498  1.000 17.701 ? 270 ASP A OD1 1 
ATOM   801  O  OD2 . ASP A 1 93  ? 11.345  -0.252  15.094  1.000 21.774 ? 270 ASP A OD2 1 
ATOM   802  N  N   . TRP A 1 94  ? 6.317   -0.072  16.507  1.000 15.953 ? 271 TRP A N   1 
ATOM   803  C  CA  . TRP A 1 94  ? 5.873   -0.700  17.781  1.000 15.682 ? 271 TRP A CA  1 
ATOM   804  C  C   . TRP A 1 94  ? 6.419   -2.141  17.923  1.000 17.673 ? 271 TRP A C   1 
ATOM   805  O  O   . TRP A 1 94  ? 6.286   -2.929  16.977  1.000 16.414 ? 271 TRP A O   1 
ATOM   806  C  CB  . TRP A 1 94  ? 4.388   -0.704  17.897  1.000 17.296 ? 271 TRP A CB  1 
ATOM   807  C  CG  . TRP A 1 94  ? 3.829   -1.093  19.223  1.000 17.151 ? 271 TRP A CG  1 
ATOM   808  C  CD1 . TRP A 1 94  ? 4.112   -0.574  20.451  1.000 19.241 ? 271 TRP A CD1 1 
ATOM   809  C  CD2 . TRP A 1 94  ? 2.696   -1.934  19.406  1.000 18.884 ? 271 TRP A CD2 1 
ATOM   810  N  NE1 . TRP A 1 94  ? 3.280   -1.107  21.394  1.000 20.911 ? 271 TRP A NE1 1 
ATOM   811  C  CE2 . TRP A 1 94  ? 2.382   -1.922  20.777  1.000 18.300 ? 271 TRP A CE2 1 
ATOM   812  C  CE3 . TRP A 1 94  ? 1.898   -2.669  18.532  1.000 17.407 ? 271 TRP A CE3 1 
ATOM   813  C  CZ2 . TRP A 1 94  ? 1.347   -2.684  21.299  1.000 18.667 ? 271 TRP A CZ2 1 
ATOM   814  C  CZ3 . TRP A 1 94  ? 0.883   -3.431  19.049  1.000 19.600 ? 271 TRP A CZ3 1 
ATOM   815  C  CH2 . TRP A 1 94  ? 0.594   -3.410  20.419  1.000 19.169 ? 271 TRP A CH2 1 
ATOM   816  N  N   . GLN A 1 95  ? 6.916   -2.507  19.108  1.000 17.439 ? 272 GLN A N   1 
ATOM   817  C  CA  . GLN A 1 95  ? 7.387   -3.888  19.389  1.000 17.520 ? 272 GLN A CA  1 
ATOM   818  C  C   . GLN A 1 95  ? 6.390   -4.572  20.301  1.000 16.504 ? 272 GLN A C   1 
ATOM   819  O  O   . GLN A 1 95  ? 6.507   -5.800  20.482  1.000 17.482 ? 272 GLN A O   1 
ATOM   820  C  CB  . GLN A 1 95  ? 8.769   -3.887  20.042  1.000 20.681 ? 272 GLN A CB  1 
ATOM   821  C  CG  . GLN A 1 95  ? 9.793   -3.259  19.127  1.000 22.905 ? 272 GLN A CG  1 
ATOM   822  C  CD  . GLN A 1 95  ? 11.200  -3.271  19.668  1.000 32.249 ? 272 GLN A CD  1 
ATOM   823  O  OE1 . GLN A 1 95  ? 11.728  -4.293  20.103  1.000 38.019 ? 272 GLN A OE1 1 
ATOM   824  N  NE2 . GLN A 1 95  ? 11.817  -2.110  19.642  1.000 31.893 ? 272 GLN A NE2 1 
ATOM   825  N  N   . GLY A 1 96  ? 5.471   -3.827  20.885  1.000 16.630 ? 273 GLY A N   1 
ATOM   826  C  CA  . GLY A 1 96  ? 4.609   -4.331  21.981  1.000 17.505 ? 273 GLY A CA  1 
ATOM   827  C  C   . GLY A 1 96  ? 3.529   -5.319  21.563  1.000 18.000 ? 273 GLY A C   1 
ATOM   828  O  O   . GLY A 1 96  ? 2.864   -5.937  22.475  1.000 18.654 ? 273 GLY A O   1 
ATOM   829  N  N   . HIS A 1 97  ? 3.390   -5.609  20.274  1.000 15.926 ? 274 HIS A N   1 
ATOM   830  C  CA  . HIS A 1 97  ? 2.578   -6.760  19.813  1.000 15.456 ? 274 HIS A CA  1 
ATOM   831  C  C   . HIS A 1 97  ? 3.220   -8.072  20.255  1.000 15.420 ? 274 HIS A C   1 
ATOM   832  O  O   . HIS A 1 97  ? 2.524   -9.106  20.253  1.000 16.439 ? 274 HIS A O   1 
ATOM   833  C  CB  . HIS A 1 97  ? 2.434   -6.714  18.287  1.000 15.269 ? 274 HIS A CB  1 
ATOM   834  C  CG  . HIS A 1 97  ? 3.717   -6.519  17.568  1.000 14.682 ? 274 HIS A CG  1 
ATOM   835  N  ND1 . HIS A 1 97  ? 4.657   -7.510  17.435  1.000 13.798 ? 274 HIS A ND1 1 
ATOM   836  C  CD2 . HIS A 1 97  ? 4.218   -5.436  16.945  1.000 13.094 ? 274 HIS A CD2 1 
ATOM   837  C  CE1 . HIS A 1 97  ? 5.677   -7.051  16.775  1.000 13.465 ? 274 HIS A CE1 1 
ATOM   838  N  NE2 . HIS A 1 97  ? 5.428   -5.790  16.457  1.000 13.690 ? 274 HIS A NE2 1 
ATOM   839  N  N   . GLY A 1 98  ? 4.529   -8.089  20.521  1.000 15.915 ? 275 GLY A N   1 
ATOM   840  C  CA  . GLY A 1 98  ? 5.229   -9.298  21.000  1.000 14.281 ? 275 GLY A CA  1 
ATOM   841  C  C   . GLY A 1 98  ? 5.421   -10.385 19.955  1.000 14.653 ? 275 GLY A C   1 
ATOM   842  O  O   . GLY A 1 98  ? 5.737   -11.526 20.338  1.000 15.336 ? 275 GLY A O   1 
ATOM   843  N  N   . LEU A 1 99  ? 5.246   -10.069 18.671  1.000 15.117 ? 276 LEU A N   1 
ATOM   844  C  CA  . LEU A 1 99  ? 5.376   -11.034 17.548  1.000 14.772 ? 276 LEU A CA  1 
ATOM   845  C  C   . LEU A 1 99  ? 6.784   -11.082 17.010  1.000 14.959 ? 276 LEU A C   1 
ATOM   846  O  O   . LEU A 1 99  ? 7.022   -11.868 16.105  1.000 15.104 ? 276 LEU A O   1 
ATOM   847  C  CB  . LEU A 1 99  ? 4.398   -10.657 16.430  1.000 14.458 ? 276 LEU A CB  1 
ATOM   848  C  CG  . LEU A 1 99  ? 2.944   -10.545 16.872  1.000 15.309 ? 276 LEU A CG  1 
ATOM   849  C  CD1 . LEU A 1 99  ? 2.032   -10.200 15.678  1.000 15.736 ? 276 LEU A CD1 1 
ATOM   850  C  CD2 . LEU A 1 99  ? 2.471   -11.822 17.557  1.000 17.806 ? 276 LEU A CD2 1 
ATOM   851  N  N   . GLY A 1 100 ? 7.704   -10.282 17.550  1.000 17.441 ? 277 GLY A N   1 
ATOM   852  C  CA  . GLY A 1 100 ? 9.090   -10.282 17.048  1.000 17.454 ? 277 GLY A CA  1 
ATOM   853  C  C   . GLY A 1 100 ? 9.332   -9.039  16.241  1.000 17.878 ? 277 GLY A C   1 
ATOM   854  O  O   . GLY A 1 100 ? 8.505   -8.726  15.370  1.000 16.915 ? 277 GLY A O   1 
ATOM   855  N  N   . GLY A 1 101 ? 10.366  -8.278  16.593  1.000 19.176 ? 278 GLY A N   1 
ATOM   856  C  CA  . GLY A 1 101 ? 10.709  -7.045  15.865  1.000 20.058 ? 278 GLY A CA  1 
ATOM   857  C  C   . GLY A 1 101 ? 9.688   -5.934  16.078  1.000 16.993 ? 278 GLY A C   1 
ATOM   858  O  O   . GLY A 1 101 ? 8.884   -5.940  17.073  1.000 16.745 ? 278 GLY A O   1 
ATOM   859  N  N   . GLY A 1 102 ? 9.770   -4.933  15.203  1.000 16.256 ? 279 GLY A N   1 
ATOM   860  C  CA  . GLY A 1 102 ? 8.935   -3.733  15.263  1.000 15.692 ? 279 GLY A CA  1 
ATOM   861  C  C   . GLY A 1 102 ? 7.854   -3.813  14.202  1.000 16.463 ? 279 GLY A C   1 
ATOM   862  O  O   . GLY A 1 102 ? 7.162   -4.824  14.152  1.000 16.116 ? 279 GLY A O   1 
ATOM   863  N  N   . GLU A 1 103 ? 7.690   -2.780  13.399  1.000 13.304 ? 280 GLU A N   1 
ATOM   864  C  CA  . GLU A 1 103 ? 6.585   -2.726  12.396  1.000 14.716 ? 280 GLU A CA  1 
ATOM   865  C  C   . GLU A 1 103 ? 7.180   -2.113  11.137  1.000 14.439 ? 280 GLU A C   1 
ATOM   866  O  O   . GLU A 1 103 ? 7.733   -0.991  11.215  1.000 14.685 ? 280 GLU A O   1 
ATOM   867  C  CB  . GLU A 1 103 ? 5.378   -1.946  12.915  1.000 13.998 ? 280 GLU A CB  1 
ATOM   868  C  CG  . GLU A 1 103 ? 4.646   -2.552  14.105  1.000 15.174 ? 280 GLU A CG  1 
ATOM   869  C  CD  . GLU A 1 103 ? 3.522   -1.721  14.660  1.000 15.850 ? 280 GLU A CD  1 
ATOM   870  O  OE1 . GLU A 1 103 ? 2.393   -2.279  14.938  1.000 15.859 ? 280 GLU A OE1 1 
ATOM   871  O  OE2 . GLU A 1 103 ? 3.755   -0.463  14.719  1.000 15.839 ? 280 GLU A OE2 1 
ATOM   872  N  N   . ASP A 1 104 ? 7.183   -2.839  10.039  1.000 13.591 ? 281 ASP A N   1 
ATOM   873  C  CA  . ASP A 1 104 ? 7.973   -2.387  8.868   1.000 14.404 ? 281 ASP A CA  1 
ATOM   874  C  C   . ASP A 1 104 ? 7.127   -2.219  7.592   1.000 13.796 ? 281 ASP A C   1 
ATOM   875  O  O   . ASP A 1 104 ? 7.730   -1.981  6.530   1.000 13.809 ? 281 ASP A O   1 
ATOM   876  C  CB  . ASP A 1 104 ? 9.125   -3.364  8.656   1.000 14.648 ? 281 ASP A CB  1 
ATOM   877  C  CG  . ASP A 1 104 ? 10.115  -3.432  9.808   1.000 17.962 ? 281 ASP A CG  1 
ATOM   878  O  OD1 . ASP A 1 104 ? 10.134  -2.497  10.652  1.000 16.977 ? 281 ASP A OD1 1 
ATOM   879  O  OD2 . ASP A 1 104 ? 10.820  -4.468  9.879   1.000 19.348 ? 281 ASP A OD2 1 
ATOM   880  N  N   . CYS A 1 105 ? 5.808   -2.306  7.641   1.000 13.145 ? 282 CYS A N   1 
ATOM   881  C  CA  A CYS A 1 105 ? 4.946   -2.207  6.432   0.500 12.628 ? 282 CYS A CA  1 
ATOM   882  C  CA  B CYS A 1 105 ? 4.975   -2.159  6.415   0.500 13.637 ? 282 CYS A CA  1 
ATOM   883  C  C   . CYS A 1 105 ? 3.803   -1.223  6.673   1.000 12.651 ? 282 CYS A C   1 
ATOM   884  O  O   . CYS A 1 105 ? 3.179   -1.324  7.723   1.000 12.673 ? 282 CYS A O   1 
ATOM   885  C  CB  A CYS A 1 105 ? 4.375   -3.569  6.095   0.500 12.813 ? 282 CYS A CB  1 
ATOM   886  C  CB  B CYS A 1 105 ? 4.459   -3.492  5.910   0.500 15.059 ? 282 CYS A CB  1 
ATOM   887  S  SG  A CYS A 1 105 ? 5.624   -4.712  5.431   0.500 13.817 ? 282 CYS A SG  1 
ATOM   888  S  SG  B CYS A 1 105 ? 5.767   -4.510  5.163   0.500 19.909 ? 282 CYS A SG  1 
ATOM   889  N  N   . ALA A 1 106 ? 3.511   -0.371  5.715   1.000 12.530 ? 283 ALA A N   1 
ATOM   890  C  CA  . ALA A 1 106 ? 2.487   0.668   5.897   1.000 12.242 ? 283 ALA A CA  1 
ATOM   891  C  C   . ALA A 1 106 ? 1.162   0.173   5.328   1.000 12.728 ? 283 ALA A C   1 
ATOM   892  O  O   . ALA A 1 106 ? 1.156   -0.505  4.280   1.000 11.561 ? 283 ALA A O   1 
ATOM   893  C  CB  . ALA A 1 106 ? 2.934   1.948   5.247   1.000 13.402 ? 283 ALA A CB  1 
ATOM   894  N  N   . HIS A 1 107 ? 0.080   0.517   6.002   1.000 12.554 ? 284 HIS A N   1 
ATOM   895  C  CA  . HIS A 1 107 ? -1.282  0.279   5.519   1.000 12.544 ? 284 HIS A CA  1 
ATOM   896  C  C   . HIS A 1 107 ? -2.153  1.496   5.776   1.000 12.120 ? 284 HIS A C   1 
ATOM   897  O  O   . HIS A 1 107 ? -1.890  2.248   6.721   1.000 11.733 ? 284 HIS A O   1 
ATOM   898  C  CB  . HIS A 1 107 ? -1.885  -0.996  6.146   1.000 12.250 ? 284 HIS A CB  1 
ATOM   899  C  CG  . HIS A 1 107 ? -2.178  -0.857  7.600   1.000 13.695 ? 284 HIS A CG  1 
ATOM   900  N  ND1 . HIS A 1 107 ? -3.401  -0.465  8.061   1.000 12.729 ? 284 HIS A ND1 1 
ATOM   901  C  CD2 . HIS A 1 107 ? -1.404  -1.034  8.691   1.000 15.139 ? 284 HIS A CD2 1 
ATOM   902  C  CE1 . HIS A 1 107 ? -3.374  -0.383  9.392   1.000 15.283 ? 284 HIS A CE1 1 
ATOM   903  N  NE2 . HIS A 1 107 ? -2.164  -0.704  9.811   1.000 14.815 ? 284 HIS A NE2 1 
ATOM   904  N  N   . PHE A 1 108 ? -3.271  1.534   5.047   1.000 11.546 ? 285 PHE A N   1 
ATOM   905  C  CA  . PHE A 1 108 ? -4.367  2.501   5.272   1.000 11.602 ? 285 PHE A CA  1 
ATOM   906  C  C   . PHE A 1 108 ? -5.233  1.965   6.395   1.000 12.627 ? 285 PHE A C   1 
ATOM   907  O  O   . PHE A 1 108 ? -5.596  0.796   6.439   1.000 13.175 ? 285 PHE A O   1 
ATOM   908  C  CB  . PHE A 1 108 ? -5.234  2.675   4.017   1.000 11.859 ? 285 PHE A CB  1 
ATOM   909  C  CG  . PHE A 1 108 ? -4.487  3.081   2.776   1.000 12.950 ? 285 PHE A CG  1 
ATOM   910  C  CD1 . PHE A 1 108 ? -4.221  4.415   2.509   1.000 13.701 ? 285 PHE A CD1 1 
ATOM   911  C  CD2 . PHE A 1 108 ? -4.110  2.140   1.833   1.000 13.939 ? 285 PHE A CD2 1 
ATOM   912  C  CE1 . PHE A 1 108 ? -3.599  4.808   1.334   1.000 15.000 ? 285 PHE A CE1 1 
ATOM   913  C  CE2 . PHE A 1 108 ? -3.450  2.531   0.683   1.000 13.058 ? 285 PHE A CE2 1 
ATOM   914  C  CZ  . PHE A 1 108 ? -3.165  3.860   0.448   1.000 14.021 ? 285 PHE A CZ  1 
ATOM   915  N  N   . HIS A 1 109 ? -5.696  2.868   7.239   1.000 12.923 ? 286 HIS A N   1 
ATOM   916  C  CA  . HIS A 1 109 ? -6.955  2.676   8.007   1.000 14.688 ? 286 HIS A CA  1 
ATOM   917  C  C   . HIS A 1 109 ? -8.106  3.015   7.074   1.000 16.225 ? 286 HIS A C   1 
ATOM   918  O  O   . HIS A 1 109 ? -7.934  3.696   6.050   1.000 14.922 ? 286 HIS A O   1 
ATOM   919  C  CB  . HIS A 1 109 ? -6.970  3.605   9.199   1.000 13.891 ? 286 HIS A CB  1 
ATOM   920  C  CG  . HIS A 1 109 ? -6.153  3.122   10.341  1.000 16.885 ? 286 HIS A CG  1 
ATOM   921  N  ND1 . HIS A 1 109 ? -6.729  2.771   11.542  1.000 16.527 ? 286 HIS A ND1 1 
ATOM   922  C  CD2 . HIS A 1 109 ? -4.834  2.880   10.462  1.000 18.317 ? 286 HIS A CD2 1 
ATOM   923  C  CE1 . HIS A 1 109 ? -5.788  2.374   12.385  1.000 19.458 ? 286 HIS A CE1 1 
ATOM   924  N  NE2 . HIS A 1 109 ? -4.606  2.446   11.749  1.000 19.056 ? 286 HIS A NE2 1 
ATOM   925  N  N   . PRO A 1 110 ? -9.339  2.575   7.391   1.000 20.195 ? 287 PRO A N   1 
ATOM   926  C  CA  . PRO A 1 110 ? -10.511 2.933   6.578   1.000 22.683 ? 287 PRO A CA  1 
ATOM   927  C  C   . PRO A 1 110 ? -10.713 4.441   6.295   1.000 24.378 ? 287 PRO A C   1 
ATOM   928  O  O   . PRO A 1 110 ? -11.128 4.746   5.191   1.000 29.609 ? 287 PRO A O   1 
ATOM   929  C  CB  . PRO A 1 110 ? -11.655 2.300   7.401   1.000 23.331 ? 287 PRO A CB  1 
ATOM   930  C  CG  . PRO A 1 110 ? -10.981 1.097   8.010   1.000 21.549 ? 287 PRO A CG  1 
ATOM   931  C  CD  . PRO A 1 110 ? -9.664  1.669   8.513   1.000 21.461 ? 287 PRO A CD  1 
ATOM   932  N  N   . ASP A 1 111 ? -10.280 5.335   7.182   1.000 23.168 ? 288 ASP A N   1 
ATOM   933  C  CA  . ASP A 1 111 ? -10.316 6.815   6.984   1.000 25.977 ? 288 ASP A CA  1 
ATOM   934  C  C   . ASP A 1 111 ? -9.201  7.258   6.018   1.000 23.578 ? 288 ASP A C   1 
ATOM   935  O  O   . ASP A 1 111 ? -9.151  8.471   5.674   1.000 25.222 ? 288 ASP A O   1 
ATOM   936  C  CB  . ASP A 1 111 ? -10.236 7.564   8.328   1.000 28.112 ? 288 ASP A CB  1 
ATOM   937  C  CG  . ASP A 1 111 ? -8.873  7.634   9.053   1.000 31.318 ? 288 ASP A CG  1 
ATOM   938  O  OD1 . ASP A 1 111 ? -7.949  6.976   8.649   1.000 24.288 ? 288 ASP A OD1 1 
ATOM   939  O  OD2 . ASP A 1 111 ? -8.754  8.363   10.064  1.000 36.276 ? 288 ASP A OD2 1 
ATOM   940  N  N   . GLY A 1 112 ? -8.284  6.370   5.628   1.000 19.346 ? 289 GLY A N   1 
ATOM   941  C  CA  . GLY A 1 112 ? -7.208  6.756   4.706   1.000 17.299 ? 289 GLY A CA  1 
ATOM   942  C  C   . GLY A 1 112 ? -5.892  7.059   5.385   1.000 17.417 ? 289 GLY A C   1 
ATOM   943  O  O   . GLY A 1 112 ? -4.922  7.092   4.668   1.000 16.307 ? 289 GLY A O   1 
ATOM   944  N  N   . ARG A 1 113 ? -5.839  7.323   6.697   1.000 14.739 ? 290 ARG A N   1 
ATOM   945  C  CA  . ARG A 1 113 ? -4.549  7.646   7.350   1.000 14.686 ? 290 ARG A CA  1 
ATOM   946  C  C   . ARG A 1 113 ? -3.734  6.365   7.507   1.000 14.100 ? 290 ARG A C   1 
ATOM   947  O  O   . ARG A 1 113 ? -4.326  5.285   7.578   1.000 15.869 ? 290 ARG A O   1 
ATOM   948  C  CB  . ARG A 1 113 ? -4.781  8.320   8.685   1.000 17.524 ? 290 ARG A CB  1 
ATOM   949  C  CG  . ARG A 1 113 ? -5.297  9.742   8.540   1.000 18.583 ? 290 ARG A CG  1 
ATOM   950  C  CD  . ARG A 1 113 ? -4.118  10.687  8.669   1.000 20.638 ? 290 ARG A CD  1 
ATOM   951  N  NE  . ARG A 1 113 ? -4.513  12.056  8.399   1.000 22.486 ? 290 ARG A NE  1 
ATOM   952  C  CZ  . ARG A 1 113 ? -3.666  13.081  8.348   1.000 21.300 ? 290 ARG A CZ  1 
ATOM   953  N  NH1 . ARG A 1 113 ? -2.377  12.900  8.587   1.000 18.368 ? 290 ARG A NH1 1 
ATOM   954  N  NH2 . ARG A 1 113 ? -4.129  14.280  8.039   1.000 21.672 ? 290 ARG A NH2 1 
ATOM   955  N  N   . TRP A 1 114 ? -2.439  6.515   7.613   1.000 13.354 ? 291 TRP A N   1 
ATOM   956  C  CA  . TRP A 1 114 ? -1.496  5.387   7.487   1.000 12.230 ? 291 TRP A CA  1 
ATOM   957  C  C   . TRP A 1 114 ? -0.981  4.961   8.864   1.000 13.030 ? 291 TRP A C   1 
ATOM   958  O  O   . TRP A 1 114 ? -0.796  5.802   9.798   1.000 13.059 ? 291 TRP A O   1 
ATOM   959  C  CB  . TRP A 1 114 ? -0.323  5.733   6.580   1.000 12.660 ? 291 TRP A CB  1 
ATOM   960  C  CG  . TRP A 1 114 ? -0.619  6.303   5.241   1.000 11.768 ? 291 TRP A CG  1 
ATOM   961  C  CD1 . TRP A 1 114 ? -1.793  6.370   4.578   1.000 12.282 ? 291 TRP A CD1 1 
ATOM   962  C  CD2 . TRP A 1 114 ? 0.357   6.918   4.401   1.000 11.619 ? 291 TRP A CD2 1 
ATOM   963  N  NE1 . TRP A 1 114 ? -1.625  6.983   3.373   1.000 12.054 ? 291 TRP A NE1 1 
ATOM   964  C  CE2 . TRP A 1 114 ? -0.312  7.349   3.246   1.000 12.228 ? 291 TRP A CE2 1 
ATOM   965  C  CE3 . TRP A 1 114 ? 1.726   7.143   4.527   1.000 12.454 ? 291 TRP A CE3 1 
ATOM   966  C  CZ2 . TRP A 1 114 ? 0.357   7.962   2.202   1.000 13.400 ? 291 TRP A CZ2 1 
ATOM   967  C  CZ3 . TRP A 1 114 ? 2.395   7.760   3.494   1.000 13.843 ? 291 TRP A CZ3 1 
ATOM   968  C  CH2 . TRP A 1 114 ? 1.710   8.177   2.360   1.000 14.789 ? 291 TRP A CH2 1 
ATOM   969  N  N   . ASN A 1 115 ? -0.663  3.679   8.946   1.000 12.787 ? 292 ASN A N   1 
ATOM   970  C  CA  . ASN A 1 115 ? -0.045  3.066   10.124  1.000 12.032 ? 292 ASN A CA  1 
ATOM   971  C  C   . ASN A 1 115 ? 1.070   2.153   9.660   1.000 12.800 ? 292 ASN A C   1 
ATOM   972  O  O   . ASN A 1 115 ? 0.889   1.471   8.646   1.000 12.731 ? 292 ASN A O   1 
ATOM   973  C  CB  . ASN A 1 115 ? -1.064  2.355   11.029  1.000 11.363 ? 292 ASN A CB  1 
ATOM   974  C  CG  . ASN A 1 115 ? -0.392  1.579   12.126  1.000 12.902 ? 292 ASN A CG  1 
ATOM   975  O  OD1 . ASN A 1 115 ? 0.364   2.168   12.890  1.000 12.445 ? 292 ASN A OD1 1 
ATOM   976  N  ND2 . ASN A 1 115 ? -0.588  0.245   12.181  1.000 13.123 ? 292 ASN A ND2 1 
ATOM   977  N  N   . ASP A 1 116 ? 2.107   2.006   10.476  1.000 11.810 ? 293 ASP A N   1 
ATOM   978  C  CA  . ASP A 1 116 ? 3.095   0.926   10.284  1.000 12.058 ? 293 ASP A CA  1 
ATOM   979  C  C   . ASP A 1 116 ? 2.663   -0.289  11.110  1.000 12.403 ? 293 ASP A C   1 
ATOM   980  O  O   . ASP A 1 116 ? 2.280   -0.180  12.283  1.000 11.663 ? 293 ASP A O   1 
ATOM   981  C  CB  . ASP A 1 116 ? 4.539   1.364   10.561  1.000 13.336 ? 293 ASP A CB  1 
ATOM   982  C  CG  . ASP A 1 116 ? 4.793   1.872   11.977  1.000 12.376 ? 293 ASP A CG  1 
ATOM   983  O  OD1 . ASP A 1 116 ? 3.825   2.332   12.664  1.000 12.672 ? 293 ASP A OD1 1 
ATOM   984  O  OD2 . ASP A 1 116 ? 5.957   1.752   12.379  1.000 15.675 ? 293 ASP A OD2 1 
ATOM   985  N  N   . ASP A 1 117 ? 2.742   -1.462  10.498  1.000 11.581 ? 294 ASP A N   1 
ATOM   986  C  CA  . ASP A 1 117 ? 2.261   -2.683  11.186  1.000 13.339 ? 294 ASP A CA  1 
ATOM   987  C  C   . ASP A 1 117 ? 3.178   -3.827  10.812  1.000 12.146 ? 294 ASP A C   1 
ATOM   988  O  O   . ASP A 1 117 ? 4.105   -3.676  9.993   1.000 11.204 ? 294 ASP A O   1 
ATOM   989  C  CB  . ASP A 1 117 ? 0.764   -2.948  10.844  1.000 13.537 ? 294 ASP A CB  1 
ATOM   990  C  CG  . ASP A 1 117 ? -0.055  -3.627  11.958  1.000 16.831 ? 294 ASP A CG  1 
ATOM   991  O  OD1 . ASP A 1 117 ? 0.529   -4.455  12.690  1.000 17.226 ? 294 ASP A OD1 1 
ATOM   992  O  OD2 . ASP A 1 117 ? -1.270  -3.277  12.149  1.000 20.083 ? 294 ASP A OD2 1 
ATOM   993  N  N   . VAL A 1 118 ? 2.880   -4.957  11.405  1.000 13.058 ? 295 VAL A N   1 
ATOM   994  C  CA  . VAL A 1 118 ? 3.637   -6.202  11.206  1.000 13.037 ? 295 VAL A CA  1 
ATOM   995  C  C   . VAL A 1 118 ? 3.342   -6.716  9.802   1.000 13.352 ? 295 VAL A C   1 
ATOM   996  O  O   . VAL A 1 118 ? 2.179   -6.983  9.458   1.000 13.296 ? 295 VAL A O   1 
ATOM   997  C  CB  . VAL A 1 118 ? 3.259   -7.209  12.302  1.000 13.637 ? 295 VAL A CB  1 
ATOM   998  C  CG1 . VAL A 1 118 ? 3.842   -8.570  11.987  1.000 14.491 ? 295 VAL A CG1 1 
ATOM   999  C  CG2 . VAL A 1 118 ? 3.686   -6.691  13.681  1.000 16.352 ? 295 VAL A CG2 1 
ATOM   1000 N  N   . CYS A 1 119 ? 4.391   -6.941  9.038   1.000 14.608 ? 296 CYS A N   1 
ATOM   1001 C  CA  . CYS A 1 119 ? 4.303   -7.258  7.593   1.000 15.385 ? 296 CYS A CA  1 
ATOM   1002 C  C   . CYS A 1 119 ? 3.531   -8.553  7.335   1.000 14.917 ? 296 CYS A C   1 
ATOM   1003 O  O   . CYS A 1 119 ? 2.879   -8.660  6.297   1.000 15.447 ? 296 CYS A O   1 
ATOM   1004 C  CB  A CYS A 1 119 ? 5.709   -7.291  7.005   0.500 14.244 ? 296 CYS A CB  1 
ATOM   1005 C  CB  B CYS A 1 119 ? 5.660   -7.300  6.907   0.500 19.564 ? 296 CYS A CB  1 
ATOM   1006 S  SG  A CYS A 1 119 ? 6.455   -5.630  6.977   0.500 12.936 ? 296 CYS A SG  1 
ATOM   1007 S  SG  B CYS A 1 119 ? 6.712   -8.670  7.408   0.500 30.763 ? 296 CYS A SG  1 
ATOM   1008 N  N   A GLN A 1 120 ? 3.583   -9.492  8.270   0.500 13.219 ? 297 GLN A N   1 
ATOM   1009 N  N   B GLN A 1 120 ? 3.583   -9.504  8.274   0.500 14.777 ? 297 GLN A N   1 
ATOM   1010 C  CA  A GLN A 1 120 ? 2.973   -10.829 8.078   0.500 13.332 ? 297 GLN A CA  1 
ATOM   1011 C  CA  B GLN A 1 120 ? 2.971   -10.859 8.138   0.500 15.897 ? 297 GLN A CA  1 
ATOM   1012 C  C   A GLN A 1 120 ? 1.441   -10.759 8.156   0.500 12.357 ? 297 GLN A C   1 
ATOM   1013 C  C   B GLN A 1 120 ? 1.441   -10.819 8.316   0.500 13.906 ? 297 GLN A C   1 
ATOM   1014 O  O   A GLN A 1 120 ? 0.832   -11.682 7.613   0.500 11.423 ? 297 GLN A O   1 
ATOM   1015 O  O   B GLN A 1 120 ? 0.809   -11.850 8.103   0.500 13.374 ? 297 GLN A O   1 
ATOM   1016 C  CB  A GLN A 1 120 ? 3.595   -11.810 9.065   0.500 13.106 ? 297 GLN A CB  1 
ATOM   1017 C  CB  B GLN A 1 120 ? 3.600   -11.835 9.141   0.500 17.648 ? 297 GLN A CB  1 
ATOM   1018 C  CG  A GLN A 1 120 ? 4.996   -12.225 8.653   0.500 14.619 ? 297 GLN A CG  1 
ATOM   1019 C  CG  B GLN A 1 120 ? 5.123   -11.808 9.162   0.500 21.658 ? 297 GLN A CG  1 
ATOM   1020 C  CD  A GLN A 1 120 ? 6.042   -11.161 8.916   0.500 15.763 ? 297 GLN A CD  1 
ATOM   1021 C  CD  B GLN A 1 120 ? 5.763   -12.932 9.950   0.500 26.472 ? 297 GLN A CD  1 
ATOM   1022 O  OE1 A GLN A 1 120 ? 6.897   -10.856 8.067   0.500 20.282 ? 297 GLN A OE1 1 
ATOM   1023 O  OE1 B GLN A 1 120 ? 5.139   -13.597 10.766  0.500 27.360 ? 297 GLN A OE1 1 
ATOM   1024 N  NE2 A GLN A 1 120 ? 5.985   -10.581 10.097  0.500 15.393 ? 297 GLN A NE2 1 
ATOM   1025 N  NE2 B GLN A 1 120 ? 7.046   -13.167 9.709   0.500 31.528 ? 297 GLN A NE2 1 
ATOM   1026 N  N   . ARG A 1 121 ? 0.844   -9.703  8.733   1.000 12.432 ? 298 ARG A N   1 
ATOM   1027 C  CA  . ARG A 1 121 ? -0.619  -9.643  8.902   1.000 12.484 ? 298 ARG A CA  1 
ATOM   1028 C  C   . ARG A 1 121 ? -1.327  -9.799  7.549   1.000 11.994 ? 298 ARG A C   1 
ATOM   1029 O  O   . ARG A 1 121 ? -0.929  -9.202  6.557   1.000 11.666 ? 298 ARG A O   1 
ATOM   1030 C  CB  . ARG A 1 121 ? -1.063  -8.381  9.622   1.000 12.942 ? 298 ARG A CB  1 
ATOM   1031 C  CG  . ARG A 1 121 ? -0.553  -8.283  11.059  1.000 13.105 ? 298 ARG A CG  1 
ATOM   1032 C  CD  . ARG A 1 121 ? -1.366  -7.310  11.857  1.000 14.416 ? 298 ARG A CD  1 
ATOM   1033 N  NE  . ARG A 1 121 ? -0.730  -6.980  13.114  1.000 13.573 ? 298 ARG A NE  1 
ATOM   1034 C  CZ  . ARG A 1 121 ? -0.766  -7.707  14.202  1.000 13.756 ? 298 ARG A CZ  1 
ATOM   1035 N  NH1 . ARG A 1 121 ? -1.393  -8.875  14.213  1.000 14.045 ? 298 ARG A NH1 1 
ATOM   1036 N  NH2 . ARG A 1 121 ? -0.112  -7.264  15.271  1.000 14.933 ? 298 ARG A NH2 1 
ATOM   1037 N  N   . PRO A 1 122 ? -2.386  -10.619 7.464   1.000 11.897 ? 299 PRO A N   1 
ATOM   1038 C  CA  . PRO A 1 122 ? -3.194  -10.681 6.243   1.000 12.141 ? 299 PRO A CA  1 
ATOM   1039 C  C   . PRO A 1 122 ? -4.138  -9.485  6.134   1.000 13.295 ? 299 PRO A C   1 
ATOM   1040 O  O   . PRO A 1 122 ? -5.166  -9.454  6.791   1.000 15.176 ? 299 PRO A O   1 
ATOM   1041 C  CB  . PRO A 1 122 ? -3.892  -12.033 6.398   1.000 12.864 ? 299 PRO A CB  1 
ATOM   1042 C  CG  . PRO A 1 122 ? -4.085  -12.161 7.854   1.000 12.257 ? 299 PRO A CG  1 
ATOM   1043 C  CD  . PRO A 1 122 ? -2.827  -11.582 8.498   1.000 11.994 ? 299 PRO A CD  1 
ATOM   1044 N  N   . TYR A 1 123 ? -3.725  -8.478  5.372   1.000 12.241 ? 300 TYR A N   1 
ATOM   1045 C  CA  . TYR A 1 123 ? -4.542  -7.295  5.090   1.000 12.763 ? 300 TYR A CA  1 
ATOM   1046 C  C   . TYR A 1 123 ? -4.896  -7.290  3.594   1.000 11.154 ? 300 TYR A C   1 
ATOM   1047 O  O   . TYR A 1 123 ? -4.293  -8.016  2.744   1.000 11.312 ? 300 TYR A O   1 
ATOM   1048 C  CB  . TYR A 1 123 ? -3.761  -6.036  5.470   1.000 12.498 ? 300 TYR A CB  1 
ATOM   1049 C  CG  . TYR A 1 123 ? -3.629  -5.730  6.940   1.000 12.442 ? 300 TYR A CG  1 
ATOM   1050 C  CD1 . TYR A 1 123 ? -4.401  -6.354  7.911   1.000 12.921 ? 300 TYR A CD1 1 
ATOM   1051 C  CD2 . TYR A 1 123 ? -2.706  -4.771  7.346   1.000 11.619 ? 300 TYR A CD2 1 
ATOM   1052 C  CE1 . TYR A 1 123 ? -4.310  -5.992  9.253   1.000 12.870 ? 300 TYR A CE1 1 
ATOM   1053 C  CE2 . TYR A 1 123 ? -2.606  -4.414  8.674   1.000 12.844 ? 300 TYR A CE2 1 
ATOM   1054 C  CZ  . TYR A 1 123 ? -3.410  -5.018  9.630   1.000 13.407 ? 300 TYR A CZ  1 
ATOM   1055 O  OH  . TYR A 1 123 ? -3.271  -4.695  10.955  1.000 13.795 ? 300 TYR A OH  1 
ATOM   1056 N  N   . HIS A 1 124 ? -5.903  -6.491  3.284   1.000 10.665 ? 301 HIS A N   1 
ATOM   1057 C  CA  . HIS A 1 124 ? -6.311  -6.188  1.907   1.000 10.706 ? 301 HIS A CA  1 
ATOM   1058 C  C   . HIS A 1 124 ? -5.137  -5.477  1.242   1.000 10.744 ? 301 HIS A C   1 
ATOM   1059 O  O   . HIS A 1 124 ? -4.174  -5.080  1.956   1.000 10.091 ? 301 HIS A O   1 
ATOM   1060 C  CB  . HIS A 1 124 ? -7.595  -5.367  1.890   1.000 11.227 ? 301 HIS A CB  1 
ATOM   1061 C  CG  . HIS A 1 124 ? -8.796  -6.213  2.147   1.000 12.207 ? 301 HIS A CG  1 
ATOM   1062 N  ND1 . HIS A 1 124 ? -9.015  -6.770  3.373   1.000 13.904 ? 301 HIS A ND1 1 
ATOM   1063 C  CD2 . HIS A 1 124 ? -9.834  -6.576  1.365   1.000 13.637 ? 301 HIS A CD2 1 
ATOM   1064 C  CE1 . HIS A 1 124 ? -10.161 -7.454  3.345   1.000 14.370 ? 301 HIS A CE1 1 
ATOM   1065 N  NE2 . HIS A 1 124 ? -10.677 -7.350  2.119   1.000 14.128 ? 301 HIS A NE2 1 
ATOM   1066 N  N   . TRP A 1 125 ? -5.153  -5.349  -0.068  1.000 10.620 ? 302 TRP A N   1 
ATOM   1067 C  CA  . TRP A 1 125 ? -4.119  -4.569  -0.770  1.000 12.001 ? 302 TRP A CA  1 
ATOM   1068 C  C   . TRP A 1 125 ? -4.663  -3.927  -2.031  1.000 11.345 ? 302 TRP A C   1 
ATOM   1069 O  O   . TRP A 1 125 ? -5.761  -4.291  -2.463  1.000 10.971 ? 302 TRP A O   1 
ATOM   1070 C  CB  . TRP A 1 125 ? -2.887  -5.433  -1.047  1.000 12.264 ? 302 TRP A CB  1 
ATOM   1071 C  CG  . TRP A 1 125 ? -3.090  -6.458  -2.111  1.000 11.912 ? 302 TRP A CG  1 
ATOM   1072 C  CD1 . TRP A 1 125 ? -2.678  -6.329  -3.396  1.000 14.309 ? 302 TRP A CD1 1 
ATOM   1073 C  CD2 . TRP A 1 125 ? -3.672  -7.765  -1.995  1.000 12.273 ? 302 TRP A CD2 1 
ATOM   1074 N  NE1 . TRP A 1 125 ? -2.978  -7.467  -4.099  1.000 13.545 ? 302 TRP A NE1 1 
ATOM   1075 C  CE2 . TRP A 1 125 ? -3.603  -8.345  -3.279  1.000 14.096 ? 302 TRP A CE2 1 
ATOM   1076 C  CE3 . TRP A 1 125 ? -4.275  -8.501  -0.968  1.000 12.465 ? 302 TRP A CE3 1 
ATOM   1077 C  CZ2 . TRP A 1 125 ? -4.125  -9.598  -3.564  1.000 13.794 ? 302 TRP A CZ2 1 
ATOM   1078 C  CZ3 . TRP A 1 125 ? -4.812  -9.730  -1.241  1.000 13.252 ? 302 TRP A CZ3 1 
ATOM   1079 C  CH2 . TRP A 1 125 ? -4.717  -10.279 -2.525  1.000 14.147 ? 302 TRP A CH2 1 
ATOM   1080 N  N   . VAL A 1 126 ? -3.909  -2.959  -2.553  1.000 12.030 ? 303 VAL A N   1 
ATOM   1081 C  CA  . VAL A 1 126 ? -4.212  -2.307  -3.851  1.000 12.331 ? 303 VAL A CA  1 
ATOM   1082 C  C   . VAL A 1 126 ? -2.984  -2.425  -4.741  1.000 12.906 ? 303 VAL A C   1 
ATOM   1083 O  O   . VAL A 1 126 ? -1.859  -2.114  -4.296  1.000 12.531 ? 303 VAL A O   1 
ATOM   1084 C  CB  . VAL A 1 126 ? -4.601  -0.833  -3.646  1.000 11.609 ? 303 VAL A CB  1 
ATOM   1085 C  CG1 . VAL A 1 126 ? -4.964  -0.162  -4.964  1.000 12.413 ? 303 VAL A CG1 1 
ATOM   1086 C  CG2 . VAL A 1 126 ? -5.698  -0.651  -2.629  1.000 13.771 ? 303 VAL A CG2 1 
ATOM   1087 N  N   . CYS A 1 127 ? -3.178  -2.906  -5.955  1.000 13.396 ? 304 CYS A N   1 
ATOM   1088 C  CA  . CYS A 1 127 ? -2.144  -2.908  -7.031  1.000 14.614 ? 304 CYS A CA  1 
ATOM   1089 C  C   . CYS A 1 127 ? -2.311  -1.648  -7.883  1.000 14.525 ? 304 CYS A C   1 
ATOM   1090 O  O   . CYS A 1 127 ? -3.446  -1.180  -8.122  1.000 13.578 ? 304 CYS A O   1 
ATOM   1091 C  CB  . CYS A 1 127 ? -2.224  -4.114  -7.955  1.000 18.104 ? 304 CYS A CB  1 
ATOM   1092 S  SG  . CYS A 1 127 ? -1.959  -5.693  -7.122  1.000 23.710 ? 304 CYS A SG  1 
ATOM   1093 N  N   . GLU A 1 128 ? -1.213  -1.183  -8.455  1.000 13.078 ? 305 GLU A N   1 
ATOM   1094 C  CA  . GLU A 1 128 ? -1.190  -0.011  -9.346  1.000 13.781 ? 305 GLU A CA  1 
ATOM   1095 C  C   . GLU A 1 128 ? -0.264  -0.331  -10.521 1.000 14.856 ? 305 GLU A C   1 
ATOM   1096 O  O   . GLU A 1 128 ? 0.789   -0.877  -10.303 1.000 15.091 ? 305 GLU A O   1 
ATOM   1097 C  CB  . GLU A 1 128 ? -0.662  1.219   -8.633  1.000 15.830 ? 305 GLU A CB  1 
ATOM   1098 C  CG  . GLU A 1 128 ? -0.764  2.495   -9.449  1.000 15.994 ? 305 GLU A CG  1 
ATOM   1099 C  CD  . GLU A 1 128 ? -0.193  3.750   -8.802  1.000 15.461 ? 305 GLU A CD  1 
ATOM   1100 O  OE1 . GLU A 1 128 ? 0.432   3.651   -7.688  1.000 15.117 ? 305 GLU A OE1 1 
ATOM   1101 O  OE2 . GLU A 1 128 ? -0.266  4.837   -9.443  1.000 16.666 ? 305 GLU A OE2 1 
ATOM   1102 N  N   . ALA A 1 129 ? -0.740  -0.063  -11.732 1.000 15.538 ? 306 ALA A N   1 
ATOM   1103 C  CA  . ALA A 1 129 ? 0.056   -0.174  -12.979 1.000 18.152 ? 306 ALA A CA  1 
ATOM   1104 C  C   . ALA A 1 129 ? -0.111  1.081   -13.848 1.000 20.335 ? 306 ALA A C   1 
ATOM   1105 O  O   . ALA A 1 129 ? -1.062  1.828   -13.677 1.000 17.773 ? 306 ALA A O   1 
ATOM   1106 C  CB  . ALA A 1 129 ? -0.338  -1.425  -13.711 1.000 18.634 ? 306 ALA A CB  1 
ATOM   1107 N  N   . GLY A 1 130 ? 0.804   1.294   -14.797 1.000 24.325 ? 307 GLY A N   1 
ATOM   1108 C  CA  . GLY A 1 130 ? 0.613   2.284   -15.887 1.000 27.148 ? 307 GLY A CA  1 
ATOM   1109 C  C   . GLY A 1 130 ? -0.523  1.908   -16.826 1.000 29.175 ? 307 GLY A C   1 
ATOM   1110 O  O   . GLY A 1 130 ? -0.941  0.717   -16.862 1.000 31.256 ? 307 GLY A O   1 
ATOM   1111 N  N   . LEU A 1 131 ? -1.067  2.870   -17.580 1.000 35.228 ? 308 LEU A N   1 
ATOM   1112 C  CA  . LEU A 1 131 ? -2.075  2.516   -18.623 1.000 40.010 ? 308 LEU A CA  1 
ATOM   1113 C  C   . LEU A 1 131 ? -1.351  1.759   -19.746 1.000 41.682 ? 308 LEU A C   1 
ATOM   1114 O  O   . LEU A 1 131 ? -2.057  1.058   -20.458 1.000 48.056 ? 308 LEU A O   1 
ATOM   1115 C  CB  . LEU A 1 131 ? -2.785  3.746   -19.192 1.000 43.483 ? 308 LEU A CB  1 
ATOM   1116 C  CG  . LEU A 1 131 ? -3.520  4.661   -18.220 1.000 45.568 ? 308 LEU A CG  1 
ATOM   1117 C  CD1 . LEU A 1 131 ? -4.336  5.697   -18.990 1.000 48.310 ? 308 LEU A CD1 1 
ATOM   1118 C  CD2 . LEU A 1 131 ? -4.416  3.880   -17.275 1.000 47.815 ? 308 LEU A CD2 1 
HETATM 1119 O  O5  . A2G B 2 .   ? -1.219  1.303   18.087  1.000 19.966 ? 401 A2G A O5  1 
HETATM 1120 C  C1  . A2G B 2 .   ? -2.068  0.587   17.163  1.000 23.987 ? 401 A2G A C1  1 
HETATM 1121 O  O1  . A2G B 2 .   ? -2.511  -0.698  17.677  1.000 29.366 ? 401 A2G A O1  1 
HETATM 1122 C  C2  . A2G B 2 .   ? -1.370  0.343   15.801  1.000 20.596 ? 401 A2G A C2  1 
HETATM 1123 N  N2  . A2G B 2 .   ? -2.281  -0.483  14.998  1.000 21.245 ? 401 A2G A N2  1 
HETATM 1124 C  C3  . A2G B 2 .   ? -0.036  -0.358  15.953  1.000 17.890 ? 401 A2G A C3  1 
HETATM 1125 O  O3  . A2G B 2 .   ? 0.727   -0.364  14.753  1.000 16.251 ? 401 A2G A O3  1 
HETATM 1126 C  C4  . A2G B 2 .   ? 0.784   0.336   17.006  1.000 18.172 ? 401 A2G A C4  1 
HETATM 1127 O  O4  . A2G B 2 .   ? 1.232   1.525   16.370  1.000 18.122 ? 401 A2G A O4  1 
HETATM 1128 C  C5  . A2G B 2 .   ? -0.021  0.518   18.324  1.000 19.405 ? 401 A2G A C5  1 
HETATM 1129 C  C6  . A2G B 2 .   ? 0.802   1.221   19.397  1.000 21.454 ? 401 A2G A C6  1 
HETATM 1130 O  O6  . A2G B 2 .   ? 0.016   1.342   20.609  1.000 22.037 ? 401 A2G A O6  1 
HETATM 1131 C  C7  . A2G B 2 .   ? -3.087  0.092   14.059  1.000 22.754 ? 401 A2G A C7  1 
HETATM 1132 O  O7  . A2G B 2 .   ? -3.113  1.326   13.854  1.000 21.040 ? 401 A2G A O7  1 
HETATM 1133 C  C8  . A2G B 2 .   ? -3.881  -0.867  13.194  1.000 21.654 ? 401 A2G A C8  1 
HETATM 1134 C  C   . ACT C 3 .   ? 12.877  7.304   6.774   1.000 24.129 ? 402 ACT A C   1 
HETATM 1135 O  O   . ACT C 3 .   ? 13.069  6.336   7.510   1.000 38.151 ? 402 ACT A O   1 
HETATM 1136 O  OXT . ACT C 3 .   ? 12.041  8.173   7.029   1.000 42.306 ? 402 ACT A OXT 1 
HETATM 1137 C  CH3 . ACT C 3 .   ? 13.753  7.490   5.557   1.000 37.502 ? 402 ACT A CH3 1 
HETATM 1138 CA CA  . CA  D 4 .   ? 0.740   6.314   -7.694  1.000 15.075 ? 403 CA  A CA  1 
HETATM 1139 CA CA  . CA  E 4 .   ? 9.945   -0.165  11.143  1.000 20.463 ? 404 CA  A CA  1 
HETATM 1140 CA CA  . CA  F 4 .   ? 2.288   1.402   14.205  1.000 14.180 ? 405 CA  A CA  1 
HETATM 1141 CA CA  . CA  G 4 .   ? 5.015   -4.544  -5.323  1.000 39.449 ? 406 CA  A CA  1 
HETATM 1142 CL CL  . CL  H 5 .   ? -3.501  -10.537 12.105  0.500 16.900 ? 407 CL  A CL  1 
HETATM 1143 CL CL  . CL  I 5 .   ? -9.279  -10.968 -4.022  1.000 16.962 ? 408 CL  A CL  1 
HETATM 1144 CL CL  . CL  J 5 .   ? 1.805   12.821  7.892   1.000 22.428 ? 409 CL  A CL  1 
HETATM 1145 CL CL  . CL  K 5 .   ? 7.251   -6.083  10.217  1.000 23.538 ? 410 CL  A CL  1 
HETATM 1146 CL CL  . CL  L 5 .   ? 7.903   -0.284  21.246  1.000 31.374 ? 411 CL  A CL  1 
HETATM 1147 O  O   . HOH M 6 .   ? 7.251   -3.850  -6.901  0.500 17.397 ? 501 HOH A O   1 
HETATM 1148 O  O   . HOH M 6 .   ? 12.118  -5.070  11.348  1.000 21.943 ? 502 HOH A O   1 
HETATM 1149 O  O   . HOH M 6 .   ? 8.451   -9.202  13.264  1.000 25.587 ? 503 HOH A O   1 
HETATM 1150 O  O   . HOH M 6 .   ? 8.792   3.220   18.733  1.000 27.597 ? 504 HOH A O   1 
HETATM 1151 O  O   . HOH M 6 .   ? -11.927 10.073  -7.332  1.000 39.397 ? 505 HOH A O   1 
HETATM 1152 O  O   . HOH M 6 .   ? 7.285   -10.296 -2.179  1.000 20.945 ? 506 HOH A O   1 
HETATM 1153 O  O   . HOH M 6 .   ? -7.172  -12.006 -8.412  1.000 37.338 ? 507 HOH A O   1 
HETATM 1154 O  O   . HOH M 6 .   ? 4.905   13.360  7.679   1.000 28.047 ? 508 HOH A O   1 
HETATM 1155 O  O   . HOH M 6 .   ? -5.703  -14.711 0.906   1.000 32.027 ? 509 HOH A O   1 
HETATM 1156 O  O   . HOH M 6 .   ? 7.202   -10.878 13.757  1.000 30.494 ? 510 HOH A O   1 
HETATM 1157 O  O   . HOH M 6 .   ? 8.348   -4.739  -5.000  1.000 38.304 ? 511 HOH A O   1 
HETATM 1158 O  O   . HOH M 6 .   ? 14.042  -0.263  4.133   1.000 34.305 ? 512 HOH A O   1 
HETATM 1159 O  O   . HOH M 6 .   ? 5.216   6.492   -8.740  1.000 20.711 ? 513 HOH A O   1 
HETATM 1160 O  O   . HOH M 6 .   ? 5.309   -11.766 12.585  1.000 31.786 ? 514 HOH A O   1 
HETATM 1161 O  O   . HOH M 6 .   ? -8.807  12.605  -6.331  1.000 26.237 ? 515 HOH A O   1 
HETATM 1162 O  O   . HOH M 6 .   ? 13.537  7.220   3.028   1.000 27.354 ? 516 HOH A O   1 
HETATM 1163 O  O   . HOH M 6 .   ? 5.866   3.287   -10.727 1.000 29.301 ? 517 HOH A O   1 
HETATM 1164 O  O   . HOH M 6 .   ? 11.523  5.172   -1.804  1.000 19.687 ? 518 HOH A O   1 
HETATM 1165 O  O   . HOH M 6 .   ? -8.949  10.936  9.796   1.000 38.642 ? 519 HOH A O   1 
HETATM 1166 O  O   . HOH M 6 .   ? 3.202   14.334  -6.699  1.000 40.681 ? 520 HOH A O   1 
HETATM 1167 O  O   . HOH M 6 .   ? 0.454   4.987   -17.511 1.000 37.443 ? 521 HOH A O   1 
HETATM 1168 O  O   . HOH M 6 .   ? 7.686   9.081   -8.254  1.000 22.525 ? 522 HOH A O   1 
HETATM 1169 O  O   . HOH M 6 .   ? -0.126  7.468   -12.704 1.000 40.480 ? 523 HOH A O   1 
HETATM 1170 O  O   . HOH M 6 .   ? -2.970  3.908   14.256  1.000 37.024 ? 524 HOH A O   1 
HETATM 1171 O  O   . HOH M 6 .   ? -7.940  -8.389  -16.106 1.000 25.267 ? 525 HOH A O   1 
HETATM 1172 O  O   . HOH M 6 .   ? 6.408   8.955   14.333  1.000 33.651 ? 526 HOH A O   1 
HETATM 1173 O  O   . HOH M 6 .   ? -11.603 10.615  -0.597  1.000 31.443 ? 527 HOH A O   1 
HETATM 1174 O  O   . HOH M 6 .   ? -11.886 6.505   3.383   1.000 41.499 ? 528 HOH A O   1 
HETATM 1175 O  O   . HOH M 6 .   ? 5.658   -12.173 -8.346  1.000 34.635 ? 529 HOH A O   1 
HETATM 1176 O  O   . HOH M 6 .   ? 7.348   15.080  2.521   1.000 35.778 ? 530 HOH A O   1 
HETATM 1177 O  O   . HOH M 6 .   ? 6.278   9.891   0.368   1.000 19.512 ? 531 HOH A O   1 
HETATM 1178 O  O   . HOH M 6 .   ? -1.941  -3.408  14.711  1.000 22.354 ? 532 HOH A O   1 
HETATM 1179 O  O   . HOH M 6 .   ? 9.903   0.651   18.798  1.000 34.734 ? 533 HOH A O   1 
HETATM 1180 O  O   . HOH M 6 .   ? -13.710 3.505   1.372   1.000 38.595 ? 534 HOH A O   1 
HETATM 1181 O  O   . HOH M 6 .   ? 12.391  3.816   9.421   1.000 32.095 ? 535 HOH A O   1 
HETATM 1182 O  O   . HOH M 6 .   ? 0.305   -6.374  23.111  1.000 27.467 ? 536 HOH A O   1 
HETATM 1183 O  O   . HOH M 6 .   ? -0.101  -9.495  19.920  1.000 17.639 ? 537 HOH A O   1 
HETATM 1184 O  O   . HOH M 6 .   ? -1.621  14.311  4.999   1.000 21.499 ? 538 HOH A O   1 
HETATM 1185 O  O   . HOH M 6 .   ? 4.770   10.100  -2.292  1.000 19.271 ? 539 HOH A O   1 
HETATM 1186 O  O   . HOH M 6 .   ? -11.138 -3.365  -19.896 1.000 32.288 ? 540 HOH A O   1 
HETATM 1187 O  O   . HOH M 6 .   ? 10.330  -4.279  1.687   1.000 31.966 ? 541 HOH A O   1 
HETATM 1188 O  O   . HOH M 6 .   ? 14.928  7.980   -2.582  1.000 34.410 ? 542 HOH A O   1 
HETATM 1189 O  O   . HOH M 6 .   ? 1.216   -14.313 7.049   0.500 17.132 ? 543 HOH A O   1 
HETATM 1190 O  O   . HOH M 6 .   ? -5.394  -8.396  -10.339 1.000 23.265 ? 544 HOH A O   1 
HETATM 1191 O  O   . HOH M 6 .   ? 11.264  -3.724  12.796  1.000 20.697 ? 545 HOH A O   1 
HETATM 1192 O  O   . HOH M 6 .   ? 8.133   -7.660  19.038  1.000 17.189 ? 546 HOH A O   1 
HETATM 1193 O  O   . HOH M 6 .   ? 8.612   -0.765  0.005   1.000 17.690 ? 547 HOH A O   1 
HETATM 1194 O  O   . HOH M 6 .   ? -14.261 -2.432  -9.433  1.000 41.685 ? 548 HOH A O   1 
HETATM 1195 O  O   . HOH M 6 .   ? 7.911   -7.114  12.884  1.000 24.109 ? 549 HOH A O   1 
HETATM 1196 O  O   . HOH M 6 .   ? -13.571 -12.175 0.882   1.000 34.362 ? 550 HOH A O   1 
HETATM 1197 O  O   . HOH M 6 .   ? -0.468  12.511  11.884  1.000 19.101 ? 551 HOH A O   1 
HETATM 1198 O  O   . HOH M 6 .   ? 8.603   11.913  -3.970  1.000 22.546 ? 552 HOH A O   1 
HETATM 1199 O  O   . HOH M 6 .   ? 4.843   10.838  11.162  1.000 25.441 ? 553 HOH A O   1 
HETATM 1200 O  O   . HOH M 6 .   ? -6.845  10.781  4.693   1.000 27.025 ? 554 HOH A O   1 
HETATM 1201 O  O   . HOH M 6 .   ? 8.593   1.705   11.626  1.000 17.355 ? 555 HOH A O   1 
HETATM 1202 O  O   . HOH M 6 .   ? 5.902   -5.103  -11.930 1.000 40.186 ? 556 HOH A O   1 
HETATM 1203 O  O   . HOH M 6 .   ? 1.271   -13.935 -3.714  1.000 24.808 ? 557 HOH A O   1 
HETATM 1204 O  O   . HOH M 6 .   ? 4.174   3.090   20.137  1.000 30.725 ? 558 HOH A O   1 
HETATM 1205 O  O   . HOH M 6 .   ? 0.752   -4.408  15.606  1.000 16.231 ? 559 HOH A O   1 
HETATM 1206 O  O   . HOH M 6 .   ? -4.979  -5.799  12.835  1.000 18.802 ? 560 HOH A O   1 
HETATM 1207 O  O   . HOH M 6 .   ? 2.080   5.353   18.479  1.000 31.820 ? 561 HOH A O   1 
HETATM 1208 O  O   . HOH M 6 .   ? -2.473  8.014   -10.738 1.000 33.144 ? 562 HOH A O   1 
HETATM 1209 O  O   . HOH M 6 .   ? 2.084   11.108  12.992  1.000 25.554 ? 563 HOH A O   1 
HETATM 1210 O  O   . HOH M 6 .   ? 8.784   8.909   9.010   1.000 30.704 ? 564 HOH A O   1 
HETATM 1211 O  O   . HOH M 6 .   ? -7.796  -6.374  5.866   1.000 13.489 ? 565 HOH A O   1 
HETATM 1212 O  O   . HOH M 6 .   ? -9.492  -2.029  0.604   1.000 19.097 ? 566 HOH A O   1 
HETATM 1213 O  O   . HOH M 6 .   ? -6.032  -14.042 -1.597  1.000 32.138 ? 567 HOH A O   1 
HETATM 1214 O  O   . HOH M 6 .   ? -6.410  -9.043  9.297   1.000 17.148 ? 568 HOH A O   1 
HETATM 1215 O  O   . HOH M 6 .   ? 2.615   5.538   -8.780  1.000 18.004 ? 569 HOH A O   1 
HETATM 1216 O  O   . HOH M 6 .   ? 13.382  -3.577  10.732  1.000 27.172 ? 570 HOH A O   1 
HETATM 1217 O  O   . HOH M 6 .   ? -10.483 -3.600  -8.497  1.000 19.919 ? 571 HOH A O   1 
HETATM 1218 O  O   . HOH M 6 .   ? -12.245 -4.187  -1.319  1.000 38.036 ? 572 HOH A O   1 
HETATM 1219 O  O   . HOH M 6 .   ? -1.129  -8.154  17.799  1.000 17.745 ? 573 HOH A O   1 
HETATM 1220 O  O   . HOH M 6 .   ? -0.492  15.059  8.687   1.000 24.918 ? 574 HOH A O   1 
HETATM 1221 O  O   . HOH M 6 .   ? 5.139   -15.927 9.064   1.000 15.393 ? 575 HOH A O   1 
HETATM 1222 O  O   . HOH M 6 .   ? 12.843  -2.640  14.467  1.000 33.694 ? 576 HOH A O   1 
HETATM 1223 O  O   . HOH M 6 .   ? 12.447  -0.762  10.732  1.000 26.039 ? 577 HOH A O   1 
HETATM 1224 O  O   . HOH M 6 .   ? 10.856  -6.537  11.906  1.000 29.388 ? 578 HOH A O   1 
HETATM 1225 O  O   . HOH M 6 .   ? 10.412  -4.848  -0.807  1.000 29.929 ? 579 HOH A O   1 
HETATM 1226 O  O   . HOH M 6 .   ? 2.767   3.640   -11.141 1.000 27.210 ? 580 HOH A O   1 
HETATM 1227 O  O   . HOH M 6 .   ? -7.200  12.468  7.333   1.000 31.167 ? 581 HOH A O   1 
HETATM 1228 O  O   . HOH M 6 .   ? 13.393  9.369   1.608   1.000 27.195 ? 582 HOH A O   1 
HETATM 1229 O  O   . HOH M 6 .   ? -10.154 1.380   -18.518 1.000 39.718 ? 583 HOH A O   1 
HETATM 1230 O  O   . HOH M 6 .   ? -2.211  5.722   16.228  1.000 37.383 ? 584 HOH A O   1 
HETATM 1231 O  O   . HOH M 6 .   ? -8.413  -3.761  -1.235  1.000 18.415 ? 585 HOH A O   1 
HETATM 1232 O  O   . HOH M 6 .   ? -0.616  11.255  -8.381  1.000 33.331 ? 586 HOH A O   1 
HETATM 1233 O  O   . HOH M 6 .   ? 7.800   -7.527  22.536  1.000 37.461 ? 587 HOH A O   1 
HETATM 1234 O  O   . HOH M 6 .   ? 12.633  6.858   -0.152  1.000 32.425 ? 588 HOH A O   1 
HETATM 1235 O  O   . HOH M 6 .   ? -13.377 -4.084  -6.001  0.500 45.586 ? 589 HOH A O   1 
HETATM 1236 O  O   . HOH M 6 .   ? 11.568  1.400   12.286  1.000 24.602 ? 590 HOH A O   1 
HETATM 1237 O  O   . HOH M 6 .   ? 1.847   15.246  5.914   1.000 24.697 ? 591 HOH A O   1 
HETATM 1238 O  O   . HOH M 6 .   ? 5.732   11.537  -6.981  1.000 24.158 ? 592 HOH A O   1 
HETATM 1239 O  O   . HOH M 6 .   ? 4.892   14.275  -4.145  1.000 41.210 ? 593 HOH A O   1 
HETATM 1240 O  O   . HOH M 6 .   ? 0.437   7.953   -9.486  1.000 17.299 ? 594 HOH A O   1 
HETATM 1241 O  O   . HOH M 6 .   ? 10.303  3.944   17.425  1.000 33.428 ? 595 HOH A O   1 
HETATM 1242 O  O   . HOH M 6 .   ? 11.960  -8.973  19.114  1.000 36.268 ? 596 HOH A O   1 
HETATM 1243 O  O   . HOH M 6 .   ? -10.402 4.854   10.210  1.000 21.461 ? 597 HOH A O   1 
HETATM 1244 O  O   . HOH M 6 .   ? -9.407  -4.396  9.074   1.000 23.014 ? 598 HOH A O   1 
HETATM 1245 O  O   . HOH M 6 .   ? 9.561   -6.921  8.518   1.000 32.863 ? 599 HOH A O   1 
HETATM 1246 O  O   . HOH M 6 .   ? 3.526   -1.381  24.451  1.000 38.171 ? 600 HOH A O   1 
HETATM 1247 O  O   . HOH M 6 .   ? 7.013   2.490   19.979  1.000 36.157 ? 601 HOH A O   1 
HETATM 1248 O  O   . HOH M 6 .   ? 13.528  -5.952  9.747   1.000 43.163 ? 602 HOH A O   1 
HETATM 1249 O  O   . HOH M 6 .   ? 10.306  10.841  -6.445  1.000 28.234 ? 603 HOH A O   1 
HETATM 1250 O  O   . HOH M 6 .   ? 0.063   16.456  -2.877  1.000 23.205 ? 604 HOH A O   1 
HETATM 1251 O  O   . HOH M 6 .   ? -9.089  10.255  -13.954 1.000 29.483 ? 605 HOH A O   1 
HETATM 1252 O  O   . HOH M 6 .   ? -9.931  -10.063 -10.279 1.000 16.112 ? 606 HOH A O   1 
HETATM 1253 O  O   . HOH M 6 .   ? -9.102  -6.595  -20.407 1.000 27.308 ? 607 HOH A O   1 
HETATM 1254 O  O   . HOH M 6 .   ? -9.068  15.153  -4.918  1.000 28.432 ? 608 HOH A O   1 
HETATM 1255 O  O   . HOH M 6 .   ? 10.214  12.141  6.220   1.000 25.867 ? 609 HOH A O   1 
HETATM 1256 O  O   . HOH M 6 .   ? -13.151 2.559   4.091   1.000 28.240 ? 610 HOH A O   1 
HETATM 1257 O  O   . HOH M 6 .   ? -5.847  -9.249  -13.104 1.000 22.965 ? 611 HOH A O   1 
HETATM 1258 O  O   . HOH M 6 .   ? 5.316   -10.141 4.795   1.000 14.644 ? 612 HOH A O   1 
HETATM 1259 O  O   . HOH M 6 .   ? 6.561   -2.029  23.334  1.000 38.835 ? 613 HOH A O   1 
HETATM 1260 O  O   . HOH M 6 .   ? 3.541   0.551   -13.247 1.000 39.271 ? 614 HOH A O   1 
HETATM 1261 O  O   . HOH M 6 .   ? 2.515   15.434  2.680   1.000 16.479 ? 615 HOH A O   1 
HETATM 1262 O  O   . HOH M 6 .   ? -3.509  -8.685  16.745  1.000 30.887 ? 616 HOH A O   1 
HETATM 1263 O  O   . HOH M 6 .   ? -4.007  -10.767 15.069  1.000 25.037 ? 617 HOH A O   1 
HETATM 1264 O  O   . HOH M 6 .   ? 9.439   5.462   14.964  1.000 32.541 ? 618 HOH A O   1 
HETATM 1265 O  O   . HOH M 6 .   ? -9.203  13.160  4.230   1.000 37.586 ? 619 HOH A O   1 
HETATM 1266 O  O   . HOH M 6 .   ? 7.947   -1.598  -8.693  1.000 22.258 ? 620 HOH A O   1 
HETATM 1267 O  O   . HOH M 6 .   ? 9.686   4.477   11.957  1.000 14.065 ? 621 HOH A O   1 
HETATM 1268 O  O   . HOH M 6 .   ? 5.857   -12.729 5.288   1.000 28.919 ? 622 HOH A O   1 
HETATM 1269 O  O   . HOH M 6 .   ? -13.004 9.646   1.447   1.000 32.557 ? 623 HOH A O   1 
HETATM 1270 O  O   . HOH M 6 .   ? 5.835   11.712  -4.261  1.000 26.769 ? 624 HOH A O   1 
HETATM 1271 O  O   . HOH M 6 .   ? 2.944   2.494   22.306  1.000 34.661 ? 625 HOH A O   1 
HETATM 1272 O  O   . HOH M 6 .   ? 11.018  -9.131  12.857  1.000 43.186 ? 626 HOH A O   1 
HETATM 1273 O  O   . HOH M 6 .   ? 6.600   -11.655 -11.212 1.000 36.605 ? 627 HOH A O   1 
HETATM 1274 O  O   . HOH M 6 .   ? -14.518 -10.959 -5.264  1.000 24.530 ? 628 HOH A O   1 
HETATM 1275 O  O   . HOH M 6 .   ? 7.908   -4.557  23.762  1.000 24.420 ? 629 HOH A O   1 
HETATM 1276 O  O   . HOH M 6 .   ? 2.958   15.688  -2.252  1.000 27.716 ? 630 HOH A O   1 
HETATM 1277 O  O   . HOH M 6 .   ? 1.347   -15.548 4.829   1.000 25.760 ? 631 HOH A O   1 
HETATM 1278 O  O   . HOH M 6 .   ? 5.836   8.707   -10.674 1.000 35.726 ? 632 HOH A O   1 
HETATM 1279 O  O   . HOH M 6 .   ? 12.167  -3.177  -7.458  1.000 25.735 ? 633 HOH A O   1 
HETATM 1280 O  O   . HOH M 6 .   ? -7.373  -12.665 -6.030  1.000 39.980 ? 634 HOH A O   1 
HETATM 1281 O  O   . HOH M 6 .   ? -0.888  11.976  18.960  1.000 38.835 ? 635 HOH A O   1 
HETATM 1282 O  O   . HOH M 6 .   ? 13.321  -5.884  12.870  1.000 35.328 ? 636 HOH A O   1 
HETATM 1283 O  O   . HOH M 6 .   ? 9.653   -8.568  20.863  1.000 20.324 ? 637 HOH A O   1 
HETATM 1284 O  O   . HOH M 6 .   ? -1.355  -8.774  21.942  1.000 34.954 ? 638 HOH A O   1 
HETATM 1285 O  O   . HOH M 6 .   ? 10.405  -2.085  -1.656  1.000 22.738 ? 639 HOH A O   1 
HETATM 1286 O  O   . HOH M 6 .   ? 3.573   -16.200 4.522   0.500 24.510 ? 640 HOH A O   1 
HETATM 1287 O  O   . HOH M 6 .   ? -8.539  -7.065  8.374   1.000 16.214 ? 641 HOH A O   1 
HETATM 1288 O  O   . HOH M 6 .   ? 3.024   12.908  10.799  1.000 29.967 ? 642 HOH A O   1 
HETATM 1289 O  O   . HOH M 6 .   ? 10.513  9.522   -9.113  1.000 32.568 ? 643 HOH A O   1 
HETATM 1290 O  O   . HOH M 6 .   ? -15.561 -12.169 -2.928  1.000 39.582 ? 644 HOH A O   1 
HETATM 1291 O  O   . HOH M 6 .   ? -2.061  -5.523  19.501  1.000 38.097 ? 645 HOH A O   1 
# 
